data_5VWQ
#
_entry.id   5VWQ
#
_cell.length_a   78.897
_cell.length_b   84.904
_cell.length_c   88.029
_cell.angle_alpha   118.830
_cell.angle_beta   90.100
_cell.angle_gamma   89.590
#
_symmetry.space_group_name_H-M   'P 1'
#
loop_
_entity.id
_entity.type
_entity.pdbx_description
1 polymer 'Aspartate aminotransferase'
2 non-polymer "4'-DEOXY-4'-AMINOPYRIDOXAL-5'-PHOSPHATE"
3 water water
#
_entity_poly.entity_id   1
_entity_poly.type   'polypeptide(L)'
_entity_poly.pdbx_seq_one_letter_code
;MFENITAAPADPILGLADLFRADERPGKINLGIGVYKDETGKTPVLTSVKKAEQYLLENETTKNYLGIDGIPEFGRCTQE
LLFGKGSALINDKRARTAQTPGGTGALRVAADFLAKNTSVKRVWVSNPSWPNHKSVFNSAGLEVREYAYYDAENHTLDFD
ALINSLNEAQAGDVVLFHGCCHNPTGIDPTLEQWQTLAQLSVEKGWLPLFDFAYQGFARGLEEDAEGLRAFAAMHKELIV
ASSYSKNFGLYNERVGACTLVAADSETVDRAFSQMKAAIRANYSNPPAHGASVVATILSNDALRAIWEQELTDMRQRIQR
MRQLFVNTLQEKGANRDFSFIIKQNGMFSFSGLTKEQVLRLREEFGVYAVASGRVNVAGMTPDNMAPLCEAIVAVL
;
_entity_poly.pdbx_strand_id   A,D,G,J
#
loop_
_chem_comp.id
_chem_comp.type
_chem_comp.name
_chem_comp.formula
PMP non-polymer 4'-DEOXY-4'-AMINOPYRIDOXAL-5'-PHOSPHATE 'C8 H13 N2 O5 P'
#
# COMPACT_ATOMS: atom_id res chain seq x y z
N MET A 1 21.89 26.84 -30.59
CA MET A 1 22.37 25.45 -30.53
CA MET A 1 22.42 25.48 -30.65
CA MET A 1 22.43 25.49 -30.66
C MET A 1 21.38 24.48 -31.13
N PHE A 2 20.10 24.77 -30.93
CA PHE A 2 19.08 23.77 -31.28
C PHE A 2 18.32 24.10 -32.55
N GLU A 3 18.59 25.28 -33.12
CA GLU A 3 17.76 25.76 -34.22
C GLU A 3 17.79 24.86 -35.47
N ASN A 4 18.87 24.13 -35.70
CA ASN A 4 18.94 23.30 -36.88
C ASN A 4 18.80 21.80 -36.67
N ILE A 5 18.37 21.39 -35.48
CA ILE A 5 18.21 19.98 -35.26
C ILE A 5 17.10 19.38 -36.14
N THR A 6 17.40 18.24 -36.72
CA THR A 6 16.43 17.45 -37.48
CA THR A 6 16.38 17.53 -37.48
C THR A 6 15.50 16.66 -36.58
N ALA A 7 14.21 16.68 -36.87
CA ALA A 7 13.28 15.90 -36.08
C ALA A 7 13.57 14.39 -36.19
N ALA A 8 13.37 13.68 -35.08
CA ALA A 8 13.51 12.23 -35.10
C ALA A 8 12.51 11.65 -36.08
N PRO A 9 12.86 10.53 -36.70
CA PRO A 9 11.90 9.89 -37.62
C PRO A 9 10.59 9.55 -36.88
N ALA A 10 9.54 9.44 -37.68
CA ALA A 10 8.13 9.47 -37.27
C ALA A 10 7.68 8.69 -36.05
N ASP A 11 8.24 7.50 -35.79
CA ASP A 11 7.73 6.62 -34.71
C ASP A 11 6.39 5.97 -35.07
N PRO A 12 6.45 4.82 -35.76
CA PRO A 12 5.22 4.23 -36.31
C PRO A 12 4.37 3.62 -35.18
N ILE A 13 5.01 3.40 -34.04
CA ILE A 13 4.34 2.76 -32.91
C ILE A 13 3.35 3.70 -32.21
N LEU A 14 3.71 4.96 -32.02
CA LEU A 14 2.95 5.85 -31.13
C LEU A 14 1.52 6.40 -31.55
N GLY A 15 1.12 6.46 -32.81
CA GLY A 15 1.84 6.21 -34.04
C GLY A 15 0.63 5.55 -34.67
N LEU A 16 0.75 4.23 -34.78
CA LEU A 16 -0.40 3.34 -34.90
C LEU A 16 -1.36 3.60 -33.71
N ALA A 17 -0.79 3.72 -32.52
CA ALA A 17 -1.56 3.93 -31.30
C ALA A 17 -2.51 5.15 -31.37
N ASP A 18 -1.97 6.28 -31.81
CA ASP A 18 -2.76 7.51 -31.92
C ASP A 18 -3.90 7.39 -32.92
N LEU A 19 -3.62 6.73 -34.04
CA LEU A 19 -4.64 6.56 -35.08
C LEU A 19 -5.77 5.70 -34.52
N PHE A 20 -5.38 4.67 -33.78
CA PHE A 20 -6.36 3.74 -33.23
C PHE A 20 -7.27 4.45 -32.24
N ARG A 21 -6.63 5.26 -31.39
CA ARG A 21 -7.36 6.02 -30.38
C ARG A 21 -8.37 6.91 -31.11
N ALA A 22 -7.90 7.65 -32.10
CA ALA A 22 -8.75 8.59 -32.80
C ALA A 22 -9.90 7.93 -33.59
N ASP A 23 -9.73 6.66 -33.96
CA ASP A 23 -10.74 5.95 -34.76
C ASP A 23 -12.11 5.89 -34.04
N GLU A 24 -13.17 6.32 -34.72
CA GLU A 24 -14.47 6.45 -34.05
C GLU A 24 -15.35 5.24 -34.31
N ARG A 25 -14.85 4.30 -35.11
CA ARG A 25 -15.64 3.11 -35.40
C ARG A 25 -15.71 2.08 -34.30
N PRO A 26 -16.92 1.55 -34.11
CA PRO A 26 -17.10 0.19 -33.62
C PRO A 26 -16.90 -0.75 -34.81
N GLY A 27 -16.37 -1.95 -34.58
CA GLY A 27 -15.73 -2.30 -33.34
C GLY A 27 -14.28 -2.43 -33.79
N LYS A 28 -13.55 -1.35 -33.61
CA LYS A 28 -12.14 -1.30 -33.94
C LYS A 28 -11.39 -2.25 -33.01
N ILE A 29 -10.25 -2.76 -33.48
CA ILE A 29 -9.48 -3.73 -32.71
C ILE A 29 -8.01 -3.45 -32.84
N ASN A 30 -7.30 -3.41 -31.72
CA ASN A 30 -5.86 -3.13 -31.79
C ASN A 30 -4.95 -4.34 -31.56
N LEU A 31 -4.39 -4.88 -32.67
CA LEU A 31 -3.48 -6.01 -32.56
C LEU A 31 -2.07 -5.52 -32.66
N GLY A 32 -1.89 -4.20 -32.64
CA GLY A 32 -0.53 -3.68 -32.77
C GLY A 32 0.08 -3.51 -31.40
N ILE A 33 -0.73 -3.68 -30.34
CA ILE A 33 -0.25 -3.47 -28.96
C ILE A 33 1.00 -4.30 -28.64
N GLY A 34 1.86 -3.82 -27.73
CA GLY A 34 3.06 -4.59 -27.42
C GLY A 34 2.99 -5.26 -26.03
N VAL A 35 1.83 -5.22 -25.39
CA VAL A 35 1.67 -5.83 -24.03
C VAL A 35 0.62 -6.95 -23.99
N TYR A 36 0.61 -7.70 -22.88
CA TYR A 36 -0.41 -8.69 -22.66
C TYR A 36 -1.74 -7.99 -22.30
N LYS A 37 -2.84 -8.52 -22.81
CA LYS A 37 -4.20 -8.18 -22.33
C LYS A 37 -4.92 -9.45 -21.97
N ASP A 38 -5.78 -9.37 -20.95
CA ASP A 38 -6.53 -10.55 -20.59
C ASP A 38 -7.81 -10.60 -21.42
N GLU A 39 -8.70 -11.52 -21.04
N GLU A 39 -8.70 -11.53 -21.09
CA GLU A 39 -9.91 -11.81 -21.79
CA GLU A 39 -9.90 -11.75 -21.88
C GLU A 39 -10.92 -10.65 -21.80
C GLU A 39 -10.80 -10.52 -21.93
N THR A 40 -10.76 -9.69 -20.87
CA THR A 40 -11.57 -8.49 -20.85
C THR A 40 -10.93 -7.29 -21.55
N GLY A 41 -9.73 -7.49 -22.13
CA GLY A 41 -9.06 -6.42 -22.85
C GLY A 41 -8.27 -5.49 -21.94
N LYS A 42 -8.01 -5.93 -20.72
CA LYS A 42 -7.25 -5.10 -19.80
CA LYS A 42 -7.26 -5.12 -19.77
C LYS A 42 -5.84 -5.67 -19.56
N THR A 43 -4.95 -4.83 -19.06
CA THR A 43 -3.58 -5.25 -18.69
C THR A 43 -3.49 -4.99 -17.19
N PRO A 44 -4.13 -5.84 -16.37
N PRO A 44 -3.96 -5.95 -16.40
CA PRO A 44 -4.17 -5.45 -14.95
CA PRO A 44 -4.06 -5.71 -14.96
C PRO A 44 -2.88 -5.73 -14.21
C PRO A 44 -2.73 -5.66 -14.25
N VAL A 45 -2.73 -5.12 -13.03
CA VAL A 45 -1.62 -5.40 -12.15
C VAL A 45 -1.83 -6.84 -11.66
N LEU A 46 -0.80 -7.68 -11.72
CA LEU A 46 -0.94 -9.07 -11.23
CA LEU A 46 -0.92 -9.06 -11.23
C LEU A 46 -1.28 -9.08 -9.75
N THR A 47 -2.03 -10.10 -9.34
CA THR A 47 -2.39 -10.16 -7.93
C THR A 47 -1.16 -10.37 -7.05
N SER A 48 -0.24 -11.23 -7.49
CA SER A 48 0.99 -11.42 -6.72
C SER A 48 1.73 -10.09 -6.53
N VAL A 49 1.70 -9.26 -7.57
CA VAL A 49 2.38 -7.96 -7.53
C VAL A 49 1.68 -7.04 -6.54
N LYS A 50 0.36 -6.97 -6.60
CA LYS A 50 -0.36 -6.16 -5.63
C LYS A 50 -0.03 -6.60 -4.18
N LYS A 51 0.03 -7.90 -3.96
CA LYS A 51 0.32 -8.41 -2.60
C LYS A 51 1.73 -8.03 -2.16
N ALA A 52 2.66 -8.09 -3.12
CA ALA A 52 4.01 -7.70 -2.80
C ALA A 52 4.07 -6.19 -2.54
N GLU A 53 3.39 -5.40 -3.37
CA GLU A 53 3.41 -3.94 -3.16
C GLU A 53 2.84 -3.56 -1.76
N GLN A 54 1.78 -4.26 -1.34
CA GLN A 54 1.26 -4.04 0.03
CA GLN A 54 1.24 -4.09 0.03
C GLN A 54 2.29 -4.36 1.09
N TYR A 55 3.00 -5.48 0.93
CA TYR A 55 4.07 -5.83 1.85
C TYR A 55 5.16 -4.76 1.89
N LEU A 56 5.57 -4.26 0.72
CA LEU A 56 6.59 -3.22 0.71
C LEU A 56 6.08 -1.95 1.36
N LEU A 57 4.83 -1.56 1.15
CA LEU A 57 4.27 -0.37 1.78
C LEU A 57 4.36 -0.54 3.31
N GLU A 58 4.09 -1.75 3.78
CA GLU A 58 4.04 -1.99 5.22
C GLU A 58 5.40 -2.07 5.86
N ASN A 59 6.39 -2.49 5.09
CA ASN A 59 7.67 -2.83 5.70
CA ASN A 59 7.67 -2.84 5.67
C ASN A 59 8.85 -1.98 5.31
N GLU A 60 8.78 -1.27 4.19
CA GLU A 60 9.91 -0.37 3.87
C GLU A 60 10.06 0.74 4.89
N THR A 61 11.28 0.94 5.37
CA THR A 61 11.55 2.05 6.28
C THR A 61 12.57 3.05 5.75
N THR A 62 13.01 2.86 4.51
CA THR A 62 13.90 3.85 3.90
C THR A 62 13.80 3.73 2.38
N LYS A 63 14.14 4.79 1.67
CA LYS A 63 14.37 4.70 0.21
C LYS A 63 15.86 4.90 -0.14
N ASN A 64 16.73 4.67 0.82
CA ASN A 64 18.18 4.84 0.57
C ASN A 64 18.63 4.06 -0.66
N TYR A 65 19.55 4.66 -1.41
CA TYR A 65 20.05 4.06 -2.65
C TYR A 65 20.39 2.59 -2.57
N LEU A 66 20.01 1.86 -3.61
CA LEU A 66 20.57 0.55 -3.81
C LEU A 66 22.01 0.67 -4.26
N GLY A 67 22.72 -0.44 -4.15
CA GLY A 67 24.03 -0.54 -4.80
C GLY A 67 23.85 -0.41 -6.31
N ILE A 68 24.98 -0.18 -7.01
CA ILE A 68 24.99 0.04 -8.43
C ILE A 68 24.31 -1.13 -9.13
N ASP A 69 24.54 -2.34 -8.62
CA ASP A 69 23.97 -3.51 -9.26
C ASP A 69 22.59 -3.95 -8.68
N GLY A 70 22.06 -3.13 -7.79
CA GLY A 70 20.69 -3.30 -7.29
C GLY A 70 20.57 -4.31 -6.14
N ILE A 71 19.37 -4.87 -6.01
CA ILE A 71 19.03 -5.74 -4.84
C ILE A 71 19.70 -7.12 -4.99
N PRO A 72 20.53 -7.51 -4.02
CA PRO A 72 21.20 -8.82 -4.16
C PRO A 72 20.26 -10.01 -4.38
N GLU A 73 19.15 -10.08 -3.62
CA GLU A 73 18.20 -11.19 -3.79
C GLU A 73 17.64 -11.24 -5.22
N PHE A 74 17.39 -10.07 -5.79
CA PHE A 74 16.89 -9.96 -7.18
C PHE A 74 17.91 -10.61 -8.12
N GLY A 75 19.19 -10.33 -7.88
CA GLY A 75 20.25 -10.95 -8.69
C GLY A 75 20.30 -12.47 -8.55
N ARG A 76 20.23 -12.99 -7.32
CA ARG A 76 20.25 -14.47 -7.12
C ARG A 76 19.07 -15.15 -7.77
N CYS A 77 17.88 -14.56 -7.55
CA CYS A 77 16.66 -15.13 -8.15
C CYS A 77 16.71 -15.10 -9.66
N THR A 78 17.24 -14.02 -10.22
CA THR A 78 17.39 -13.89 -11.66
C THR A 78 18.34 -15.00 -12.19
N GLN A 79 19.49 -15.20 -11.55
CA GLN A 79 20.38 -16.23 -12.07
C GLN A 79 19.77 -17.64 -11.96
N GLU A 80 18.96 -17.90 -10.93
N GLU A 80 18.95 -17.86 -10.95
CA GLU A 80 18.34 -19.22 -10.83
CA GLU A 80 18.33 -19.16 -10.78
C GLU A 80 17.31 -19.42 -11.95
C GLU A 80 17.34 -19.39 -11.93
N LEU A 81 16.55 -18.37 -12.24
CA LEU A 81 15.62 -18.44 -13.39
C LEU A 81 16.36 -18.72 -14.72
N LEU A 82 17.47 -18.05 -14.92
CA LEU A 82 18.17 -18.16 -16.19
C LEU A 82 18.87 -19.53 -16.36
N PHE A 83 19.58 -19.93 -15.31
CA PHE A 83 20.54 -21.01 -15.43
C PHE A 83 20.08 -22.29 -14.78
N GLY A 84 19.10 -22.17 -13.90
CA GLY A 84 18.59 -23.28 -13.11
C GLY A 84 19.27 -23.41 -11.75
N LYS A 85 18.49 -23.71 -10.71
CA LYS A 85 19.09 -23.96 -9.41
C LYS A 85 20.13 -25.09 -9.52
N GLY A 86 21.29 -24.90 -8.91
CA GLY A 86 22.35 -25.89 -8.96
C GLY A 86 23.20 -25.88 -10.22
N SER A 87 22.97 -24.90 -11.11
N SER A 87 22.95 -24.93 -11.11
CA SER A 87 23.80 -24.72 -12.29
CA SER A 87 23.78 -24.82 -12.30
C SER A 87 25.26 -24.57 -11.89
C SER A 87 25.24 -24.57 -11.92
N ALA A 88 26.16 -25.11 -12.71
CA ALA A 88 27.58 -24.94 -12.46
C ALA A 88 28.01 -23.46 -12.51
N LEU A 89 27.35 -22.68 -13.37
CA LEU A 89 27.68 -21.26 -13.50
C LEU A 89 27.48 -20.56 -12.19
N ILE A 90 26.45 -20.97 -11.47
CA ILE A 90 26.15 -20.35 -10.20
C ILE A 90 27.11 -20.89 -9.15
N ASN A 91 27.25 -22.21 -9.12
CA ASN A 91 28.13 -22.83 -8.12
C ASN A 91 29.54 -22.27 -8.21
N ASP A 92 30.01 -22.07 -9.44
CA ASP A 92 31.37 -21.64 -9.69
C ASP A 92 31.52 -20.11 -9.68
N LYS A 93 30.43 -19.40 -9.33
CA LYS A 93 30.42 -17.95 -9.21
C LYS A 93 30.95 -17.29 -10.49
N ARG A 94 30.52 -17.81 -11.63
CA ARG A 94 31.00 -17.30 -12.94
C ARG A 94 30.07 -16.21 -13.50
N ALA A 95 28.99 -15.92 -12.78
CA ALA A 95 27.98 -14.97 -13.28
C ALA A 95 27.74 -13.85 -12.29
N ARG A 96 27.62 -12.64 -12.81
CA ARG A 96 27.30 -11.43 -12.01
C ARG A 96 26.11 -10.77 -12.65
N THR A 97 25.14 -10.34 -11.84
CA THR A 97 23.90 -9.75 -12.34
C THR A 97 23.75 -8.30 -11.83
N ALA A 98 23.48 -7.39 -12.76
CA ALA A 98 23.09 -6.03 -12.40
C ALA A 98 21.58 -5.89 -12.67
N GLN A 99 20.83 -5.50 -11.65
CA GLN A 99 19.43 -5.04 -11.83
C GLN A 99 19.39 -3.79 -12.72
N THR A 100 18.57 -3.75 -13.76
CA THR A 100 18.57 -2.61 -14.71
C THR A 100 17.16 -2.07 -14.92
N PRO A 101 17.02 -0.84 -15.48
CA PRO A 101 15.68 -0.30 -15.81
C PRO A 101 15.18 -0.95 -17.09
N GLY A 102 14.60 -2.13 -16.88
CA GLY A 102 14.02 -2.90 -17.95
C GLY A 102 15.03 -3.71 -18.80
N GLY A 103 14.49 -4.56 -19.63
CA GLY A 103 15.36 -5.24 -20.59
C GLY A 103 16.10 -4.28 -21.51
N THR A 104 15.46 -3.18 -21.89
CA THR A 104 16.15 -2.18 -22.77
C THR A 104 17.37 -1.64 -22.05
N GLY A 105 17.17 -1.29 -20.77
CA GLY A 105 18.27 -0.80 -19.95
C GLY A 105 19.39 -1.84 -19.86
N ALA A 106 19.02 -3.12 -19.77
CA ALA A 106 20.05 -4.18 -19.73
C ALA A 106 20.82 -4.24 -21.03
N LEU A 107 20.12 -4.09 -22.16
CA LEU A 107 20.79 -4.12 -23.46
C LEU A 107 21.73 -2.97 -23.62
N ARG A 108 21.33 -1.79 -23.17
CA ARG A 108 22.18 -0.59 -23.30
CA ARG A 108 22.16 -0.58 -23.29
C ARG A 108 23.40 -0.69 -22.41
N VAL A 109 23.20 -1.16 -21.18
CA VAL A 109 24.34 -1.40 -20.30
C VAL A 109 25.31 -2.41 -20.94
N ALA A 110 24.78 -3.51 -21.49
CA ALA A 110 25.65 -4.46 -22.18
C ALA A 110 26.40 -3.79 -23.31
N ALA A 111 25.69 -2.98 -24.06
CA ALA A 111 26.33 -2.32 -25.24
C ALA A 111 27.43 -1.31 -24.82
N ASP A 112 27.13 -0.50 -23.80
CA ASP A 112 28.14 0.45 -23.31
C ASP A 112 29.36 -0.27 -22.73
N PHE A 113 29.08 -1.28 -21.91
CA PHE A 113 30.14 -2.12 -21.35
C PHE A 113 31.05 -2.65 -22.49
N LEU A 114 30.42 -3.24 -23.50
CA LEU A 114 31.19 -3.83 -24.62
C LEU A 114 31.95 -2.77 -25.43
N ALA A 115 31.31 -1.66 -25.72
CA ALA A 115 31.95 -0.62 -26.51
C ALA A 115 33.19 -0.06 -25.79
N LYS A 116 33.12 0.12 -24.46
CA LYS A 116 34.17 0.81 -23.73
CA LYS A 116 34.18 0.81 -23.73
C LYS A 116 35.30 -0.12 -23.26
N ASN A 117 35.00 -1.41 -23.12
CA ASN A 117 35.95 -2.34 -22.49
C ASN A 117 36.41 -3.54 -23.30
N THR A 118 35.93 -3.64 -24.54
CA THR A 118 36.31 -4.73 -25.42
C THR A 118 36.56 -4.23 -26.85
N SER A 119 36.96 -5.15 -27.70
CA SER A 119 37.22 -4.80 -29.09
C SER A 119 35.95 -4.98 -29.91
N VAL A 120 34.79 -5.21 -29.25
CA VAL A 120 33.59 -5.42 -30.05
C VAL A 120 33.25 -4.19 -30.88
N LYS A 121 32.99 -4.40 -32.16
CA LYS A 121 32.55 -3.30 -32.99
C LYS A 121 31.18 -3.51 -33.61
N ARG A 122 30.74 -4.78 -33.61
CA ARG A 122 29.58 -5.22 -34.41
CA ARG A 122 29.59 -5.23 -34.40
C ARG A 122 28.66 -6.17 -33.65
N VAL A 123 27.34 -5.97 -33.78
CA VAL A 123 26.35 -6.88 -33.21
C VAL A 123 25.44 -7.42 -34.34
N TRP A 124 25.30 -8.74 -34.43
CA TRP A 124 24.42 -9.36 -35.40
C TRP A 124 23.05 -9.58 -34.82
N VAL A 125 22.04 -9.08 -35.53
CA VAL A 125 20.64 -9.16 -35.09
CA VAL A 125 20.66 -9.28 -35.06
C VAL A 125 19.82 -9.91 -36.16
N SER A 126 18.83 -10.70 -35.77
CA SER A 126 18.00 -11.35 -36.79
C SER A 126 17.25 -10.30 -37.63
N ASN A 127 17.02 -10.64 -38.88
CA ASN A 127 16.04 -9.93 -39.69
C ASN A 127 14.81 -10.80 -39.86
N PRO A 128 13.68 -10.40 -39.26
CA PRO A 128 13.35 -9.20 -38.47
C PRO A 128 13.69 -9.32 -36.98
N SER A 129 13.64 -8.19 -36.26
CA SER A 129 13.79 -8.21 -34.80
C SER A 129 12.92 -7.09 -34.20
N TRP A 130 13.04 -6.86 -32.90
CA TRP A 130 12.50 -5.69 -32.25
C TRP A 130 13.23 -4.48 -32.81
N PRO A 131 12.48 -3.45 -33.24
CA PRO A 131 13.16 -2.36 -33.99
C PRO A 131 14.10 -1.55 -33.10
N ASN A 132 13.95 -1.61 -31.77
CA ASN A 132 14.83 -0.80 -30.94
C ASN A 132 16.23 -1.42 -30.78
N HIS A 133 16.44 -2.67 -31.23
CA HIS A 133 17.76 -3.30 -31.08
C HIS A 133 18.82 -2.49 -31.80
N LYS A 134 18.50 -2.07 -33.03
CA LYS A 134 19.49 -1.32 -33.79
CA LYS A 134 19.48 -1.32 -33.80
C LYS A 134 19.79 0.01 -33.09
N SER A 135 18.76 0.69 -32.61
CA SER A 135 18.98 1.99 -31.96
C SER A 135 19.85 1.89 -30.71
N VAL A 136 19.57 0.87 -29.90
CA VAL A 136 20.34 0.70 -28.67
C VAL A 136 21.82 0.50 -28.97
N PHE A 137 22.13 -0.45 -29.84
CA PHE A 137 23.56 -0.75 -30.11
C PHE A 137 24.25 0.40 -30.81
N ASN A 138 23.57 1.02 -31.80
CA ASN A 138 24.12 2.19 -32.49
C ASN A 138 24.42 3.34 -31.52
N SER A 139 23.55 3.53 -30.51
CA SER A 139 23.71 4.60 -29.51
CA SER A 139 23.76 4.64 -29.59
C SER A 139 25.04 4.45 -28.76
N ALA A 140 25.49 3.21 -28.65
CA ALA A 140 26.74 2.95 -27.95
C ALA A 140 27.91 2.92 -28.92
N GLY A 141 27.62 3.22 -30.18
CA GLY A 141 28.66 3.27 -31.20
C GLY A 141 28.96 1.96 -31.87
N LEU A 142 28.07 0.98 -31.69
CA LEU A 142 28.26 -0.33 -32.30
C LEU A 142 27.43 -0.49 -33.60
N GLU A 143 28.08 -1.04 -34.63
CA GLU A 143 27.41 -1.35 -35.89
CA GLU A 143 27.39 -1.34 -35.87
C GLU A 143 26.49 -2.54 -35.66
N VAL A 144 25.35 -2.53 -36.35
CA VAL A 144 24.44 -3.64 -36.32
C VAL A 144 24.36 -4.27 -37.71
N ARG A 145 24.56 -5.57 -37.78
CA ARG A 145 24.45 -6.31 -39.04
CA ARG A 145 24.40 -6.27 -39.04
C ARG A 145 23.31 -7.31 -38.89
N GLU A 146 22.64 -7.64 -39.99
CA GLU A 146 21.45 -8.51 -39.88
C GLU A 146 21.75 -9.90 -40.37
N TYR A 147 21.18 -10.91 -39.70
CA TYR A 147 21.26 -12.26 -40.23
C TYR A 147 19.87 -12.78 -40.62
N ALA A 148 19.82 -13.63 -41.65
CA ALA A 148 18.54 -14.17 -42.12
C ALA A 148 17.88 -15.03 -41.05
N TYR A 149 16.56 -15.07 -41.05
CA TYR A 149 15.86 -15.78 -39.99
C TYR A 149 14.54 -16.43 -40.44
N TYR A 150 13.74 -15.66 -41.17
CA TYR A 150 12.35 -16.01 -41.43
C TYR A 150 12.17 -16.61 -42.83
N ASP A 151 11.57 -17.81 -42.90
CA ASP A 151 11.13 -18.40 -44.17
C ASP A 151 9.69 -17.94 -44.43
N ALA A 152 9.50 -16.93 -45.28
CA ALA A 152 8.18 -16.33 -45.51
C ALA A 152 7.23 -17.23 -46.29
N GLU A 153 7.79 -18.28 -46.91
CA GLU A 153 6.97 -19.25 -47.63
CA GLU A 153 6.99 -19.28 -47.64
C GLU A 153 6.39 -20.28 -46.68
N ASN A 154 7.21 -20.78 -45.78
CA ASN A 154 6.77 -21.83 -44.88
C ASN A 154 6.41 -21.36 -43.47
N HIS A 155 6.58 -20.05 -43.21
N HIS A 155 6.58 -20.05 -43.22
CA HIS A 155 6.30 -19.47 -41.90
CA HIS A 155 6.31 -19.44 -41.90
C HIS A 155 7.12 -20.12 -40.80
C HIS A 155 7.12 -20.13 -40.81
N THR A 156 8.39 -20.42 -41.10
CA THR A 156 9.25 -21.16 -40.19
CA THR A 156 9.28 -21.20 -40.25
C THR A 156 10.65 -20.57 -40.13
N LEU A 157 11.48 -21.11 -39.25
CA LEU A 157 12.87 -20.66 -39.15
CA LEU A 157 12.87 -20.67 -39.15
C LEU A 157 13.67 -21.13 -40.38
N ASP A 158 14.20 -20.19 -41.14
CA ASP A 158 15.04 -20.53 -42.30
C ASP A 158 16.43 -20.84 -41.80
N PHE A 159 16.61 -22.04 -41.30
CA PHE A 159 17.82 -22.34 -40.54
C PHE A 159 19.07 -22.26 -41.42
N ASP A 160 18.94 -22.74 -42.66
CA ASP A 160 20.06 -22.69 -43.62
C ASP A 160 20.50 -21.28 -43.90
N ALA A 161 19.52 -20.41 -44.12
CA ALA A 161 19.79 -19.01 -44.41
C ALA A 161 20.47 -18.32 -43.23
N LEU A 162 20.00 -18.65 -42.03
CA LEU A 162 20.58 -18.13 -40.80
C LEU A 162 22.05 -18.50 -40.73
N ILE A 163 22.35 -19.79 -40.78
CA ILE A 163 23.73 -20.25 -40.68
C ILE A 163 24.62 -19.65 -41.78
N ASN A 164 24.08 -19.55 -43.00
CA ASN A 164 24.83 -18.96 -44.11
CA ASN A 164 24.83 -18.96 -44.10
C ASN A 164 25.11 -17.49 -43.86
N SER A 165 24.10 -16.77 -43.38
CA SER A 165 24.23 -15.36 -43.03
CA SER A 165 24.30 -15.35 -43.12
C SER A 165 25.34 -15.15 -42.03
N LEU A 166 25.35 -16.00 -41.00
CA LEU A 166 26.23 -15.78 -39.85
C LEU A 166 27.66 -16.18 -40.12
N ASN A 167 27.89 -16.84 -41.25
CA ASN A 167 29.28 -17.14 -41.55
C ASN A 167 30.05 -15.88 -41.98
N GLU A 168 29.35 -14.79 -42.24
CA GLU A 168 30.00 -13.51 -42.48
CA GLU A 168 30.04 -13.54 -42.49
C GLU A 168 30.47 -12.85 -41.18
N ALA A 169 29.96 -13.35 -40.03
CA ALA A 169 30.36 -12.79 -38.72
C ALA A 169 31.82 -13.15 -38.42
N GLN A 170 32.62 -12.16 -38.01
CA GLN A 170 34.02 -12.43 -37.63
C GLN A 170 34.15 -12.85 -36.17
N ALA A 171 35.27 -13.52 -35.86
CA ALA A 171 35.54 -13.84 -34.48
C ALA A 171 35.59 -12.55 -33.69
N GLY A 172 34.93 -12.54 -32.53
CA GLY A 172 34.88 -11.33 -31.72
C GLY A 172 33.66 -10.45 -31.99
N ASP A 173 32.81 -10.84 -32.93
CA ASP A 173 31.52 -10.17 -33.15
C ASP A 173 30.54 -10.66 -32.07
N VAL A 174 29.54 -9.83 -31.75
CA VAL A 174 28.45 -10.26 -30.86
C VAL A 174 27.32 -10.79 -31.74
N VAL A 175 26.71 -11.90 -31.34
CA VAL A 175 25.50 -12.37 -32.03
C VAL A 175 24.38 -12.38 -31.01
N LEU A 176 23.31 -11.65 -31.33
N LEU A 176 23.31 -11.67 -31.37
CA LEU A 176 22.18 -11.57 -30.42
CA LEU A 176 22.11 -11.55 -30.54
C LEU A 176 21.15 -12.65 -30.76
C LEU A 176 21.13 -12.69 -30.79
N PHE A 177 20.67 -13.35 -29.72
CA PHE A 177 19.66 -14.38 -29.84
C PHE A 177 18.48 -13.98 -28.96
N HIS A 178 17.26 -14.07 -29.47
CA HIS A 178 16.10 -14.00 -28.60
C HIS A 178 15.96 -15.34 -27.82
N GLY A 179 15.89 -15.36 -26.49
CA GLY A 179 15.85 -16.63 -25.78
C GLY A 179 14.67 -17.55 -26.05
N CYS A 180 13.49 -16.96 -26.17
CA CYS A 180 12.24 -17.67 -26.51
C CYS A 180 11.29 -16.61 -27.01
N CYS A 181 10.19 -17.02 -27.68
CA CYS A 181 9.21 -16.05 -28.18
C CYS A 181 9.86 -14.94 -29.00
N HIS A 182 10.56 -15.33 -30.04
CA HIS A 182 11.15 -14.36 -30.97
C HIS A 182 10.17 -13.23 -31.33
N ASN A 183 10.63 -11.97 -31.24
CA ASN A 183 9.82 -10.82 -31.58
C ASN A 183 10.39 -10.28 -32.91
N PRO A 184 9.62 -10.27 -34.02
CA PRO A 184 8.15 -10.34 -34.14
C PRO A 184 7.55 -11.71 -34.52
N THR A 185 8.37 -12.71 -34.76
CA THR A 185 7.82 -13.90 -35.43
C THR A 185 7.21 -15.02 -34.61
N GLY A 186 7.56 -15.13 -33.33
CA GLY A 186 7.13 -16.24 -32.52
C GLY A 186 7.79 -17.56 -32.91
N ILE A 187 8.78 -17.48 -33.81
CA ILE A 187 9.51 -18.64 -34.26
C ILE A 187 10.82 -18.82 -33.50
N ASP A 188 10.94 -19.90 -32.71
CA ASP A 188 12.15 -20.15 -31.93
C ASP A 188 12.92 -21.37 -32.43
N PRO A 189 14.25 -21.37 -32.30
CA PRO A 189 15.01 -22.61 -32.55
C PRO A 189 14.49 -23.76 -31.71
N THR A 190 14.54 -24.98 -32.27
CA THR A 190 14.29 -26.17 -31.47
C THR A 190 15.49 -26.34 -30.56
N LEU A 191 15.39 -27.20 -29.55
CA LEU A 191 16.56 -27.44 -28.69
C LEU A 191 17.76 -27.92 -29.54
N GLU A 192 17.51 -28.80 -30.51
CA GLU A 192 18.61 -29.31 -31.33
C GLU A 192 19.25 -28.21 -32.19
N GLN A 193 18.42 -27.28 -32.65
CA GLN A 193 18.91 -26.15 -33.41
C GLN A 193 19.71 -25.20 -32.49
N TRP A 194 19.23 -24.97 -31.27
CA TRP A 194 20.02 -24.21 -30.28
C TRP A 194 21.38 -24.84 -30.03
N GLN A 195 21.38 -26.17 -29.89
CA GLN A 195 22.64 -26.91 -29.63
C GLN A 195 23.62 -26.79 -30.81
N THR A 196 23.10 -26.86 -32.03
CA THR A 196 23.91 -26.64 -33.23
C THR A 196 24.52 -25.24 -33.28
N LEU A 197 23.67 -24.26 -32.99
CA LEU A 197 24.13 -22.86 -32.92
C LEU A 197 25.17 -22.65 -31.81
N ALA A 198 24.99 -23.30 -30.66
CA ALA A 198 25.93 -23.16 -29.55
C ALA A 198 27.30 -23.66 -29.97
N GLN A 199 27.31 -24.79 -30.69
CA GLN A 199 28.57 -25.38 -31.16
CA GLN A 199 28.57 -25.37 -31.16
C GLN A 199 29.23 -24.46 -32.20
N LEU A 200 28.44 -23.97 -33.13
CA LEU A 200 28.93 -23.08 -34.17
C LEU A 200 29.48 -21.80 -33.58
N SER A 201 28.77 -21.24 -32.60
N SER A 201 28.79 -21.24 -32.58
N SER A 201 28.79 -21.25 -32.58
CA SER A 201 29.23 -20.01 -31.93
CA SER A 201 29.24 -20.00 -31.97
CA SER A 201 29.22 -20.02 -31.93
C SER A 201 30.59 -20.17 -31.25
C SER A 201 30.58 -20.16 -31.23
C SER A 201 30.58 -20.17 -31.25
N VAL A 202 30.82 -21.32 -30.64
CA VAL A 202 32.10 -21.60 -30.00
C VAL A 202 33.20 -21.66 -31.05
N GLU A 203 32.92 -22.36 -32.14
CA GLU A 203 33.90 -22.56 -33.19
C GLU A 203 34.27 -21.29 -33.90
N LYS A 204 33.32 -20.37 -34.02
CA LYS A 204 33.53 -19.15 -34.81
C LYS A 204 33.98 -17.97 -33.95
N GLY A 205 34.00 -18.15 -32.64
CA GLY A 205 34.43 -17.07 -31.77
C GLY A 205 33.41 -15.95 -31.59
N TRP A 206 32.12 -16.26 -31.65
CA TRP A 206 31.08 -15.24 -31.37
C TRP A 206 30.87 -15.03 -29.87
N LEU A 207 30.57 -13.79 -29.47
CA LEU A 207 30.10 -13.57 -28.10
C LEU A 207 28.57 -13.56 -28.12
N PRO A 208 27.94 -14.57 -27.47
CA PRO A 208 26.48 -14.58 -27.48
C PRO A 208 25.89 -13.57 -26.52
N LEU A 209 24.87 -12.88 -27.02
CA LEU A 209 24.06 -11.98 -26.23
CA LEU A 209 24.06 -11.98 -26.23
C LEU A 209 22.64 -12.46 -26.32
N PHE A 210 22.13 -13.00 -25.22
CA PHE A 210 20.74 -13.40 -25.19
C PHE A 210 19.84 -12.27 -24.74
N ASP A 211 18.80 -12.02 -25.52
CA ASP A 211 17.74 -11.10 -25.13
C ASP A 211 16.58 -11.97 -24.68
N PHE A 212 16.27 -11.92 -23.37
CA PHE A 212 15.34 -12.87 -22.79
CA PHE A 212 15.32 -12.84 -22.78
C PHE A 212 14.19 -12.07 -22.16
N ALA A 213 13.25 -11.60 -23.00
CA ALA A 213 12.17 -10.75 -22.50
C ALA A 213 10.86 -11.45 -22.22
N TYR A 214 10.74 -12.74 -22.54
CA TYR A 214 9.43 -13.41 -22.46
C TYR A 214 9.55 -14.79 -21.80
N GLN A 215 10.48 -14.93 -20.86
CA GLN A 215 10.61 -16.22 -20.19
C GLN A 215 9.27 -16.63 -19.54
N GLY A 216 8.74 -17.80 -19.92
CA GLY A 216 7.46 -18.26 -19.37
C GLY A 216 6.33 -18.14 -20.34
N PHE A 217 6.52 -17.45 -21.48
CA PHE A 217 5.39 -17.28 -22.42
C PHE A 217 5.36 -18.27 -23.57
N ALA A 218 6.42 -19.08 -23.74
CA ALA A 218 6.41 -20.09 -24.82
C ALA A 218 5.84 -21.41 -24.29
N ARG A 219 6.65 -22.10 -23.49
CA ARG A 219 6.21 -23.38 -22.92
C ARG A 219 6.22 -23.42 -21.39
N GLY A 220 7.16 -22.73 -20.77
CA GLY A 220 7.21 -22.68 -19.31
C GLY A 220 8.53 -22.06 -18.87
N LEU A 221 8.70 -21.77 -17.58
CA LEU A 221 9.93 -21.06 -17.16
C LEU A 221 11.15 -21.91 -17.51
N GLU A 222 11.19 -23.18 -17.09
CA GLU A 222 12.42 -23.97 -17.32
C GLU A 222 12.62 -24.28 -18.81
N GLU A 223 11.55 -24.65 -19.50
CA GLU A 223 11.65 -25.02 -20.92
CA GLU A 223 11.63 -25.01 -20.92
C GLU A 223 12.09 -23.82 -21.75
N ASP A 224 11.61 -22.65 -21.38
CA ASP A 224 11.97 -21.49 -22.19
C ASP A 224 13.45 -21.10 -22.07
N ALA A 225 14.10 -21.55 -21.03
CA ALA A 225 15.53 -21.28 -20.83
C ALA A 225 16.44 -22.38 -21.37
N GLU A 226 15.91 -23.44 -21.99
CA GLU A 226 16.75 -24.53 -22.54
CA GLU A 226 16.82 -24.51 -22.41
C GLU A 226 17.82 -24.05 -23.51
N GLY A 227 17.42 -23.16 -24.40
CA GLY A 227 18.32 -22.66 -25.43
C GLY A 227 19.50 -21.92 -24.82
N LEU A 228 19.20 -20.96 -23.96
CA LEU A 228 20.23 -20.25 -23.18
C LEU A 228 21.14 -21.19 -22.42
N ARG A 229 20.54 -22.18 -21.77
CA ARG A 229 21.34 -23.10 -20.97
C ARG A 229 22.21 -24.00 -21.86
N ALA A 230 21.72 -24.36 -23.04
CA ALA A 230 22.60 -25.05 -24.02
C ALA A 230 23.82 -24.19 -24.39
N PHE A 231 23.59 -22.90 -24.61
CA PHE A 231 24.73 -22.01 -24.86
C PHE A 231 25.65 -21.90 -23.63
N ALA A 232 25.06 -21.75 -22.44
CA ALA A 232 25.84 -21.57 -21.20
C ALA A 232 26.72 -22.78 -20.93
N ALA A 233 26.25 -23.97 -21.33
CA ALA A 233 27.03 -25.18 -21.09
C ALA A 233 28.25 -25.25 -21.97
N MET A 234 28.23 -24.51 -23.08
N MET A 234 28.26 -24.51 -23.07
CA MET A 234 29.27 -24.58 -24.13
CA MET A 234 29.37 -24.60 -24.01
C MET A 234 30.24 -23.39 -24.12
C MET A 234 30.36 -23.45 -23.88
N HIS A 235 29.85 -22.28 -23.48
CA HIS A 235 30.66 -21.06 -23.57
C HIS A 235 31.31 -20.62 -22.27
N LYS A 236 32.54 -20.12 -22.36
CA LYS A 236 33.15 -19.45 -21.23
C LYS A 236 32.43 -18.13 -20.91
N GLU A 237 32.04 -17.42 -21.96
CA GLU A 237 31.55 -16.05 -21.83
C GLU A 237 30.21 -15.87 -22.53
N LEU A 238 29.32 -15.11 -21.88
CA LEU A 238 28.11 -14.65 -22.54
C LEU A 238 27.47 -13.53 -21.74
N ILE A 239 26.47 -12.88 -22.34
CA ILE A 239 25.69 -11.86 -21.65
C ILE A 239 24.25 -12.15 -21.85
N VAL A 240 23.47 -11.97 -20.78
CA VAL A 240 22.02 -12.05 -20.84
C VAL A 240 21.36 -10.75 -20.43
N ALA A 241 20.46 -10.29 -21.28
CA ALA A 241 19.65 -9.12 -20.99
C ALA A 241 18.24 -9.64 -20.82
N SER A 242 17.78 -9.72 -19.56
CA SER A 242 16.44 -10.24 -19.34
C SER A 242 15.50 -9.17 -18.85
N SER A 243 14.19 -9.44 -19.03
CA SER A 243 13.20 -8.45 -18.68
C SER A 243 12.06 -9.14 -17.93
N TYR A 244 11.57 -8.43 -16.92
CA TYR A 244 10.38 -8.87 -16.13
C TYR A 244 9.16 -8.04 -16.49
N SER A 245 9.25 -7.29 -17.60
CA SER A 245 8.14 -6.44 -17.98
CA SER A 245 8.15 -6.43 -18.01
C SER A 245 6.86 -7.21 -18.31
N LYS A 246 7.01 -8.24 -19.13
CA LYS A 246 5.82 -8.99 -19.55
C LYS A 246 5.46 -10.06 -18.51
N ASN A 247 6.44 -10.84 -18.05
CA ASN A 247 6.07 -12.02 -17.22
C ASN A 247 5.69 -11.67 -15.77
N PHE A 248 5.92 -10.41 -15.36
CA PHE A 248 5.34 -9.92 -14.08
C PHE A 248 4.33 -8.79 -14.31
N GLY A 249 4.06 -8.42 -15.57
CA GLY A 249 3.14 -7.34 -15.85
C GLY A 249 3.65 -6.06 -15.21
N LEU A 250 4.97 -5.89 -15.17
CA LEU A 250 5.58 -4.72 -14.52
C LEU A 250 6.22 -3.69 -15.50
N TYR A 251 5.71 -3.69 -16.72
CA TYR A 251 6.18 -2.82 -17.80
C TYR A 251 6.77 -1.46 -17.31
N ASN A 252 5.92 -0.66 -16.70
CA ASN A 252 6.34 0.73 -16.43
C ASN A 252 7.24 0.91 -15.20
N GLU A 253 7.52 -0.17 -14.45
CA GLU A 253 8.39 -0.04 -13.28
C GLU A 253 9.82 -0.28 -13.68
N ARG A 254 10.05 -0.72 -14.92
CA ARG A 254 11.39 -0.85 -15.55
C ARG A 254 12.26 -1.86 -14.79
N VAL A 255 11.94 -3.16 -14.97
CA VAL A 255 12.55 -4.20 -14.18
C VAL A 255 13.20 -5.20 -15.10
N GLY A 256 14.52 -5.19 -15.15
CA GLY A 256 15.24 -6.20 -15.93
C GLY A 256 16.60 -6.48 -15.32
N ALA A 257 17.45 -7.20 -16.05
CA ALA A 257 18.74 -7.54 -15.53
C ALA A 257 19.74 -7.75 -16.66
N CYS A 258 20.97 -7.36 -16.36
CA CYS A 258 22.06 -7.65 -17.28
C CYS A 258 22.97 -8.63 -16.56
N THR A 259 23.12 -9.84 -17.11
CA THR A 259 23.91 -10.89 -16.44
C THR A 259 25.12 -11.14 -17.29
N LEU A 260 26.27 -11.02 -16.64
CA LEU A 260 27.56 -11.19 -17.27
C LEU A 260 28.13 -12.52 -16.84
N VAL A 261 28.63 -13.29 -17.80
CA VAL A 261 29.21 -14.59 -17.53
C VAL A 261 30.62 -14.63 -18.07
N ALA A 262 31.56 -15.07 -17.22
CA ALA A 262 32.95 -15.24 -17.70
C ALA A 262 33.51 -16.61 -17.26
N ALA A 263 34.76 -16.87 -17.64
CA ALA A 263 35.29 -18.22 -17.49
C ALA A 263 35.41 -18.65 -16.04
N ASP A 264 35.66 -17.67 -15.17
CA ASP A 264 35.83 -17.93 -13.75
C ASP A 264 35.42 -16.71 -12.92
N SER A 265 35.46 -16.86 -11.58
CA SER A 265 35.02 -15.82 -10.66
CA SER A 265 35.00 -15.80 -10.69
CA SER A 265 35.04 -15.81 -10.66
C SER A 265 35.92 -14.58 -10.72
N GLU A 266 37.23 -14.79 -10.84
CA GLU A 266 38.15 -13.62 -10.90
C GLU A 266 37.88 -12.76 -12.13
N THR A 267 37.69 -13.43 -13.25
CA THR A 267 37.49 -12.74 -14.52
C THR A 267 36.12 -12.03 -14.50
N VAL A 268 35.10 -12.73 -14.03
CA VAL A 268 33.76 -12.07 -14.11
C VAL A 268 33.69 -10.89 -13.13
N ASP A 269 34.30 -11.00 -11.94
CA ASP A 269 34.27 -9.89 -11.00
C ASP A 269 35.01 -8.66 -11.58
N ARG A 270 36.17 -8.90 -12.20
CA ARG A 270 36.94 -7.81 -12.76
C ARG A 270 36.17 -7.14 -13.90
N ALA A 271 35.63 -7.96 -14.80
CA ALA A 271 34.84 -7.42 -15.90
C ALA A 271 33.57 -6.70 -15.38
N PHE A 272 32.93 -7.26 -14.37
CA PHE A 272 31.70 -6.68 -13.86
C PHE A 272 31.96 -5.33 -13.22
N SER A 273 33.17 -5.11 -12.70
CA SER A 273 33.47 -3.81 -12.12
CA SER A 273 33.49 -3.81 -12.12
C SER A 273 33.34 -2.70 -13.17
N GLN A 274 33.68 -3.02 -14.42
CA GLN A 274 33.51 -2.04 -15.50
C GLN A 274 32.06 -1.94 -15.98
N MET A 275 31.31 -3.03 -15.86
CA MET A 275 29.85 -2.98 -16.14
C MET A 275 29.21 -2.06 -15.12
N LYS A 276 29.63 -2.15 -13.83
CA LYS A 276 29.10 -1.24 -12.82
CA LYS A 276 29.14 -1.24 -12.80
C LYS A 276 29.51 0.19 -13.12
N ALA A 277 30.75 0.40 -13.59
CA ALA A 277 31.16 1.76 -13.98
C ALA A 277 30.26 2.32 -15.10
N ALA A 278 29.87 1.45 -16.03
CA ALA A 278 29.01 1.86 -17.17
C ALA A 278 27.61 2.26 -16.67
N ILE A 279 27.14 1.56 -15.64
CA ILE A 279 25.82 1.89 -15.04
C ILE A 279 25.92 3.23 -14.30
N ARG A 280 27.00 3.39 -13.55
CA ARG A 280 27.18 4.59 -12.72
C ARG A 280 27.09 5.88 -13.57
N ALA A 281 27.71 5.84 -14.72
CA ALA A 281 27.77 6.95 -15.67
C ALA A 281 26.51 7.10 -16.48
N ASN A 282 25.52 6.26 -16.23
CA ASN A 282 24.27 6.33 -17.01
C ASN A 282 23.11 6.81 -16.07
N TYR A 283 22.67 5.94 -15.17
CA TYR A 283 21.55 6.32 -14.27
C TYR A 283 21.91 6.09 -12.79
N SER A 284 23.19 5.82 -12.53
CA SER A 284 23.81 5.72 -11.21
C SER A 284 23.49 4.43 -10.45
N ASN A 285 22.20 4.12 -10.27
CA ASN A 285 21.78 2.91 -9.60
C ASN A 285 20.29 2.72 -9.94
N PRO A 286 19.75 1.48 -9.82
CA PRO A 286 18.48 1.20 -10.51
C PRO A 286 17.23 1.42 -9.61
N PRO A 287 16.05 1.50 -10.24
CA PRO A 287 14.84 1.81 -9.46
C PRO A 287 14.36 0.61 -8.61
N ALA A 288 14.18 0.85 -7.30
CA ALA A 288 13.90 -0.25 -6.39
C ALA A 288 12.53 -0.93 -6.54
N HIS A 289 11.47 -0.14 -6.75
CA HIS A 289 10.11 -0.62 -6.47
C HIS A 289 9.82 -1.88 -7.30
N GLY A 290 9.99 -1.83 -8.64
CA GLY A 290 9.61 -3.01 -9.44
C GLY A 290 10.48 -4.22 -9.12
N ALA A 291 11.78 -3.97 -9.00
CA ALA A 291 12.67 -5.11 -8.76
C ALA A 291 12.41 -5.68 -7.34
N SER A 292 12.15 -4.79 -6.40
CA SER A 292 11.83 -5.29 -5.05
CA SER A 292 11.77 -5.24 -5.04
C SER A 292 10.58 -6.18 -5.08
N VAL A 293 9.59 -5.79 -5.89
CA VAL A 293 8.38 -6.64 -6.03
C VAL A 293 8.82 -8.01 -6.55
N VAL A 294 9.66 -8.01 -7.61
CA VAL A 294 10.13 -9.29 -8.19
C VAL A 294 10.90 -10.14 -7.15
N ALA A 295 11.85 -9.54 -6.46
CA ALA A 295 12.59 -10.30 -5.43
C ALA A 295 11.67 -10.82 -4.31
N THR A 296 10.76 -9.98 -3.87
CA THR A 296 9.80 -10.36 -2.81
C THR A 296 8.98 -11.60 -3.22
N ILE A 297 8.47 -11.58 -4.44
CA ILE A 297 7.70 -12.69 -5.00
C ILE A 297 8.56 -13.94 -5.20
N LEU A 298 9.74 -13.80 -5.84
CA LEU A 298 10.49 -14.99 -6.20
C LEU A 298 11.05 -15.70 -4.98
N SER A 299 11.27 -14.95 -3.91
CA SER A 299 11.94 -15.51 -2.73
C SER A 299 10.95 -15.97 -1.66
N ASN A 300 9.66 -15.88 -1.96
CA ASN A 300 8.61 -16.30 -1.02
C ASN A 300 7.75 -17.42 -1.65
N ASP A 301 7.66 -18.58 -0.97
CA ASP A 301 7.01 -19.75 -1.58
C ASP A 301 5.58 -19.43 -1.97
N ALA A 302 4.84 -18.79 -1.07
CA ALA A 302 3.40 -18.48 -1.31
C ALA A 302 3.23 -17.52 -2.52
N LEU A 303 3.89 -16.37 -2.45
CA LEU A 303 3.81 -15.44 -3.58
C LEU A 303 4.31 -16.02 -4.90
N ARG A 304 5.42 -16.77 -4.87
N ARG A 304 5.40 -16.77 -4.87
CA ARG A 304 5.97 -17.33 -6.10
CA ARG A 304 7.99 -18.33 -5.82
CA ARG A 304 5.98 -17.33 -6.09
C ARG A 304 4.95 -18.27 -6.75
C ARG A 304 4.99 -18.30 -6.75
N ALA A 305 4.24 -19.05 -5.94
CA ALA A 305 3.23 -19.97 -6.47
C ALA A 305 2.07 -19.22 -7.11
N ILE A 306 1.61 -18.15 -6.49
CA ILE A 306 0.52 -17.32 -7.04
C ILE A 306 0.99 -16.72 -8.37
N TRP A 307 2.21 -16.18 -8.35
CA TRP A 307 2.79 -15.59 -9.59
C TRP A 307 2.98 -16.63 -10.69
N GLU A 308 3.58 -17.78 -10.39
CA GLU A 308 3.77 -18.78 -11.44
C GLU A 308 2.44 -19.15 -12.08
N GLN A 309 1.41 -19.29 -11.27
CA GLN A 309 0.12 -19.60 -11.90
C GLN A 309 -0.44 -18.43 -12.73
N GLU A 310 -0.28 -17.18 -12.28
CA GLU A 310 -0.71 -16.07 -13.16
CA GLU A 310 -0.68 -16.02 -13.11
C GLU A 310 0.02 -16.06 -14.47
N LEU A 311 1.27 -16.43 -14.44
CA LEU A 311 2.08 -16.43 -15.67
C LEU A 311 1.61 -17.57 -16.56
N THR A 312 1.35 -18.72 -15.94
CA THR A 312 0.77 -19.85 -16.69
C THR A 312 -0.57 -19.48 -17.33
N ASP A 313 -1.41 -18.77 -16.58
CA ASP A 313 -2.70 -18.31 -17.11
C ASP A 313 -2.48 -17.44 -18.35
N MET A 314 -1.46 -16.58 -18.32
CA MET A 314 -1.19 -15.74 -19.53
C MET A 314 -0.74 -16.61 -20.72
N ARG A 315 0.24 -17.48 -20.46
CA ARG A 315 0.76 -18.37 -21.50
CA ARG A 315 0.74 -18.35 -21.53
CA ARG A 315 0.76 -18.43 -21.48
C ARG A 315 -0.39 -19.19 -22.13
N GLN A 316 -1.26 -19.72 -21.30
CA GLN A 316 -2.35 -20.56 -21.78
C GLN A 316 -3.40 -19.76 -22.51
N ARG A 317 -3.69 -18.53 -22.06
CA ARG A 317 -4.67 -17.74 -22.77
C ARG A 317 -4.17 -17.40 -24.17
N ILE A 318 -2.87 -17.12 -24.27
CA ILE A 318 -2.25 -16.84 -25.58
C ILE A 318 -2.40 -18.05 -26.49
N GLN A 319 -2.13 -19.23 -25.95
CA GLN A 319 -2.28 -20.45 -26.74
C GLN A 319 -3.73 -20.70 -27.18
N ARG A 320 -4.70 -20.46 -26.29
CA ARG A 320 -6.11 -20.58 -26.66
C ARG A 320 -6.48 -19.59 -27.78
N MET A 321 -5.93 -18.37 -27.73
CA MET A 321 -6.26 -17.44 -28.81
C MET A 321 -5.61 -17.87 -30.14
N ARG A 322 -4.41 -18.42 -30.08
CA ARG A 322 -3.76 -18.91 -31.30
C ARG A 322 -4.67 -19.98 -31.95
N GLN A 323 -5.13 -20.93 -31.15
CA GLN A 323 -6.02 -21.99 -31.65
C GLN A 323 -7.33 -21.42 -32.16
N LEU A 324 -7.92 -20.50 -31.40
CA LEU A 324 -9.22 -19.93 -31.78
CA LEU A 324 -9.22 -19.94 -31.77
C LEU A 324 -9.09 -19.10 -33.05
N PHE A 325 -7.96 -18.43 -33.21
CA PHE A 325 -7.72 -17.61 -34.41
C PHE A 325 -7.67 -18.51 -35.68
N VAL A 326 -6.89 -19.57 -35.63
CA VAL A 326 -6.79 -20.53 -36.76
C VAL A 326 -8.17 -21.19 -37.08
N ASN A 327 -8.86 -21.66 -36.03
CA ASN A 327 -10.19 -22.24 -36.21
C ASN A 327 -11.17 -21.25 -36.81
N THR A 328 -11.15 -20.02 -36.32
CA THR A 328 -12.15 -19.05 -36.75
C THR A 328 -11.85 -18.56 -38.15
N LEU A 329 -10.58 -18.44 -38.50
CA LEU A 329 -10.25 -18.08 -39.88
C LEU A 329 -10.77 -19.16 -40.85
N GLN A 330 -10.59 -20.42 -40.46
CA GLN A 330 -11.08 -21.52 -41.29
C GLN A 330 -12.60 -21.47 -41.45
N GLU A 331 -13.29 -21.22 -40.33
N GLU A 331 -13.32 -21.28 -40.34
CA GLU A 331 -14.74 -21.12 -40.28
CA GLU A 331 -14.76 -21.20 -40.39
C GLU A 331 -15.33 -19.88 -40.95
C GLU A 331 -15.24 -19.99 -41.22
N LYS A 332 -14.50 -18.87 -41.20
CA LYS A 332 -14.98 -17.66 -41.89
C LYS A 332 -14.55 -17.64 -43.35
N GLY A 333 -13.98 -18.74 -43.82
CA GLY A 333 -13.68 -18.91 -45.22
C GLY A 333 -12.35 -18.36 -45.70
N ALA A 334 -11.31 -18.56 -44.91
CA ALA A 334 -9.98 -18.24 -45.40
C ALA A 334 -9.66 -19.58 -45.98
N ASN A 335 -9.25 -19.62 -47.22
CA ASN A 335 -9.13 -20.95 -47.76
C ASN A 335 -7.68 -21.31 -47.80
N ARG A 336 -6.98 -21.03 -46.71
CA ARG A 336 -5.54 -21.27 -46.72
C ARG A 336 -5.04 -21.62 -45.33
N ASP A 337 -3.86 -22.22 -45.33
CA ASP A 337 -3.30 -22.78 -44.11
C ASP A 337 -2.79 -21.70 -43.15
N PHE A 338 -3.43 -21.56 -42.00
CA PHE A 338 -2.87 -20.70 -40.95
C PHE A 338 -2.39 -21.51 -39.76
N SER A 339 -2.26 -22.83 -39.93
CA SER A 339 -1.86 -23.72 -38.84
CA SER A 339 -1.88 -23.69 -38.82
C SER A 339 -0.50 -23.37 -38.21
N PHE A 340 0.34 -22.65 -38.96
CA PHE A 340 1.63 -22.21 -38.44
C PHE A 340 1.48 -21.35 -37.20
N ILE A 341 0.33 -20.70 -37.07
CA ILE A 341 0.05 -19.87 -35.90
C ILE A 341 0.04 -20.69 -34.59
N ILE A 342 -0.41 -21.93 -34.66
CA ILE A 342 -0.52 -22.81 -33.48
CA ILE A 342 -0.53 -22.76 -33.46
C ILE A 342 0.85 -23.13 -32.92
N LYS A 343 1.84 -23.21 -33.82
CA LYS A 343 3.15 -23.67 -33.43
CA LYS A 343 3.15 -23.68 -33.43
C LYS A 343 4.05 -22.51 -32.99
N GLN A 344 3.64 -21.29 -33.29
CA GLN A 344 4.50 -20.17 -32.89
C GLN A 344 4.29 -19.82 -31.38
N ASN A 345 5.29 -19.11 -30.82
CA ASN A 345 5.42 -18.94 -29.38
C ASN A 345 5.35 -17.49 -28.94
N GLY A 346 4.48 -17.21 -27.97
CA GLY A 346 4.48 -15.89 -27.37
C GLY A 346 3.32 -15.06 -27.87
N MET A 347 3.40 -13.75 -27.65
CA MET A 347 2.34 -12.83 -28.00
CA MET A 347 2.29 -12.89 -28.02
C MET A 347 2.24 -12.59 -29.50
N PHE A 348 3.38 -12.70 -30.16
CA PHE A 348 3.48 -12.20 -31.55
C PHE A 348 3.63 -13.26 -32.63
N SER A 349 3.01 -12.99 -33.80
CA SER A 349 3.22 -13.78 -35.03
C SER A 349 3.12 -12.85 -36.21
N PHE A 350 3.90 -13.10 -37.26
CA PHE A 350 3.59 -12.53 -38.57
C PHE A 350 2.32 -13.21 -39.09
N SER A 351 1.30 -12.43 -39.40
CA SER A 351 0.04 -12.97 -39.95
C SER A 351 0.23 -13.51 -41.37
N GLY A 352 1.25 -13.02 -42.05
CA GLY A 352 1.43 -13.33 -43.46
C GLY A 352 0.78 -12.32 -44.40
N LEU A 353 0.10 -11.32 -43.84
CA LEU A 353 -0.50 -10.22 -44.59
C LEU A 353 0.54 -9.22 -45.09
N THR A 354 0.29 -8.65 -46.26
CA THR A 354 1.25 -7.68 -46.80
C THR A 354 1.06 -6.32 -46.15
N LYS A 355 2.01 -5.42 -46.38
CA LYS A 355 1.89 -4.07 -45.85
C LYS A 355 0.62 -3.39 -46.38
N GLU A 356 0.23 -3.65 -47.62
CA GLU A 356 -1.01 -3.08 -48.15
C GLU A 356 -2.26 -3.72 -47.56
N GLN A 357 -2.23 -5.03 -47.36
CA GLN A 357 -3.36 -5.65 -46.64
C GLN A 357 -3.52 -5.10 -45.26
N VAL A 358 -2.40 -4.85 -44.58
CA VAL A 358 -2.44 -4.31 -43.23
C VAL A 358 -3.04 -2.89 -43.26
N LEU A 359 -2.61 -2.08 -44.24
CA LEU A 359 -3.20 -0.74 -44.39
C LEU A 359 -4.72 -0.81 -44.69
N ARG A 360 -5.11 -1.75 -45.55
CA ARG A 360 -6.51 -1.93 -45.89
CA ARG A 360 -6.52 -1.90 -45.88
C ARG A 360 -7.34 -2.36 -44.66
N LEU A 361 -6.73 -3.20 -43.83
N LEU A 361 -6.74 -3.24 -43.86
CA LEU A 361 -7.39 -3.68 -42.61
CA LEU A 361 -7.36 -3.68 -42.59
C LEU A 361 -7.66 -2.56 -41.61
C LEU A 361 -7.71 -2.48 -41.73
N ARG A 362 -6.72 -1.62 -41.52
CA ARG A 362 -6.88 -0.41 -40.72
CA ARG A 362 -6.87 -0.40 -40.74
C ARG A 362 -7.93 0.52 -41.32
N GLU A 363 -7.78 0.85 -42.60
CA GLU A 363 -8.64 1.85 -43.21
C GLU A 363 -10.07 1.38 -43.42
N GLU A 364 -10.32 0.15 -43.87
CA GLU A 364 -11.68 -0.30 -44.17
CA GLU A 364 -11.68 -0.28 -44.15
C GLU A 364 -12.37 -0.99 -42.98
N PHE A 365 -11.59 -1.59 -42.09
CA PHE A 365 -12.21 -2.40 -41.04
C PHE A 365 -11.84 -1.99 -39.62
N GLY A 366 -10.96 -1.02 -39.47
CA GLY A 366 -10.56 -0.58 -38.14
C GLY A 366 -9.80 -1.64 -37.35
N VAL A 367 -9.17 -2.58 -38.06
CA VAL A 367 -8.30 -3.57 -37.42
C VAL A 367 -6.87 -3.17 -37.61
N TYR A 368 -6.16 -2.98 -36.49
CA TYR A 368 -4.81 -2.41 -36.48
C TYR A 368 -3.74 -3.47 -36.23
N ALA A 369 -2.85 -3.64 -37.20
CA ALA A 369 -1.63 -4.42 -36.94
C ALA A 369 -0.42 -3.59 -37.32
N VAL A 370 0.77 -4.09 -37.04
CA VAL A 370 2.00 -3.42 -37.45
C VAL A 370 2.17 -3.62 -38.97
N ALA A 371 2.81 -2.68 -39.69
CA ALA A 371 2.94 -2.75 -41.16
C ALA A 371 3.60 -4.04 -41.67
N SER A 372 4.43 -4.64 -40.83
CA SER A 372 5.06 -5.92 -41.15
C SER A 372 4.08 -7.12 -41.20
N GLY A 373 2.85 -6.93 -40.75
CA GLY A 373 1.90 -8.02 -40.57
C GLY A 373 1.92 -8.67 -39.19
N ARG A 374 2.78 -8.16 -38.30
CA ARG A 374 2.83 -8.72 -36.92
C ARG A 374 1.53 -8.41 -36.19
N VAL A 375 0.96 -9.44 -35.53
CA VAL A 375 -0.21 -9.25 -34.72
C VAL A 375 0.10 -9.79 -33.33
N ASN A 376 -0.46 -9.10 -32.35
CA ASN A 376 -0.39 -9.55 -30.97
CA ASN A 376 -0.41 -9.54 -30.96
C ASN A 376 -1.63 -10.39 -30.65
N VAL A 377 -1.43 -11.69 -30.56
CA VAL A 377 -2.50 -12.62 -30.23
CA VAL A 377 -2.60 -12.52 -30.29
C VAL A 377 -3.23 -12.28 -28.91
N ALA A 378 -2.54 -11.63 -27.97
CA ALA A 378 -3.24 -11.26 -26.72
C ALA A 378 -4.21 -10.07 -26.88
N GLY A 379 -4.22 -9.42 -28.03
CA GLY A 379 -5.25 -8.44 -28.34
C GLY A 379 -6.53 -9.10 -28.83
N MET A 380 -6.46 -10.41 -29.00
CA MET A 380 -7.60 -11.20 -29.42
C MET A 380 -8.36 -11.75 -28.21
N THR A 381 -9.67 -11.75 -28.31
CA THR A 381 -10.53 -12.32 -27.28
C THR A 381 -11.62 -13.18 -27.94
N PRO A 382 -12.28 -14.06 -27.15
CA PRO A 382 -13.38 -14.81 -27.76
C PRO A 382 -14.43 -13.88 -28.38
N ASP A 383 -14.62 -12.71 -27.78
CA ASP A 383 -15.66 -11.81 -28.28
C ASP A 383 -15.28 -11.06 -29.54
N ASN A 384 -14.01 -10.70 -29.70
CA ASN A 384 -13.67 -9.94 -30.90
C ASN A 384 -13.10 -10.78 -32.02
N MET A 385 -12.99 -12.09 -31.80
CA MET A 385 -12.36 -12.98 -32.78
C MET A 385 -13.14 -13.04 -34.09
N ALA A 386 -14.47 -13.15 -34.02
CA ALA A 386 -15.24 -13.27 -35.28
C ALA A 386 -15.11 -12.05 -36.18
N PRO A 387 -15.35 -10.83 -35.65
CA PRO A 387 -15.18 -9.68 -36.53
C PRO A 387 -13.76 -9.54 -37.07
N LEU A 388 -12.78 -9.84 -36.22
CA LEU A 388 -11.38 -9.76 -36.59
CA LEU A 388 -11.38 -9.76 -36.59
C LEU A 388 -11.13 -10.65 -37.80
N CYS A 389 -11.62 -11.88 -37.71
CA CYS A 389 -11.34 -12.85 -38.74
C CYS A 389 -12.15 -12.55 -39.99
N GLU A 390 -13.37 -12.05 -39.82
CA GLU A 390 -14.14 -11.64 -41.01
C GLU A 390 -13.42 -10.55 -41.81
N ALA A 391 -12.85 -9.58 -41.10
CA ALA A 391 -12.08 -8.50 -41.74
C ALA A 391 -10.83 -9.03 -42.46
N ILE A 392 -10.08 -9.90 -41.80
CA ILE A 392 -8.91 -10.51 -42.43
C ILE A 392 -9.26 -11.28 -43.72
N VAL A 393 -10.27 -12.12 -43.61
CA VAL A 393 -10.71 -12.91 -44.78
C VAL A 393 -11.06 -11.97 -45.93
N ALA A 394 -11.65 -10.82 -45.59
CA ALA A 394 -12.06 -9.85 -46.61
C ALA A 394 -10.88 -9.19 -47.34
N VAL A 395 -9.70 -9.14 -46.74
CA VAL A 395 -8.60 -8.52 -47.46
C VAL A 395 -7.66 -9.57 -48.07
N LEU A 396 -7.92 -10.86 -47.87
CA LEU A 396 -7.04 -11.88 -48.45
C LEU A 396 -7.12 -11.91 -50.00
N MET B 1 37.02 -12.89 -24.60
CA MET B 1 36.64 -11.48 -24.76
CA MET B 1 36.75 -11.47 -24.81
CA MET B 1 36.78 -11.46 -24.81
C MET B 1 36.93 -10.64 -23.53
N PHE B 2 36.76 -11.25 -22.36
CA PHE B 2 36.83 -10.49 -21.09
C PHE B 2 38.11 -10.72 -20.32
N GLU B 3 38.98 -11.61 -20.80
CA GLU B 3 40.13 -12.04 -20.00
C GLU B 3 41.12 -10.89 -19.66
N ASN B 4 41.21 -9.89 -20.52
CA ASN B 4 42.16 -8.80 -20.28
C ASN B 4 41.57 -7.46 -19.82
N ILE B 5 40.30 -7.46 -19.43
CA ILE B 5 39.70 -6.23 -18.98
C ILE B 5 40.36 -5.72 -17.69
N THR B 6 40.67 -4.44 -17.67
CA THR B 6 41.19 -3.77 -16.49
CA THR B 6 41.20 -3.85 -16.46
C THR B 6 40.08 -3.46 -15.49
N ALA B 7 40.29 -3.77 -14.22
CA ALA B 7 39.29 -3.46 -13.20
C ALA B 7 39.04 -1.95 -13.14
N ALA B 8 37.80 -1.59 -12.85
CA ALA B 8 37.47 -0.18 -12.66
C ALA B 8 38.24 0.37 -11.46
N PRO B 9 38.57 1.66 -11.51
CA PRO B 9 39.26 2.29 -10.39
C PRO B 9 38.45 2.16 -9.08
N ALA B 10 39.18 2.28 -7.97
CA ALA B 10 38.74 1.85 -6.65
C ALA B 10 37.34 2.21 -6.15
N ASP B 11 36.82 3.40 -6.43
CA ASP B 11 35.53 3.84 -5.86
C ASP B 11 35.63 4.11 -4.34
N PRO B 12 36.00 5.35 -3.98
CA PRO B 12 36.31 5.65 -2.58
C PRO B 12 35.02 5.68 -1.73
N ILE B 13 33.89 5.83 -2.41
CA ILE B 13 32.62 5.99 -1.73
C ILE B 13 32.13 4.70 -1.09
N LEU B 14 32.30 3.58 -1.78
CA LEU B 14 31.60 2.35 -1.37
C LEU B 14 32.02 1.54 -0.10
N GLY B 15 33.23 1.65 0.44
CA GLY B 15 34.40 2.34 -0.08
C GLY B 15 34.86 2.79 1.29
N LEU B 16 34.61 4.08 1.51
CA LEU B 16 34.48 4.65 2.84
C LEU B 16 33.41 3.87 3.65
N ALA B 17 32.28 3.60 2.99
CA ALA B 17 31.13 2.93 3.62
C ALA B 17 31.48 1.58 4.26
N ASP B 18 32.19 0.76 3.50
CA ASP B 18 32.59 -0.55 3.99
C ASP B 18 33.50 -0.51 5.19
N LEU B 19 34.44 0.43 5.18
CA LEU B 19 35.38 0.58 6.30
C LEU B 19 34.60 0.98 7.55
N PHE B 20 33.64 1.88 7.36
CA PHE B 20 32.83 2.37 8.47
C PHE B 20 32.02 1.24 9.09
N ARG B 21 31.39 0.44 8.23
CA ARG B 21 30.61 -0.71 8.69
C ARG B 21 31.51 -1.65 9.46
N ALA B 22 32.69 -1.95 8.91
CA ALA B 22 33.59 -2.88 9.56
C ALA B 22 34.12 -2.34 10.89
N ASP B 23 34.14 -1.02 11.08
CA ASP B 23 34.71 -0.41 12.29
C ASP B 23 33.98 -0.86 13.57
N GLU B 24 34.73 -1.35 14.55
CA GLU B 24 34.11 -1.92 15.75
C GLU B 24 34.03 -0.94 16.88
N ARG B 25 34.57 0.25 16.66
CA ARG B 25 34.60 1.24 17.72
C ARG B 25 33.26 1.92 18.00
N PRO B 26 32.98 2.08 19.29
CA PRO B 26 32.11 3.16 19.76
C PRO B 26 32.96 4.43 19.77
N GLY B 27 32.38 5.59 19.49
CA GLY B 27 31.09 5.72 18.88
C GLY B 27 31.53 6.30 17.55
N LYS B 28 31.68 5.43 16.57
CA LYS B 28 32.09 5.84 15.22
C LYS B 28 30.99 6.71 14.64
N ILE B 29 31.35 7.59 13.69
CA ILE B 29 30.40 8.54 13.10
C ILE B 29 30.67 8.69 11.62
N ASN B 30 29.64 8.56 10.81
CA ASN B 30 29.80 8.65 9.37
C ASN B 30 29.29 9.97 8.79
N LEU B 31 30.21 10.88 8.47
CA LEU B 31 29.87 12.15 7.81
C LEU B 31 30.14 12.06 6.33
N GLY B 32 30.44 10.85 5.85
CA GLY B 32 30.77 10.72 4.43
C GLY B 32 29.51 10.39 3.64
N ILE B 33 28.43 10.11 4.37
CA ILE B 33 27.16 9.73 3.75
C ILE B 33 26.67 10.75 2.71
N GLY B 34 25.92 10.31 1.70
CA GLY B 34 25.47 11.25 0.67
C GLY B 34 23.97 11.54 0.74
N VAL B 35 23.30 11.08 1.78
CA VAL B 35 21.84 11.29 1.95
C VAL B 35 21.50 12.06 3.24
N TYR B 36 20.25 12.53 3.32
CA TYR B 36 19.76 13.15 4.53
C TYR B 36 19.53 12.09 5.62
N LYS B 37 19.85 12.45 6.84
CA LYS B 37 19.43 11.68 8.03
C LYS B 37 18.74 12.61 9.01
N ASP B 38 17.75 12.10 9.72
CA ASP B 38 17.07 12.91 10.72
C ASP B 38 17.85 12.81 12.04
N GLU B 39 17.22 13.35 13.07
N GLU B 39 17.27 13.36 13.09
CA GLU B 39 17.83 13.49 14.38
CA GLU B 39 17.96 13.45 14.37
C GLU B 39 18.10 12.15 15.08
C GLU B 39 18.26 12.07 14.97
N THR B 40 17.43 11.08 14.62
CA THR B 40 17.65 9.74 15.12
C THR B 40 18.66 8.93 14.28
N GLY B 41 19.22 9.53 13.22
CA GLY B 41 20.19 8.86 12.38
C GLY B 41 19.55 8.00 11.32
N LYS B 42 18.26 8.22 11.06
CA LYS B 42 17.56 7.44 10.05
CA LYS B 42 17.56 7.44 10.04
C LYS B 42 17.29 8.26 8.78
N THR B 43 17.03 7.58 7.70
CA THR B 43 16.66 8.22 6.40
C THR B 43 15.26 7.63 6.12
N PRO B 44 14.23 8.11 6.84
N PRO B 44 14.23 8.19 6.77
CA PRO B 44 12.95 7.42 6.67
CA PRO B 44 12.92 7.52 6.64
C PRO B 44 12.20 7.82 5.41
C PRO B 44 12.27 7.78 5.32
N VAL B 45 11.24 7.00 5.02
CA VAL B 45 10.35 7.34 3.94
C VAL B 45 9.49 8.51 4.45
N LEU B 46 9.39 9.59 3.67
CA LEU B 46 8.56 10.73 4.05
CA LEU B 46 8.58 10.72 4.06
C LEU B 46 7.12 10.31 4.23
N THR B 47 6.43 10.97 5.15
CA THR B 47 5.04 10.60 5.40
C THR B 47 4.17 10.88 4.17
N SER B 48 4.44 12.01 3.53
CA SER B 48 3.72 12.33 2.31
C SER B 48 3.88 11.26 1.24
N VAL B 49 5.11 10.72 1.16
CA VAL B 49 5.40 9.65 0.22
C VAL B 49 4.66 8.37 0.60
N LYS B 50 4.67 7.97 1.87
CA LYS B 50 3.91 6.79 2.27
C LYS B 50 2.43 6.96 1.91
N LYS B 51 1.87 8.16 2.17
CA LYS B 51 0.46 8.40 1.87
C LYS B 51 0.17 8.29 0.38
N ALA B 52 1.10 8.84 -0.42
CA ALA B 52 0.95 8.73 -1.86
C ALA B 52 1.06 7.26 -2.30
N GLU B 53 2.01 6.52 -1.74
CA GLU B 53 2.17 5.10 -2.14
C GLU B 53 0.90 4.27 -1.83
N GLN B 54 0.28 4.56 -0.69
CA GLN B 54 -0.99 3.90 -0.34
CA GLN B 54 -1.01 3.94 -0.31
C GLN B 54 -2.06 4.20 -1.36
N TYR B 55 -2.18 5.46 -1.77
CA TYR B 55 -3.12 5.87 -2.80
C TYR B 55 -2.84 5.12 -4.11
N LEU B 56 -1.56 5.04 -4.51
CA LEU B 56 -1.28 4.31 -5.75
C LEU B 56 -1.61 2.82 -5.63
N LEU B 57 -1.35 2.20 -4.48
CA LEU B 57 -1.67 0.79 -4.28
C LEU B 57 -3.19 0.62 -4.47
N GLU B 58 -3.93 1.60 -3.97
CA GLU B 58 -5.39 1.49 -4.00
C GLU B 58 -5.98 1.74 -5.35
N ASN B 59 -5.32 2.56 -6.15
CA ASN B 59 -5.93 3.10 -7.36
CA ASN B 59 -5.96 3.06 -7.35
C ASN B 59 -5.32 2.65 -8.67
N GLU B 60 -4.06 2.20 -8.64
CA GLU B 60 -3.48 1.72 -9.92
C GLU B 60 -4.18 0.49 -10.44
N THR B 61 -4.55 0.51 -11.72
CA THR B 61 -5.14 -0.67 -12.32
C THR B 61 -4.33 -1.26 -13.49
N THR B 62 -3.16 -0.67 -13.77
CA THR B 62 -2.31 -1.24 -14.80
C THR B 62 -0.89 -0.80 -14.53
N LYS B 63 0.09 -1.56 -15.02
CA LYS B 63 1.46 -1.08 -15.09
C LYS B 63 1.88 -0.81 -16.54
N ASN B 64 0.91 -0.59 -17.43
CA ASN B 64 1.25 -0.34 -18.84
CA ASN B 64 1.28 -0.38 -18.85
C ASN B 64 2.28 0.77 -18.99
N TYR B 65 3.19 0.64 -19.95
CA TYR B 65 4.28 1.60 -20.14
C TYR B 65 3.85 3.05 -20.13
N LEU B 66 4.66 3.90 -19.50
CA LEU B 66 4.52 5.32 -19.75
C LEU B 66 5.04 5.68 -21.13
N GLY B 67 4.68 6.89 -21.57
CA GLY B 67 5.34 7.49 -22.73
C GLY B 67 6.83 7.62 -22.44
N ILE B 68 7.61 7.88 -23.50
CA ILE B 68 9.05 7.99 -23.41
C ILE B 68 9.44 9.07 -22.43
N ASP B 69 8.65 10.15 -22.43
CA ASP B 69 8.94 11.28 -21.53
C ASP B 69 8.21 11.20 -20.17
N GLY B 70 7.53 10.07 -19.92
CA GLY B 70 6.97 9.81 -18.59
C GLY B 70 5.60 10.43 -18.37
N ILE B 71 5.27 10.65 -17.11
CA ILE B 71 3.92 11.09 -16.68
C ILE B 71 3.75 12.59 -16.99
N PRO B 72 2.75 12.95 -17.80
CA PRO B 72 2.54 14.37 -18.13
C PRO B 72 2.41 15.28 -16.92
N GLU B 73 1.62 14.89 -15.90
CA GLU B 73 1.50 15.74 -14.70
C GLU B 73 2.86 15.97 -14.02
N PHE B 74 3.69 14.96 -13.98
CA PHE B 74 5.07 15.07 -13.41
C PHE B 74 5.85 16.16 -14.17
N GLY B 75 5.74 16.13 -15.51
CA GLY B 75 6.41 17.14 -16.33
C GLY B 75 5.89 18.54 -16.03
N ARG B 76 4.57 18.74 -15.95
CA ARG B 76 4.02 20.08 -15.64
C ARG B 76 4.41 20.60 -14.28
N CYS B 77 4.30 19.72 -13.26
CA CYS B 77 4.69 20.06 -11.90
C CYS B 77 6.15 20.40 -11.83
N THR B 78 6.95 19.64 -12.57
CA THR B 78 8.38 19.91 -12.60
C THR B 78 8.65 21.31 -13.18
N GLN B 79 8.03 21.65 -14.31
CA GLN B 79 8.31 22.98 -14.87
C GLN B 79 7.87 24.12 -13.98
N GLU B 80 6.77 23.95 -13.24
N GLU B 80 6.77 23.93 -13.26
CA GLU B 80 6.31 24.99 -12.31
CA GLU B 80 6.30 24.95 -12.32
C GLU B 80 7.32 25.17 -11.15
C GLU B 80 7.33 25.16 -11.19
N LEU B 81 7.85 24.06 -10.63
CA LEU B 81 8.92 24.15 -9.63
C LEU B 81 10.17 24.90 -10.14
N LEU B 82 10.57 24.61 -11.36
CA LEU B 82 11.80 25.17 -11.90
C LEU B 82 11.64 26.66 -12.24
N PHE B 83 10.54 26.97 -12.93
CA PHE B 83 10.43 28.27 -13.59
C PHE B 83 9.46 29.23 -12.92
N GLY B 84 8.60 28.67 -12.08
CA GLY B 84 7.56 29.43 -11.41
C GLY B 84 6.24 29.40 -12.17
N LYS B 85 5.15 29.31 -11.43
CA LYS B 85 3.82 29.41 -11.98
C LYS B 85 3.71 30.70 -12.77
N GLY B 86 3.18 30.62 -13.99
CA GLY B 86 3.03 31.81 -14.81
C GLY B 86 4.27 32.28 -15.55
N SER B 87 5.36 31.51 -15.47
N SER B 87 5.37 31.53 -15.46
CA SER B 87 6.57 31.83 -16.22
CA SER B 87 6.58 31.91 -16.16
C SER B 87 6.28 31.96 -17.71
C SER B 87 6.35 31.94 -17.68
N ALA B 88 6.96 32.90 -18.35
CA ALA B 88 6.82 33.06 -19.78
C ALA B 88 7.26 31.80 -20.51
N LEU B 89 8.26 31.09 -19.97
CA LEU B 89 8.75 29.87 -20.59
C LEU B 89 7.65 28.86 -20.69
N ILE B 90 6.81 28.82 -19.67
CA ILE B 90 5.72 27.86 -19.65
C ILE B 90 4.60 28.37 -20.59
N ASN B 91 4.24 29.62 -20.42
CA ASN B 91 3.16 30.19 -21.22
C ASN B 91 3.44 30.05 -22.70
N ASP B 92 4.70 30.25 -23.09
CA ASP B 92 5.09 30.24 -24.48
C ASP B 92 5.46 28.83 -24.98
N LYS B 93 5.28 27.83 -24.12
CA LYS B 93 5.54 26.44 -24.47
C LYS B 93 6.96 26.24 -25.02
N ARG B 94 7.92 26.86 -24.35
CA ARG B 94 9.31 26.83 -24.81
C ARG B 94 10.08 25.69 -24.13
N ALA B 95 9.41 24.98 -23.23
CA ALA B 95 10.09 23.96 -22.41
C ALA B 95 9.42 22.60 -22.54
N ARG B 96 10.24 21.56 -22.69
CA ARG B 96 9.71 20.16 -22.72
C ARG B 96 10.45 19.39 -21.65
N THR B 97 9.75 18.54 -20.89
CA THR B 97 10.36 17.81 -19.77
C THR B 97 10.24 16.30 -19.99
N ALA B 98 11.36 15.59 -19.88
CA ALA B 98 11.33 14.11 -19.85
C ALA B 98 11.57 13.65 -18.40
N GLN B 99 10.67 12.84 -17.86
CA GLN B 99 10.90 12.11 -16.59
C GLN B 99 12.06 11.14 -16.77
N THR B 100 13.05 11.13 -15.88
CA THR B 100 14.24 10.28 -16.07
C THR B 100 14.53 9.48 -14.81
N PRO B 101 15.36 8.43 -14.91
CA PRO B 101 15.79 7.70 -13.69
C PRO B 101 16.82 8.49 -12.91
N GLY B 102 16.30 9.38 -12.10
CA GLY B 102 17.14 10.22 -11.26
C GLY B 102 17.77 11.42 -11.94
N GLY B 103 18.40 12.27 -11.12
CA GLY B 103 19.16 13.36 -11.71
C GLY B 103 20.30 12.86 -12.59
N THR B 104 20.93 11.78 -12.18
CA THR B 104 22.02 11.20 -13.02
C THR B 104 21.49 10.81 -14.39
N GLY B 105 20.34 10.13 -14.39
CA GLY B 105 19.71 9.75 -15.65
C GLY B 105 19.43 10.99 -16.52
N ALA B 106 19.00 12.08 -15.89
CA ALA B 106 18.75 13.34 -16.67
C ALA B 106 20.02 13.89 -17.27
N LEU B 107 21.10 13.83 -16.49
CA LEU B 107 22.40 14.33 -17.00
C LEU B 107 22.88 13.52 -18.16
N ARG B 108 22.71 12.21 -18.10
CA ARG B 108 23.18 11.34 -19.20
CA ARG B 108 23.14 11.32 -19.18
C ARG B 108 22.30 11.51 -20.43
N VAL B 109 20.99 11.63 -20.22
CA VAL B 109 20.12 11.94 -21.37
C VAL B 109 20.54 13.27 -22.01
N ALA B 110 20.80 14.29 -21.15
CA ALA B 110 21.24 15.57 -21.73
C ALA B 110 22.51 15.38 -22.55
N ALA B 111 23.41 14.61 -21.98
CA ALA B 111 24.74 14.39 -22.62
C ALA B 111 24.63 13.63 -23.95
N ASP B 112 23.84 12.56 -23.97
CA ASP B 112 23.62 11.80 -25.19
C ASP B 112 22.94 12.63 -26.27
N PHE B 113 21.91 13.35 -25.84
CA PHE B 113 21.19 14.29 -26.72
C PHE B 113 22.18 15.29 -27.36
N LEU B 114 22.99 15.93 -26.53
CA LEU B 114 23.93 16.92 -27.06
C LEU B 114 25.01 16.28 -27.97
N ALA B 115 25.53 15.13 -27.56
CA ALA B 115 26.60 14.49 -28.36
C ALA B 115 26.09 14.11 -29.75
N LYS B 116 24.85 13.64 -29.86
CA LYS B 116 24.34 13.12 -31.12
CA LYS B 116 24.32 13.11 -31.13
C LYS B 116 23.67 14.16 -32.02
N ASN B 117 23.18 15.26 -31.43
CA ASN B 117 22.39 16.23 -32.20
C ASN B 117 22.90 17.67 -32.30
N THR B 118 24.06 17.94 -31.70
CA THR B 118 24.65 19.28 -31.72
C THR B 118 26.15 19.20 -31.94
N SER B 119 26.78 20.37 -32.02
CA SER B 119 28.23 20.44 -32.19
C SER B 119 28.97 20.47 -30.85
N VAL B 120 28.25 20.29 -29.74
CA VAL B 120 28.92 20.34 -28.44
C VAL B 120 30.01 19.27 -28.33
N LYS B 121 31.19 19.68 -27.91
CA LYS B 121 32.24 18.71 -27.68
C LYS B 121 32.73 18.72 -26.24
N ARG B 122 32.41 19.80 -25.53
CA ARG B 122 33.01 20.08 -24.22
CA ARG B 122 33.00 20.10 -24.24
C ARG B 122 31.99 20.60 -23.20
N VAL B 123 32.09 20.10 -21.95
CA VAL B 123 31.28 20.57 -20.82
C VAL B 123 32.22 21.13 -19.72
N TRP B 124 31.97 22.35 -19.29
CA TRP B 124 32.74 22.95 -18.20
C TRP B 124 32.08 22.68 -16.87
N VAL B 125 32.86 22.13 -15.93
CA VAL B 125 32.35 21.75 -14.61
CA VAL B 125 32.29 21.86 -14.61
C VAL B 125 33.18 22.47 -13.54
N SER B 126 32.57 22.86 -12.41
CA SER B 126 33.36 23.52 -11.35
C SER B 126 34.40 22.56 -10.78
N ASN B 127 35.54 23.11 -10.37
CA ASN B 127 36.46 22.36 -9.51
C ASN B 127 36.39 22.93 -8.12
N PRO B 128 35.85 22.15 -7.17
CA PRO B 128 35.38 20.75 -7.21
C PRO B 128 33.92 20.62 -7.66
N SER B 129 33.52 19.39 -7.92
CA SER B 129 32.10 19.09 -8.18
C SER B 129 31.76 17.69 -7.67
N TRP B 130 30.55 17.20 -7.95
CA TRP B 130 30.22 15.80 -7.79
C TRP B 130 31.09 14.98 -8.73
N PRO B 131 31.74 13.91 -8.22
CA PRO B 131 32.75 13.21 -9.03
C PRO B 131 32.13 12.46 -10.22
N ASN B 132 30.83 12.18 -10.21
CA ASN B 132 30.25 11.46 -11.32
C ASN B 132 29.98 12.35 -12.54
N HIS B 133 30.09 13.68 -12.40
CA HIS B 133 29.84 14.58 -13.55
C HIS B 133 30.79 14.23 -14.68
N LYS B 134 32.07 14.04 -14.35
CA LYS B 134 33.05 13.73 -15.38
CA LYS B 134 33.02 13.77 -15.42
C LYS B 134 32.70 12.43 -16.09
N SER B 135 32.35 11.42 -15.29
CA SER B 135 32.06 10.11 -15.83
C SER B 135 30.87 10.13 -16.77
N VAL B 136 29.80 10.84 -16.36
CA VAL B 136 28.61 10.89 -17.18
C VAL B 136 28.90 11.51 -18.54
N PHE B 137 29.51 12.69 -18.53
CA PHE B 137 29.76 13.40 -19.81
C PHE B 137 30.77 12.66 -20.67
N ASN B 138 31.87 12.16 -20.07
CA ASN B 138 32.83 11.36 -20.84
C ASN B 138 32.18 10.12 -21.50
N SER B 139 31.21 9.50 -20.81
CA SER B 139 30.50 8.30 -21.30
CA SER B 139 30.59 8.28 -21.34
C SER B 139 29.81 8.57 -22.63
N ALA B 140 29.38 9.81 -22.79
CA ALA B 140 28.71 10.22 -24.03
C ALA B 140 29.69 10.77 -25.04
N GLY B 141 30.99 10.71 -24.71
CA GLY B 141 32.01 11.15 -25.64
C GLY B 141 32.34 12.62 -25.56
N LEU B 142 31.90 13.26 -24.49
CA LEU B 142 32.13 14.69 -24.30
C LEU B 142 33.33 14.92 -23.36
N GLU B 143 34.20 15.86 -23.74
CA GLU B 143 35.31 16.28 -22.89
CA GLU B 143 35.30 16.25 -22.88
C GLU B 143 34.79 17.12 -21.73
N VAL B 144 35.41 16.97 -20.55
CA VAL B 144 35.07 17.79 -19.41
C VAL B 144 36.27 18.67 -19.08
N ARG B 145 36.02 19.96 -19.00
CA ARG B 145 37.02 20.94 -18.57
CA ARG B 145 37.02 20.89 -18.53
C ARG B 145 36.57 21.55 -17.23
N GLU B 146 37.53 21.97 -16.41
CA GLU B 146 37.17 22.45 -15.07
C GLU B 146 37.30 23.94 -15.00
N TYR B 147 36.39 24.59 -14.27
CA TYR B 147 36.57 26.02 -13.97
C TYR B 147 36.78 26.23 -12.47
N ALA B 148 37.56 27.25 -12.13
CA ALA B 148 37.86 27.55 -10.73
C ALA B 148 36.60 27.96 -9.97
N TYR B 149 36.56 27.67 -8.68
CA TYR B 149 35.31 27.92 -7.95
C TYR B 149 35.55 28.30 -6.48
N TYR B 150 36.42 27.54 -5.83
CA TYR B 150 36.50 27.58 -4.37
C TYR B 150 37.70 28.40 -3.92
N ASP B 151 37.46 29.42 -3.10
CA ASP B 151 38.54 30.15 -2.40
C ASP B 151 38.85 29.42 -1.08
N ALA B 152 39.91 28.63 -1.05
CA ALA B 152 40.23 27.79 0.12
C ALA B 152 40.73 28.59 1.33
N GLU B 153 41.08 29.87 1.12
CA GLU B 153 41.53 30.72 2.21
CA GLU B 153 41.52 30.76 2.20
C GLU B 153 40.33 31.34 2.93
N ASN B 154 39.34 31.81 2.17
CA ASN B 154 38.18 32.47 2.76
C ASN B 154 36.93 31.57 2.84
N HIS B 155 37.05 30.37 2.31
N HIS B 155 37.06 30.34 2.33
CA HIS B 155 36.01 29.32 2.19
CA HIS B 155 35.96 29.38 2.29
C HIS B 155 34.76 29.95 1.56
C HIS B 155 34.75 29.99 1.58
N THR B 156 35.01 30.68 0.48
CA THR B 156 34.01 31.41 -0.27
CA THR B 156 34.00 31.40 -0.28
C THR B 156 34.10 31.13 -1.78
N LEU B 157 33.14 31.65 -2.53
CA LEU B 157 33.20 31.58 -3.98
CA LEU B 157 33.19 31.60 -3.99
C LEU B 157 34.28 32.53 -4.52
N ASP B 158 35.29 31.94 -5.17
CA ASP B 158 36.34 32.72 -5.81
C ASP B 158 35.80 33.22 -7.16
N PHE B 159 35.01 34.29 -7.11
CA PHE B 159 34.23 34.69 -8.29
C PHE B 159 35.15 35.14 -9.42
N ASP B 160 36.21 35.86 -9.05
CA ASP B 160 37.16 36.35 -10.04
C ASP B 160 37.84 35.20 -10.74
N ALA B 161 38.26 34.18 -9.99
CA ALA B 161 38.89 33.02 -10.60
C ALA B 161 37.93 32.25 -11.52
N LEU B 162 36.67 32.16 -11.10
CA LEU B 162 35.62 31.52 -11.88
C LEU B 162 35.53 32.19 -13.25
N ILE B 163 35.28 33.49 -13.24
CA ILE B 163 35.13 34.22 -14.48
C ILE B 163 36.38 34.10 -15.38
N ASN B 164 37.55 34.14 -14.76
CA ASN B 164 38.80 34.03 -15.49
CA ASN B 164 38.81 34.02 -15.48
C ASN B 164 38.93 32.67 -16.17
N SER B 165 38.64 31.61 -15.42
CA SER B 165 38.67 30.24 -15.95
CA SER B 165 38.76 30.28 -16.00
C SER B 165 37.78 30.10 -17.16
N LEU B 166 36.58 30.66 -17.05
CA LEU B 166 35.53 30.43 -18.05
C LEU B 166 35.76 31.25 -19.29
N ASN B 167 36.72 32.16 -19.26
CA ASN B 167 37.01 32.87 -20.49
C ASN B 167 37.72 31.97 -21.50
N GLU B 168 38.18 30.82 -21.08
CA GLU B 168 38.77 29.84 -21.99
CA GLU B 168 38.76 29.87 -22.00
C GLU B 168 37.68 29.03 -22.70
N ALA B 169 36.43 29.10 -22.19
CA ALA B 169 35.32 28.39 -22.82
C ALA B 169 35.00 29.04 -24.19
N GLN B 170 34.86 28.21 -25.23
CA GLN B 170 34.48 28.73 -26.55
C GLN B 170 32.96 28.84 -26.71
N ALA B 171 32.51 29.69 -27.65
CA ALA B 171 31.09 29.71 -27.95
C ALA B 171 30.68 28.31 -28.40
N GLY B 172 29.54 27.86 -27.92
CA GLY B 172 29.04 26.51 -28.23
C GLY B 172 29.47 25.45 -27.21
N ASP B 173 30.28 25.83 -26.21
CA ASP B 173 30.58 24.91 -25.10
C ASP B 173 29.40 24.90 -24.13
N VAL B 174 29.28 23.81 -23.40
CA VAL B 174 28.31 23.74 -22.30
C VAL B 174 28.98 24.15 -20.98
N VAL B 175 28.29 24.96 -20.16
CA VAL B 175 28.81 25.23 -18.84
C VAL B 175 27.80 24.73 -17.83
N LEU B 176 28.25 23.83 -16.97
N LEU B 176 28.27 23.85 -16.96
CA LEU B 176 27.33 23.27 -15.96
CA LEU B 176 27.44 23.27 -15.88
C LEU B 176 27.34 24.11 -14.68
C LEU B 176 27.35 24.16 -14.65
N PHE B 177 26.14 24.42 -14.17
CA PHE B 177 25.95 25.15 -12.95
C PHE B 177 25.13 24.31 -11.97
N HIS B 178 25.57 24.23 -10.71
CA HIS B 178 24.72 23.66 -9.67
C HIS B 178 23.65 24.68 -9.27
N GLY B 179 22.37 24.34 -9.34
CA GLY B 179 21.36 25.35 -9.09
C GLY B 179 21.35 26.01 -7.72
N CYS B 180 21.57 25.19 -6.71
CA CYS B 180 21.71 25.64 -5.32
C CYS B 180 22.41 24.53 -4.58
N CYS B 181 22.90 24.80 -3.37
CA CYS B 181 23.59 23.77 -2.59
C CYS B 181 24.67 23.05 -3.37
N HIS B 182 25.61 23.82 -3.87
CA HIS B 182 26.77 23.29 -4.59
C HIS B 182 27.34 22.09 -3.87
N ASN B 183 27.62 21.02 -4.59
CA ASN B 183 28.20 19.81 -4.03
C ASN B 183 29.63 19.78 -4.59
N PRO B 184 30.67 19.82 -3.74
CA PRO B 184 30.72 19.53 -2.30
C PRO B 184 30.75 20.73 -1.36
N THR B 185 30.79 21.95 -1.89
CA THR B 185 31.13 23.10 -1.04
C THR B 185 30.02 23.81 -0.27
N GLY B 186 28.78 23.67 -0.72
CA GLY B 186 27.69 24.41 -0.10
C GLY B 186 27.74 25.91 -0.38
N ILE B 187 28.64 26.32 -1.27
CA ILE B 187 28.80 27.71 -1.65
C ILE B 187 28.09 28.01 -2.98
N ASP B 188 27.07 28.86 -2.94
CA ASP B 188 26.28 29.21 -4.13
C ASP B 188 26.52 30.67 -4.51
N PRO B 189 26.43 31.00 -5.83
CA PRO B 189 26.40 32.40 -6.24
C PRO B 189 25.30 33.15 -5.54
N THR B 190 25.55 34.43 -5.25
CA THR B 190 24.46 35.29 -4.83
C THR B 190 23.57 35.55 -6.04
N LEU B 191 22.36 36.08 -5.83
CA LEU B 191 21.50 36.43 -6.96
C LEU B 191 22.23 37.39 -7.93
N GLU B 192 22.97 38.34 -7.37
CA GLU B 192 23.68 39.28 -8.26
C GLU B 192 24.78 38.61 -9.05
N GLN B 193 25.44 37.64 -8.43
CA GLN B 193 26.47 36.89 -9.13
C GLN B 193 25.83 36.00 -10.20
N TRP B 194 24.69 35.39 -9.90
CA TRP B 194 23.96 34.64 -10.94
C TRP B 194 23.61 35.50 -12.16
N GLN B 195 23.14 36.71 -11.89
CA GLN B 195 22.76 37.63 -12.96
C GLN B 195 23.97 38.06 -13.82
N THR B 196 25.12 38.28 -13.18
CA THR B 196 26.36 38.54 -13.90
C THR B 196 26.75 37.36 -14.80
N LEU B 197 26.65 36.15 -14.24
CA LEU B 197 26.95 34.93 -14.99
C LEU B 197 25.97 34.74 -16.16
N ALA B 198 24.70 35.06 -15.92
CA ALA B 198 23.70 34.93 -16.98
C ALA B 198 24.07 35.86 -18.14
N GLN B 199 24.51 37.07 -17.83
CA GLN B 199 24.84 38.06 -18.85
CA GLN B 199 24.85 38.06 -18.85
C GLN B 199 26.10 37.61 -19.62
N LEU B 200 27.10 37.15 -18.90
CA LEU B 200 28.33 36.65 -19.48
C LEU B 200 28.07 35.44 -20.38
N SER B 201 27.22 34.52 -19.91
N SER B 201 27.24 34.52 -19.92
N SER B 201 27.22 34.52 -19.92
CA SER B 201 26.89 33.33 -20.69
CA SER B 201 26.94 33.32 -20.71
CA SER B 201 26.90 33.34 -20.70
C SER B 201 26.25 33.67 -22.04
C SER B 201 26.25 33.67 -22.04
C SER B 201 26.26 33.68 -22.03
N VAL B 202 25.37 34.67 -22.02
CA VAL B 202 24.75 35.12 -23.28
C VAL B 202 25.82 35.70 -24.22
N GLU B 203 26.69 36.53 -23.68
CA GLU B 203 27.71 37.19 -24.51
C GLU B 203 28.71 36.23 -25.13
N LYS B 204 29.04 35.15 -24.41
CA LYS B 204 30.09 34.23 -24.79
C LYS B 204 29.55 33.04 -25.56
N GLY B 205 28.24 32.90 -25.64
CA GLY B 205 27.68 31.81 -26.39
C GLY B 205 27.76 30.45 -25.72
N TRP B 206 27.70 30.42 -24.39
CA TRP B 206 27.64 29.16 -23.65
C TRP B 206 26.23 28.57 -23.64
N LEU B 207 26.14 27.24 -23.67
CA LEU B 207 24.85 26.59 -23.39
C LEU B 207 24.83 26.22 -21.90
N PRO B 208 23.94 26.84 -21.13
CA PRO B 208 23.90 26.49 -19.71
C PRO B 208 23.20 25.17 -19.48
N LEU B 209 23.81 24.41 -18.59
CA LEU B 209 23.24 23.17 -18.12
CA LEU B 209 23.25 23.16 -18.10
C LEU B 209 23.18 23.28 -16.60
N PHE B 210 21.95 23.40 -16.07
CA PHE B 210 21.76 23.40 -14.63
C PHE B 210 21.56 22.01 -14.09
N ASP B 211 22.35 21.69 -13.08
CA ASP B 211 22.16 20.49 -12.29
C ASP B 211 21.48 20.93 -10.99
N PHE B 212 20.23 20.50 -10.83
CA PHE B 212 19.37 21.00 -9.74
CA PHE B 212 19.37 20.97 -9.75
C PHE B 212 18.93 19.81 -8.90
N ALA B 213 19.83 19.32 -8.03
CA ALA B 213 19.54 18.15 -7.22
C ALA B 213 19.05 18.46 -5.80
N TYR B 214 19.05 19.73 -5.37
CA TYR B 214 18.73 19.99 -3.95
C TYR B 214 17.75 21.18 -3.82
N GLN B 215 16.83 21.32 -4.76
CA GLN B 215 15.85 22.40 -4.62
C GLN B 215 15.08 22.30 -3.30
N GLY B 216 15.15 23.37 -2.50
CA GLY B 216 14.45 23.39 -1.20
C GLY B 216 15.38 23.21 -0.01
N PHE B 217 16.65 22.86 -0.25
N PHE B 217 16.64 22.81 -0.28
CA PHE B 217 17.54 22.60 0.88
CA PHE B 217 17.59 22.54 0.80
C PHE B 217 18.42 23.80 1.24
C PHE B 217 18.41 23.78 1.22
N ALA B 218 18.41 24.86 0.42
CA ALA B 218 19.23 26.07 0.75
C ALA B 218 18.39 27.06 1.54
N ARG B 219 17.47 27.71 0.85
CA ARG B 219 16.59 28.68 1.52
C ARG B 219 15.11 28.36 1.40
N GLY B 220 14.72 27.81 0.25
CA GLY B 220 13.31 27.48 0.06
C GLY B 220 13.09 27.11 -1.38
N LEU B 221 11.91 26.57 -1.74
CA LEU B 221 11.74 26.10 -3.12
C LEU B 221 11.91 27.25 -4.10
N GLU B 222 11.18 28.36 -3.89
CA GLU B 222 11.25 29.46 -4.89
C GLU B 222 12.62 30.17 -4.89
N GLU B 223 13.16 30.41 -3.71
CA GLU B 223 14.43 31.13 -3.60
CA GLU B 223 14.44 31.11 -3.53
C GLU B 223 15.55 30.30 -4.19
N ASP B 224 15.47 28.99 -4.03
CA ASP B 224 16.55 28.17 -4.56
C ASP B 224 16.59 28.15 -6.08
N ALA B 225 15.47 28.50 -6.72
CA ALA B 225 15.42 28.55 -8.19
C ALA B 225 15.69 29.94 -8.75
N GLU B 226 16.01 30.93 -7.92
CA GLU B 226 16.31 32.29 -8.39
CA GLU B 226 16.19 32.26 -8.49
C GLU B 226 17.40 32.32 -9.45
N GLY B 227 18.48 31.59 -9.20
CA GLY B 227 19.61 31.59 -10.13
C GLY B 227 19.22 31.05 -11.49
N LEU B 228 18.61 29.87 -11.49
CA LEU B 228 18.07 29.30 -12.74
C LEU B 228 17.14 30.23 -13.46
N ARG B 229 16.24 30.86 -12.71
CA ARG B 229 15.27 31.74 -13.35
C ARG B 229 15.93 33.01 -13.89
N ALA B 230 16.97 33.51 -13.22
CA ALA B 230 17.76 34.61 -13.83
C ALA B 230 18.37 34.19 -15.16
N PHE B 231 18.90 32.98 -15.22
CA PHE B 231 19.41 32.47 -16.50
C PHE B 231 18.30 32.31 -17.56
N ALA B 232 17.17 31.76 -17.13
CA ALA B 232 16.05 31.48 -18.04
C ALA B 232 15.52 32.78 -18.65
N ALA B 233 15.57 33.88 -17.89
CA ALA B 233 15.07 35.15 -18.42
C ALA B 233 15.95 35.72 -19.50
N MET B 234 17.22 35.28 -19.54
N MET B 234 17.20 35.27 -19.59
CA MET B 234 18.26 35.86 -20.42
CA MET B 234 18.13 35.88 -20.54
C MET B 234 18.58 34.97 -21.63
C MET B 234 18.37 34.99 -21.75
N HIS B 235 18.23 33.68 -21.55
CA HIS B 235 18.61 32.73 -22.59
C HIS B 235 17.48 32.19 -23.44
N LYS B 236 17.75 32.04 -24.72
CA LYS B 236 16.83 31.29 -25.59
C LYS B 236 16.85 29.81 -25.26
N GLU B 237 18.05 29.28 -24.95
CA GLU B 237 18.22 27.83 -24.82
C GLU B 237 18.89 27.49 -23.49
N LEU B 238 18.42 26.40 -22.88
CA LEU B 238 19.14 25.85 -21.75
C LEU B 238 18.61 24.46 -21.44
N ILE B 239 19.32 23.76 -20.58
CA ILE B 239 18.87 22.44 -20.15
C ILE B 239 18.93 22.36 -18.65
N VAL B 240 17.92 21.75 -18.03
CA VAL B 240 17.92 21.51 -16.58
C VAL B 240 17.84 20.02 -16.31
N ALA B 241 18.76 19.55 -15.47
CA ALA B 241 18.72 18.17 -15.01
C ALA B 241 18.38 18.27 -13.53
N SER B 242 17.12 17.95 -13.18
CA SER B 242 16.74 18.05 -11.79
C SER B 242 16.48 16.69 -11.15
N SER B 243 16.54 16.65 -9.82
CA SER B 243 16.41 15.40 -9.11
C SER B 243 15.49 15.58 -7.92
N TYR B 244 14.67 14.55 -7.71
CA TYR B 244 13.80 14.51 -6.52
C TYR B 244 14.29 13.52 -5.48
N SER B 245 15.51 13.01 -5.67
CA SER B 245 16.07 12.04 -4.73
CA SER B 245 16.10 12.04 -4.75
C SER B 245 16.15 12.53 -3.28
N LYS B 246 16.71 13.72 -3.08
CA LYS B 246 16.87 14.24 -1.73
C LYS B 246 15.58 14.92 -1.23
N ASN B 247 15.01 15.81 -2.06
CA ASN B 247 13.87 16.61 -1.51
C ASN B 247 12.55 15.86 -1.38
N PHE B 248 12.45 14.63 -1.94
CA PHE B 248 11.33 13.73 -1.62
C PHE B 248 11.79 12.49 -0.86
N GLY B 249 13.10 12.41 -0.54
CA GLY B 249 13.60 11.20 0.11
C GLY B 249 13.32 9.98 -0.73
N LEU B 250 13.38 10.10 -2.08
CA LEU B 250 13.04 9.01 -3.00
C LEU B 250 14.25 8.44 -3.75
N TYR B 251 15.42 8.62 -3.14
CA TYR B 251 16.69 8.15 -3.69
C TYR B 251 16.60 6.91 -4.59
N ASN B 252 16.19 5.79 -4.02
CA ASN B 252 16.31 4.53 -4.79
C ASN B 252 15.20 4.28 -5.83
N GLU B 253 14.21 5.17 -5.91
CA GLU B 253 13.15 4.98 -6.89
C GLU B 253 13.50 5.70 -8.22
N ARG B 254 14.58 6.47 -8.22
CA ARG B 254 15.22 7.08 -9.44
C ARG B 254 14.27 8.08 -10.08
N VAL B 255 14.12 9.25 -9.44
CA VAL B 255 13.12 10.20 -9.87
C VAL B 255 13.77 11.53 -10.19
N GLY B 256 13.84 11.82 -11.47
CA GLY B 256 14.41 13.10 -11.87
C GLY B 256 13.79 13.58 -13.16
N ALA B 257 14.38 14.63 -13.71
CA ALA B 257 13.85 15.17 -14.97
C ALA B 257 14.89 15.90 -15.79
N CYS B 258 14.76 15.75 -17.10
CA CYS B 258 15.57 16.52 -18.01
C CYS B 258 14.66 17.49 -18.72
N THR B 259 14.89 18.80 -18.52
CA THR B 259 14.02 19.83 -19.11
C THR B 259 14.83 20.57 -20.15
N LEU B 260 14.29 20.60 -21.36
CA LEU B 260 14.89 21.23 -22.52
C LEU B 260 14.16 22.52 -22.82
N VAL B 261 14.90 23.62 -23.01
CA VAL B 261 14.30 24.92 -23.29
C VAL B 261 14.91 25.43 -24.60
N ALA B 262 14.04 25.87 -25.52
CA ALA B 262 14.51 26.51 -26.77
C ALA B 262 13.73 27.81 -27.04
N ALA B 263 14.05 28.49 -28.14
CA ALA B 263 13.60 29.85 -28.35
C ALA B 263 12.09 29.90 -28.49
N ASP B 264 11.53 28.84 -29.04
CA ASP B 264 10.09 28.79 -29.26
C ASP B 264 9.59 27.34 -29.28
N SER B 265 8.27 27.19 -29.39
CA SER B 265 7.62 25.89 -29.33
CA SER B 265 7.65 25.88 -29.30
CA SER B 265 7.61 25.89 -29.34
C SER B 265 8.00 24.96 -30.47
N GLU B 266 8.08 25.49 -31.70
CA GLU B 266 8.46 24.64 -32.82
C GLU B 266 9.85 24.07 -32.64
N THR B 267 10.76 24.91 -32.21
CA THR B 267 12.16 24.48 -32.04
C THR B 267 12.30 23.49 -30.87
N VAL B 268 11.64 23.79 -29.78
CA VAL B 268 11.84 22.85 -28.62
C VAL B 268 11.17 21.49 -28.92
N ASP B 269 10.01 21.49 -29.59
CA ASP B 269 9.38 20.22 -29.90
C ASP B 269 10.26 19.40 -30.86
N ARG B 270 10.87 20.05 -31.86
CA ARG B 270 11.70 19.35 -32.81
C ARG B 270 12.92 18.77 -32.13
N ALA B 271 13.57 19.60 -31.32
CA ALA B 271 14.73 19.14 -30.60
C ALA B 271 14.35 18.03 -29.58
N PHE B 272 13.22 18.19 -28.90
CA PHE B 272 12.83 17.21 -27.86
C PHE B 272 12.57 15.86 -28.49
N SER B 273 12.18 15.83 -29.78
CA SER B 273 11.92 14.55 -30.44
CA SER B 273 11.94 14.58 -30.48
C SER B 273 13.21 13.73 -30.50
N GLN B 274 14.35 14.41 -30.60
CA GLN B 274 15.64 13.70 -30.55
C GLN B 274 16.08 13.36 -29.14
N MET B 275 15.68 14.18 -28.17
CA MET B 275 15.91 13.83 -26.75
C MET B 275 15.13 12.54 -26.44
N LYS B 276 13.88 12.43 -26.92
CA LYS B 276 13.13 11.21 -26.73
CA LYS B 276 13.10 11.20 -26.78
C LYS B 276 13.79 10.01 -27.44
N ALA B 277 14.36 10.23 -28.64
CA ALA B 277 15.06 9.12 -29.30
C ALA B 277 16.25 8.66 -28.44
N ALA B 278 16.92 9.60 -27.79
CA ALA B 278 18.10 9.26 -26.96
C ALA B 278 17.65 8.43 -25.76
N ILE B 279 16.45 8.73 -25.26
CA ILE B 279 15.91 7.96 -24.13
C ILE B 279 15.54 6.56 -24.57
N ARG B 280 14.87 6.48 -25.72
CA ARG B 280 14.36 5.22 -26.27
C ARG B 280 15.51 4.19 -26.39
N ALA B 281 16.66 4.68 -26.87
CA ALA B 281 17.86 3.88 -27.06
C ALA B 281 18.65 3.61 -25.80
N ASN B 282 18.17 4.08 -24.65
CA ASN B 282 18.88 3.87 -23.39
C ASN B 282 18.06 2.93 -22.51
N TYR B 283 16.97 3.43 -21.95
CA TYR B 283 16.15 2.59 -21.04
C TYR B 283 14.67 2.53 -21.48
N SER B 284 14.40 3.06 -22.69
CA SER B 284 13.12 3.00 -23.39
C SER B 284 12.04 3.95 -22.86
N ASN B 285 11.75 3.87 -21.55
CA ASN B 285 10.77 4.75 -20.93
C ASN B 285 10.99 4.63 -19.39
N PRO B 286 10.54 5.61 -18.60
CA PRO B 286 11.09 5.72 -17.23
C PRO B 286 10.24 5.01 -16.15
N PRO B 287 10.83 4.77 -14.98
CA PRO B 287 10.14 3.99 -13.95
C PRO B 287 9.01 4.77 -13.29
N ALA B 288 7.81 4.22 -13.30
CA ALA B 288 6.64 4.99 -12.86
C ALA B 288 6.56 5.32 -11.35
N HIS B 289 6.90 4.35 -10.51
CA HIS B 289 6.46 4.44 -9.09
C HIS B 289 6.94 5.75 -8.43
N GLY B 290 8.25 6.02 -8.46
CA GLY B 290 8.74 7.23 -7.78
C GLY B 290 8.15 8.51 -8.37
N ALA B 291 8.14 8.62 -9.71
CA ALA B 291 7.62 9.83 -10.32
C ALA B 291 6.12 9.97 -10.06
N SER B 292 5.40 8.86 -10.09
CA SER B 292 3.99 8.94 -9.80
CA SER B 292 3.97 8.86 -9.74
C SER B 292 3.74 9.45 -8.36
N VAL B 293 4.58 9.02 -7.39
CA VAL B 293 4.32 9.57 -6.07
CA VAL B 293 4.48 9.55 -6.02
C VAL B 293 4.67 11.07 -6.06
N VAL B 294 5.72 11.50 -6.82
CA VAL B 294 5.97 12.96 -6.91
C VAL B 294 4.78 13.72 -7.54
N ALA B 295 4.28 13.21 -8.67
CA ALA B 295 3.13 13.89 -9.32
C ALA B 295 1.89 13.89 -8.41
N THR B 296 1.65 12.76 -7.77
CA THR B 296 0.51 12.61 -6.84
C THR B 296 0.55 13.66 -5.73
N ILE B 297 1.72 13.83 -5.13
CA ILE B 297 1.93 14.81 -4.07
C ILE B 297 1.87 16.25 -4.59
N LEU B 298 2.58 16.57 -5.68
CA LEU B 298 2.68 17.97 -6.11
C LEU B 298 1.33 18.48 -6.61
N SER B 299 0.49 17.58 -7.09
CA SER B 299 -0.77 18.02 -7.70
C SER B 299 -1.97 17.94 -6.74
N ASN B 300 -1.71 17.58 -5.49
CA ASN B 300 -2.77 17.49 -4.47
C ASN B 300 -2.49 18.49 -3.35
N ASP B 301 -3.43 19.39 -3.08
CA ASP B 301 -3.14 20.46 -2.12
C ASP B 301 -2.75 19.91 -0.76
N ALA B 302 -3.48 18.90 -0.27
CA ALA B 302 -3.23 18.32 1.08
C ALA B 302 -1.81 17.67 1.13
N LEU B 303 -1.57 16.75 0.20
CA LEU B 303 -0.25 16.10 0.19
C LEU B 303 0.90 17.11 -0.03
N ARG B 304 0.72 18.06 -0.95
N ARG B 304 0.71 18.06 -0.94
CA ARG B 304 1.80 19.01 -1.22
CA ARG B 304 -1.75 22.48 -8.16
CA ARG B 304 1.77 19.03 -1.23
C ARG B 304 2.15 19.78 0.06
C ARG B 304 2.14 19.83 0.02
N ALA B 305 1.14 20.14 0.85
CA ALA B 305 1.38 20.89 2.08
C ALA B 305 2.17 20.08 3.10
N ILE B 306 1.83 18.80 3.23
CA ILE B 306 2.52 17.91 4.15
C ILE B 306 3.98 17.79 3.69
N TRP B 307 4.13 17.56 2.39
CA TRP B 307 5.51 17.41 1.81
C TRP B 307 6.34 18.71 1.99
N GLU B 308 5.77 19.85 1.61
CA GLU B 308 6.52 21.09 1.75
C GLU B 308 6.98 21.26 3.18
N GLN B 309 6.15 20.94 4.17
CA GLN B 309 6.61 21.07 5.55
C GLN B 309 7.70 20.03 5.90
N GLU B 310 7.60 18.78 5.41
CA GLU B 310 8.69 17.83 5.66
CA GLU B 310 8.68 17.81 5.62
C GLU B 310 10.03 18.30 5.06
N LEU B 311 9.95 18.94 3.90
CA LEU B 311 11.17 19.43 3.23
C LEU B 311 11.71 20.62 4.04
N THR B 312 10.82 21.48 4.47
CA THR B 312 11.23 22.58 5.39
C THR B 312 11.89 22.04 6.68
N ASP B 313 11.31 20.98 7.26
CA ASP B 313 11.92 20.37 8.47
C ASP B 313 13.34 19.89 8.17
N MET B 314 13.54 19.30 6.98
CA MET B 314 14.91 18.84 6.62
C MET B 314 15.84 20.05 6.50
N ARG B 315 15.42 21.06 5.73
CA ARG B 315 16.25 22.26 5.54
CA ARG B 315 16.27 22.24 5.54
CA ARG B 315 16.21 22.30 5.54
C ARG B 315 16.60 22.89 6.88
N GLN B 316 15.61 22.97 7.77
CA GLN B 316 15.84 23.59 9.07
C GLN B 316 16.73 22.74 9.96
N ARG B 317 16.59 21.41 9.92
CA ARG B 317 17.47 20.61 10.77
C ARG B 317 18.94 20.74 10.33
N ILE B 318 19.14 20.83 9.01
CA ILE B 318 20.51 21.01 8.48
C ILE B 318 21.06 22.33 9.01
N GLN B 319 20.25 23.38 8.96
CA GLN B 319 20.70 24.69 9.48
C GLN B 319 21.03 24.67 10.98
N ARG B 320 20.22 23.98 11.77
CA ARG B 320 20.48 23.84 13.20
C ARG B 320 21.81 23.08 13.41
N MET B 321 22.06 22.05 12.60
CA MET B 321 23.34 21.33 12.77
C MET B 321 24.55 22.21 12.36
N ARG B 322 24.39 23.02 11.32
CA ARG B 322 25.47 23.94 10.95
C ARG B 322 25.81 24.86 12.14
N GLN B 323 24.78 25.46 12.73
CA GLN B 323 24.96 26.32 13.90
C GLN B 323 25.55 25.55 15.07
N LEU B 324 25.02 24.36 15.36
CA LEU B 324 25.46 23.59 16.51
CA LEU B 324 25.46 23.59 16.52
C LEU B 324 26.92 23.13 16.34
N PHE B 325 27.29 22.82 15.10
CA PHE B 325 28.67 22.42 14.77
C PHE B 325 29.67 23.56 15.05
N VAL B 326 29.39 24.76 14.54
CA VAL B 326 30.26 25.94 14.79
C VAL B 326 30.36 26.26 16.31
N ASN B 327 29.21 26.28 16.98
CA ASN B 327 29.19 26.56 18.42
C ASN B 327 29.99 25.56 19.19
N THR B 328 29.79 24.29 18.85
CA THR B 328 30.40 23.20 19.62
C THR B 328 31.89 23.15 19.33
N LEU B 329 32.30 23.44 18.12
CA LEU B 329 33.73 23.46 17.90
C LEU B 329 34.49 24.51 18.67
N GLN B 330 34.03 25.73 18.59
CA GLN B 330 35.13 26.68 18.61
C GLN B 330 34.88 27.93 19.42
N GLU B 331 33.71 27.95 20.02
N GLU B 331 33.73 27.98 20.05
CA GLU B 331 33.66 28.62 21.28
CA GLU B 331 33.83 28.62 21.30
C GLU B 331 34.42 27.71 22.32
C GLU B 331 34.87 27.74 22.02
N LYS B 332 34.67 26.42 22.01
CA LYS B 332 35.51 25.55 22.89
C LYS B 332 36.87 25.10 22.18
N GLY B 333 37.60 26.03 21.57
CA GLY B 333 38.93 25.73 21.05
C GLY B 333 39.10 25.34 19.60
N ALA B 334 39.50 26.29 18.74
CA ALA B 334 39.80 25.97 17.34
C ALA B 334 40.30 27.14 16.43
N ASN B 335 41.02 26.70 15.38
CA ASN B 335 41.42 27.36 14.10
C ASN B 335 40.76 28.75 13.67
N ARG B 336 41.27 29.31 12.56
CA ARG B 336 40.86 30.61 11.95
C ARG B 336 39.34 30.78 11.59
N ASP B 337 38.44 30.68 12.59
CA ASP B 337 37.01 30.88 12.32
C ASP B 337 36.31 29.69 11.58
N PHE B 338 35.27 29.08 12.15
CA PHE B 338 34.42 28.13 11.37
C PHE B 338 33.05 28.71 11.01
N SER B 339 32.88 30.03 11.19
CA SER B 339 31.59 30.66 10.92
CA SER B 339 31.59 30.66 10.92
C SER B 339 31.16 30.56 9.46
N PHE B 340 32.09 30.23 8.57
CA PHE B 340 31.73 30.03 7.15
C PHE B 340 30.71 28.89 7.02
N ILE B 341 30.71 27.97 7.98
CA ILE B 341 29.76 26.85 7.95
C ILE B 341 28.30 27.35 8.01
N ILE B 342 28.04 28.42 8.74
CA ILE B 342 26.68 28.95 8.91
CA ILE B 342 26.66 28.89 8.90
C ILE B 342 26.13 29.47 7.59
N LYS B 343 27.03 30.01 6.77
CA LYS B 343 26.60 30.66 5.54
CA LYS B 343 26.64 30.67 5.53
C LYS B 343 26.47 29.67 4.38
N GLN B 344 27.02 28.46 4.53
CA GLN B 344 26.93 27.55 3.41
C GLN B 344 25.58 26.83 3.38
N ASN B 345 25.25 26.30 2.20
CA ASN B 345 23.91 25.83 1.89
C ASN B 345 23.84 24.34 1.58
N GLY B 346 22.96 23.63 2.27
CA GLY B 346 22.66 22.26 1.90
C GLY B 346 23.33 21.30 2.85
N MET B 347 23.42 20.03 2.45
CA MET B 347 23.97 18.98 3.28
CA MET B 347 23.94 19.02 3.36
C MET B 347 25.46 19.07 3.51
N PHE B 348 26.14 19.61 2.50
CA PHE B 348 27.61 19.47 2.42
C PHE B 348 28.40 20.75 2.63
N SER B 349 29.56 20.61 3.27
CA SER B 349 30.56 21.70 3.36
C SER B 349 31.94 21.07 3.35
N PHE B 350 32.91 21.74 2.74
CA PHE B 350 34.30 21.43 3.04
C PHE B 350 34.59 21.89 4.48
N SER B 351 35.04 20.98 5.32
CA SER B 351 35.43 21.30 6.70
C SER B 351 36.68 22.18 6.77
N GLY B 352 37.51 22.14 5.75
CA GLY B 352 38.82 22.77 5.78
C GLY B 352 39.94 21.84 6.25
N LEU B 353 39.60 20.61 6.62
CA LEU B 353 40.58 19.59 7.02
C LEU B 353 41.35 19.03 5.82
N THR B 354 42.61 18.71 6.03
CA THR B 354 43.42 18.15 4.93
C THR B 354 43.11 16.68 4.74
N LYS B 355 43.59 16.12 3.64
CA LYS B 355 43.41 14.69 3.39
C LYS B 355 44.05 13.89 4.52
N GLU B 356 45.18 14.36 5.07
CA GLU B 356 45.79 13.61 6.16
C GLU B 356 45.04 13.76 7.49
N GLN B 357 44.53 14.95 7.78
CA GLN B 357 43.64 15.10 8.94
C GLN B 357 42.42 14.21 8.81
N VAL B 358 41.88 14.09 7.61
CA VAL B 358 40.69 13.25 7.41
C VAL B 358 41.05 11.77 7.69
N LEU B 359 42.18 11.33 7.18
CA LEU B 359 42.64 9.97 7.47
C LEU B 359 42.89 9.75 8.95
N ARG B 360 43.48 10.73 9.62
CA ARG B 360 43.71 10.67 11.05
CA ARG B 360 43.73 10.59 11.04
C ARG B 360 42.39 10.54 11.80
N LEU B 361 41.39 11.28 11.34
N LEU B 361 41.42 11.34 11.36
CA LEU B 361 40.06 11.26 11.98
CA LEU B 361 40.06 11.28 11.92
C LEU B 361 39.37 9.91 11.89
C LEU B 361 39.54 9.87 11.92
N ARG B 362 39.57 9.25 10.76
CA ARG B 362 39.06 7.90 10.54
CA ARG B 362 39.04 7.91 10.57
C ARG B 362 39.81 6.91 11.42
N GLU B 363 41.13 6.93 11.30
CA GLU B 363 41.94 5.91 11.96
C GLU B 363 41.97 6.03 13.47
N GLU B 364 42.08 7.23 14.04
CA GLU B 364 42.27 7.44 15.48
CA GLU B 364 42.23 7.34 15.47
C GLU B 364 40.95 7.64 16.22
N PHE B 365 39.95 8.18 15.52
CA PHE B 365 38.72 8.56 16.22
C PHE B 365 37.46 7.92 15.65
N GLY B 366 37.57 7.19 14.56
CA GLY B 366 36.43 6.54 13.95
C GLY B 366 35.41 7.53 13.38
N VAL B 367 35.89 8.74 13.06
CA VAL B 367 35.05 9.74 12.40
C VAL B 367 35.38 9.77 10.92
N TYR B 368 34.37 9.54 10.09
CA TYR B 368 34.54 9.36 8.65
C TYR B 368 34.06 10.55 7.84
N ALA B 369 34.97 11.16 7.09
CA ALA B 369 34.58 12.15 6.07
C ALA B 369 35.19 11.74 4.74
N VAL B 370 34.84 12.41 3.66
CA VAL B 370 35.49 12.09 2.40
C VAL B 370 36.90 12.74 2.37
N ALA B 371 37.84 12.18 1.62
CA ALA B 371 39.26 12.67 1.64
C ALA B 371 39.42 14.17 1.35
N SER B 372 38.49 14.74 0.59
CA SER B 372 38.49 16.18 0.30
C SER B 372 38.19 17.07 1.52
N GLY B 373 37.77 16.46 2.63
CA GLY B 373 37.32 17.22 3.77
C GLY B 373 35.84 17.52 3.77
N ARG B 374 35.12 17.04 2.74
CA ARG B 374 33.66 17.27 2.73
C ARG B 374 33.00 16.48 3.86
N VAL B 375 32.10 17.15 4.59
CA VAL B 375 31.28 16.51 5.59
C VAL B 375 29.81 16.75 5.26
N ASN B 376 29.01 15.73 5.55
CA ASN B 376 27.57 15.86 5.48
C ASN B 376 27.02 16.26 6.84
N VAL B 377 26.62 17.53 6.96
CA VAL B 377 26.06 18.06 8.19
CA VAL B 377 26.12 17.97 8.26
C VAL B 377 24.83 17.28 8.69
N ALA B 378 24.10 16.63 7.77
CA ALA B 378 22.95 15.82 8.24
C ALA B 378 23.35 14.48 8.91
N GLY B 379 24.63 14.13 8.91
CA GLY B 379 25.13 13.03 9.69
C GLY B 379 25.41 13.44 11.13
N MET B 380 25.23 14.73 11.38
CA MET B 380 25.40 15.29 12.71
C MET B 380 24.07 15.35 13.47
N THR B 381 24.16 15.08 14.77
CA THR B 381 23.01 15.13 15.67
C THR B 381 23.41 15.80 16.96
N PRO B 382 22.42 16.27 17.75
CA PRO B 382 22.76 16.83 19.05
C PRO B 382 23.55 15.84 19.90
N ASP B 383 23.25 14.55 19.77
CA ASP B 383 23.88 13.54 20.58
C ASP B 383 25.30 13.21 20.15
N ASN B 384 25.60 13.26 18.85
CA ASN B 384 26.97 12.92 18.45
C ASN B 384 27.88 14.12 18.20
N MET B 385 27.34 15.32 18.36
CA MET B 385 28.09 16.54 18.05
C MET B 385 29.32 16.73 18.98
N ALA B 386 29.16 16.49 20.29
CA ALA B 386 30.30 16.71 21.19
C ALA B 386 31.49 15.79 20.85
N PRO B 387 31.27 14.47 20.75
CA PRO B 387 32.42 13.63 20.38
C PRO B 387 33.00 13.95 19.02
N LEU B 388 32.13 14.26 18.05
CA LEU B 388 32.60 14.60 16.71
CA LEU B 388 32.56 14.63 16.70
C LEU B 388 33.55 15.79 16.78
N CYS B 389 33.13 16.81 17.52
CA CYS B 389 33.89 18.04 17.58
C CYS B 389 35.15 17.83 18.39
N GLU B 390 35.08 17.01 19.45
CA GLU B 390 36.30 16.72 20.21
C GLU B 390 37.37 16.05 19.33
N ALA B 391 36.93 15.13 18.49
CA ALA B 391 37.86 14.47 17.56
C ALA B 391 38.46 15.45 16.55
N ILE B 392 37.60 16.30 15.97
CA ILE B 392 38.11 17.28 15.00
C ILE B 392 39.15 18.20 15.67
N VAL B 393 38.81 18.73 16.83
CA VAL B 393 39.74 19.59 17.54
C VAL B 393 41.07 18.89 17.79
N ALA B 394 41.02 17.58 18.05
CA ALA B 394 42.24 16.82 18.31
C ALA B 394 43.17 16.69 17.09
N VAL B 395 42.65 16.78 15.87
CA VAL B 395 43.52 16.65 14.72
C VAL B 395 43.90 18.02 14.11
N LEU B 396 43.38 19.11 14.66
CA LEU B 396 43.73 20.44 14.12
C LEU B 396 45.22 20.80 14.36
N MET C 1 -13.88 40.08 56.71
CA MET C 1 -14.66 39.20 55.82
CA MET C 1 -14.69 39.19 55.89
CA MET C 1 -14.70 39.17 55.93
C MET C 1 -13.96 37.90 55.52
N PHE C 2 -12.62 37.97 55.45
CA PHE C 2 -11.88 36.82 54.97
C PHE C 2 -11.16 36.07 56.09
N GLU C 3 -11.23 36.61 57.31
CA GLU C 3 -10.37 36.09 58.37
C GLU C 3 -10.64 34.59 58.70
N ASN C 4 -11.85 34.10 58.46
CA ASN C 4 -12.19 32.70 58.80
C ASN C 4 -12.39 31.75 57.65
N ILE C 5 -11.98 32.14 56.44
CA ILE C 5 -12.13 31.26 55.32
C ILE C 5 -11.27 30.00 55.48
N THR C 6 -11.84 28.85 55.17
CA THR C 6 -11.10 27.61 55.14
CA THR C 6 -11.04 27.65 55.18
C THR C 6 -10.31 27.46 53.86
N ALA C 7 -9.05 27.04 53.96
CA ALA C 7 -8.22 26.80 52.81
C ALA C 7 -8.86 25.73 51.94
N ALA C 8 -8.75 25.89 50.63
CA ALA C 8 -9.21 24.86 49.69
C ALA C 8 -8.42 23.58 49.92
N PRO C 9 -9.04 22.44 49.65
CA PRO C 9 -8.29 21.19 49.83
C PRO C 9 -7.03 21.15 48.95
N ALA C 10 -6.08 20.35 49.41
CA ALA C 10 -4.67 20.37 48.99
C ALA C 10 -4.33 20.50 47.50
N ASP C 11 -5.12 19.90 46.60
CA ASP C 11 -4.78 19.87 45.16
C ASP C 11 -3.59 18.94 44.87
N PRO C 12 -3.90 17.64 44.66
CA PRO C 12 -2.84 16.64 44.56
C PRO C 12 -2.08 16.77 43.23
N ILE C 13 -2.68 17.43 42.25
CA ILE C 13 -2.08 17.55 40.93
C ILE C 13 -0.88 18.49 40.96
N LEU C 14 -1.01 19.61 41.67
CA LEU C 14 0.03 20.63 41.60
C LEU C 14 1.31 20.17 42.32
N GLY C 15 1.21 19.18 43.20
CA GLY C 15 2.48 18.66 43.69
C GLY C 15 2.44 17.39 44.47
N LEU C 16 2.62 16.21 43.89
CA LEU C 16 3.04 15.87 42.50
C LEU C 16 3.98 16.77 41.70
N ALA C 17 3.41 17.69 40.93
CA ALA C 17 4.23 18.54 40.04
C ALA C 17 5.39 19.21 40.79
N ASP C 18 5.06 19.83 41.92
CA ASP C 18 6.05 20.50 42.73
C ASP C 18 7.07 19.54 43.30
N LEU C 19 6.58 18.37 43.72
CA LEU C 19 7.45 17.35 44.30
C LEU C 19 8.42 16.86 43.22
N PHE C 20 7.87 16.70 42.02
CA PHE C 20 8.67 16.24 40.91
C PHE C 20 9.77 17.24 40.58
N ARG C 21 9.38 18.52 40.52
CA ARG C 21 10.34 19.58 40.24
C ARG C 21 11.43 19.52 41.32
N ALA C 22 11.02 19.46 42.59
CA ALA C 22 11.98 19.48 43.67
C ALA C 22 12.90 18.24 43.71
N ASP C 23 12.47 17.12 43.16
CA ASP C 23 13.24 15.87 43.22
C ASP C 23 14.62 16.05 42.55
N GLU C 24 15.68 15.71 43.28
CA GLU C 24 17.04 15.98 42.83
C GLU C 24 17.66 14.77 42.15
N ARG C 25 16.93 13.66 42.10
CA ARG C 25 17.42 12.45 41.44
C ARG C 25 17.36 12.43 39.93
N PRO C 26 18.44 11.93 39.33
CA PRO C 26 18.36 11.24 38.04
C PRO C 26 17.88 9.81 38.34
N GLY C 27 17.11 9.20 37.44
CA GLY C 27 16.48 9.88 36.34
C GLY C 27 15.02 9.80 36.71
N LYS C 28 14.53 10.87 37.33
CA LYS C 28 13.14 10.95 37.72
C LYS C 28 12.28 11.01 36.46
N ILE C 29 11.03 10.59 36.55
CA ILE C 29 10.13 10.50 35.40
C ILE C 29 8.73 10.93 35.79
N ASN C 30 8.12 11.84 35.04
CA ASN C 30 6.77 12.29 35.37
CA ASN C 30 6.78 12.29 35.38
C ASN C 30 5.70 11.70 34.47
N LEU C 31 4.99 10.68 34.99
CA LEU C 31 3.86 10.08 34.25
C LEU C 31 2.57 10.65 34.76
N GLY C 32 2.67 11.65 35.62
CA GLY C 32 1.44 12.19 36.17
C GLY C 32 0.97 13.34 35.33
N ILE C 33 1.82 13.75 34.39
CA ILE C 33 1.47 14.89 33.54
C ILE C 33 0.12 14.71 32.80
N GLY C 34 -0.59 15.81 32.54
CA GLY C 34 -1.87 15.67 31.86
C GLY C 34 -1.81 16.14 30.40
N VAL C 35 -0.61 16.34 29.86
CA VAL C 35 -0.46 16.79 28.46
C VAL C 35 0.37 15.83 27.59
N TYR C 36 0.32 16.01 26.28
CA TYR C 36 1.13 15.24 25.36
C TYR C 36 2.58 15.71 25.44
N LYS C 37 3.48 14.75 25.35
CA LYS C 37 4.91 15.01 25.11
C LYS C 37 5.38 14.19 23.92
N ASP C 38 6.32 14.75 23.13
CA ASP C 38 6.87 14.01 21.99
C ASP C 38 8.02 13.17 22.51
N GLU C 39 8.76 12.60 21.56
N GLU C 39 8.76 12.54 21.61
CA GLU C 39 9.82 11.63 21.81
CA GLU C 39 9.81 11.60 22.02
C GLU C 39 11.04 12.24 22.52
C GLU C 39 10.93 12.29 22.78
N THR C 40 11.15 13.57 22.50
CA THR C 40 12.20 14.27 23.22
C THR C 40 11.76 14.77 24.61
N GLY C 41 10.51 14.48 25.02
CA GLY C 41 10.02 14.90 26.31
C GLY C 41 9.49 16.33 26.32
N LYS C 42 9.20 16.89 25.15
CA LYS C 42 8.73 18.27 25.06
CA LYS C 42 8.73 18.27 25.05
C LYS C 42 7.27 18.33 24.62
N THR C 43 6.64 19.46 24.88
CA THR C 43 5.23 19.67 24.45
C THR C 43 5.32 20.88 23.49
N PRO C 44 5.84 20.66 22.26
N PRO C 44 5.65 20.62 22.22
CA PRO C 44 6.06 21.89 21.48
CA PRO C 44 5.93 21.74 21.34
C PRO C 44 4.80 22.44 20.85
C PRO C 44 4.68 22.49 20.95
N VAL C 45 4.84 23.70 20.42
CA VAL C 45 3.76 24.28 19.65
C VAL C 45 3.70 23.53 18.32
N LEU C 46 2.52 23.11 17.87
CA LEU C 46 2.42 22.41 16.59
CA LEU C 46 2.42 22.41 16.59
C LEU C 46 2.88 23.31 15.45
N THR C 47 3.48 22.72 14.42
CA THR C 47 3.90 23.56 13.28
C THR C 47 2.73 24.23 12.59
N SER C 48 1.62 23.50 12.43
CA SER C 48 0.42 24.09 11.84
C SER C 48 -0.04 25.32 12.63
N VAL C 49 0.10 25.24 13.96
CA VAL C 49 -0.28 26.35 14.83
C VAL C 49 0.66 27.52 14.69
N LYS C 50 1.98 27.28 14.66
CA LYS C 50 2.92 28.35 14.43
C LYS C 50 2.61 29.05 13.09
N LYS C 51 2.30 28.26 12.06
CA LYS C 51 2.01 28.86 10.73
C LYS C 51 0.76 29.76 10.76
N ALA C 52 -0.23 29.27 11.49
CA ALA C 52 -1.45 30.01 11.63
C ALA C 52 -1.18 31.28 12.42
N GLU C 53 -0.40 31.18 13.50
CA GLU C 53 -0.09 32.38 14.33
C GLU C 53 0.64 33.45 13.50
N GLN C 54 1.55 32.99 12.64
CA GLN C 54 2.23 33.92 11.73
CA GLN C 54 2.24 33.89 11.70
C GLN C 54 1.24 34.62 10.82
N TYR C 55 0.29 33.87 10.23
CA TYR C 55 -0.73 34.43 9.40
C TYR C 55 -1.58 35.46 10.17
N LEU C 56 -1.96 35.13 11.41
CA LEU C 56 -2.73 36.09 12.20
C LEU C 56 -1.93 37.33 12.51
N LEU C 57 -0.64 37.20 12.80
CA LEU C 57 0.18 38.37 13.12
C LEU C 57 0.18 39.30 11.91
N GLU C 58 0.22 38.68 10.76
CA GLU C 58 0.35 39.44 9.50
C GLU C 58 -0.92 40.08 9.04
N ASN C 59 -2.04 39.48 9.38
CA ASN C 59 -3.33 39.81 8.80
CA ASN C 59 -3.30 39.88 8.80
C ASN C 59 -4.31 40.49 9.76
N GLU C 60 -4.20 40.23 11.08
CA GLU C 60 -5.15 40.90 12.00
C GLU C 60 -4.98 42.40 12.00
N THR C 61 -6.11 43.12 11.89
CA THR C 61 -6.07 44.57 11.97
C THR C 61 -6.90 45.16 13.12
N THR C 62 -7.44 44.28 13.96
CA THR C 62 -8.14 44.76 15.15
C THR C 62 -8.18 43.63 16.16
N LYS C 63 -8.35 43.98 17.44
CA LYS C 63 -8.73 43.00 18.47
C LYS C 63 -10.16 43.26 18.98
N ASN C 64 -10.98 43.94 18.17
CA ASN C 64 -12.38 44.19 18.57
CA ASN C 64 -12.36 44.22 18.61
C ASN C 64 -13.07 42.92 19.04
N TYR C 65 -13.92 43.03 20.08
CA TYR C 65 -14.60 41.85 20.63
C TYR C 65 -15.24 40.92 19.60
N LEU C 66 -15.12 39.62 19.84
CA LEU C 66 -15.94 38.66 19.19
C LEU C 66 -17.38 38.75 19.71
N GLY C 67 -18.31 38.16 18.95
CA GLY C 67 -19.63 37.95 19.49
C GLY C 67 -19.53 37.02 20.69
N ILE C 68 -20.64 36.95 21.46
CA ILE C 68 -20.69 36.15 22.66
C ILE C 68 -20.35 34.70 22.36
N ASP C 69 -20.79 34.22 21.21
CA ASP C 69 -20.54 32.83 20.84
C ASP C 69 -19.26 32.64 19.99
N GLY C 70 -18.47 33.69 19.86
CA GLY C 70 -17.13 33.57 19.24
C GLY C 70 -17.14 33.63 17.70
N ILE C 71 -16.10 33.07 17.12
CA ILE C 71 -15.85 33.16 15.65
C ILE C 71 -16.78 32.22 14.88
N PRO C 72 -17.59 32.77 13.97
CA PRO C 72 -18.52 31.88 13.25
C PRO C 72 -17.86 30.70 12.53
N GLU C 73 -16.73 30.91 11.83
CA GLU C 73 -16.06 29.80 11.16
C GLU C 73 -15.65 28.67 12.16
N PHE C 74 -15.22 29.06 13.34
CA PHE C 74 -14.84 28.13 14.42
C PHE C 74 -16.04 27.25 14.78
N GLY C 75 -17.21 27.90 14.88
CA GLY C 75 -18.45 27.19 15.14
C GLY C 75 -18.78 26.19 14.04
N ARG C 76 -18.71 26.59 12.76
CA ARG C 76 -19.03 25.66 11.66
C ARG C 76 -18.08 24.50 11.57
N CYS C 77 -16.78 24.81 11.68
CA CYS C 77 -15.75 23.77 11.63
C CYS C 77 -15.91 22.79 12.80
N THR C 78 -16.28 23.32 13.97
CA THR C 78 -16.50 22.46 15.14
C THR C 78 -17.68 21.49 14.87
N GLN C 79 -18.81 22.00 14.37
CA GLN C 79 -19.92 21.11 14.14
C GLN C 79 -19.63 20.06 13.08
N GLU C 80 -18.81 20.38 12.07
N GLU C 80 -18.82 20.41 12.08
CA GLU C 80 -18.44 19.38 11.07
CA GLU C 80 -18.43 19.45 11.06
C GLU C 80 -17.56 18.30 11.70
C GLU C 80 -17.58 18.34 11.69
N LEU C 81 -16.63 18.70 12.56
CA LEU C 81 -15.84 17.69 13.28
C LEU C 81 -16.70 16.77 14.16
N LEU C 82 -17.67 17.37 14.84
CA LEU C 82 -18.47 16.59 15.77
C LEU C 82 -19.46 15.65 15.04
N PHE C 83 -20.15 16.19 14.05
CA PHE C 83 -21.35 15.53 13.49
C PHE C 83 -21.12 14.97 12.11
N GLY C 84 -20.06 15.44 11.46
CA GLY C 84 -19.73 15.01 10.09
C GLY C 84 -20.32 15.95 9.06
N LYS C 85 -19.55 16.24 8.01
CA LYS C 85 -20.05 17.06 6.93
C LYS C 85 -21.32 16.44 6.36
N GLY C 86 -22.36 17.24 6.16
CA GLY C 86 -23.60 16.72 5.63
C GLY C 86 -24.53 16.05 6.62
N SER C 87 -24.18 16.09 7.91
N SER C 87 -24.18 16.09 7.89
CA SER C 87 -25.05 15.62 8.98
CA SER C 87 -25.05 15.56 8.93
C SER C 87 -26.41 16.32 8.90
C SER C 87 -26.39 16.30 8.93
N ALA C 88 -27.47 15.58 9.21
CA ALA C 88 -28.80 16.16 9.27
C ALA C 88 -28.91 17.24 10.37
N LEU C 89 -28.16 17.08 11.45
CA LEU C 89 -28.16 18.10 12.50
C LEU C 89 -27.69 19.42 11.95
N ILE C 90 -26.74 19.37 11.04
CA ILE C 90 -26.22 20.58 10.46
C ILE C 90 -27.20 21.10 9.40
N ASN C 91 -27.60 20.22 8.49
CA ASN C 91 -28.52 20.61 7.42
C ASN C 91 -29.79 21.22 8.00
N ASP C 92 -30.30 20.62 9.08
CA ASP C 92 -31.58 21.06 9.68
C ASP C 92 -31.41 22.20 10.69
N LYS C 93 -30.17 22.70 10.83
CA LYS C 93 -29.84 23.82 11.70
C LYS C 93 -30.31 23.59 13.14
N ARG C 94 -30.08 22.38 13.61
CA ARG C 94 -30.52 21.99 14.94
C ARG C 94 -29.44 22.21 16.02
N ALA C 95 -28.28 22.65 15.61
CA ALA C 95 -27.14 22.78 16.56
C ALA C 95 -26.62 24.22 16.54
N ARG C 96 -26.28 24.73 17.71
CA ARG C 96 -25.67 26.04 17.88
C ARG C 96 -24.41 25.86 18.70
N THR C 97 -23.33 26.50 18.30
CA THR C 97 -22.07 26.32 18.98
C THR C 97 -21.58 27.65 19.57
N ALA C 98 -21.21 27.64 20.86
CA ALA C 98 -20.49 28.78 21.44
C ALA C 98 -19.00 28.41 21.62
N GLN C 99 -18.11 29.21 21.07
CA GLN C 99 -16.65 29.10 21.36
C GLN C 99 -16.43 29.41 22.86
N THR C 100 -15.70 28.58 23.60
CA THR C 100 -15.52 28.77 25.06
C THR C 100 -14.05 28.72 25.46
N PRO C 101 -13.72 29.19 26.66
CA PRO C 101 -12.33 29.07 27.16
C PRO C 101 -12.08 27.65 27.65
N GLY C 102 -11.70 26.82 26.68
CA GLY C 102 -11.37 25.41 26.89
C GLY C 102 -12.59 24.48 27.04
N GLY C 103 -12.34 23.18 27.09
CA GLY C 103 -13.42 22.26 27.38
C GLY C 103 -14.03 22.52 28.77
N THR C 104 -13.21 22.93 29.74
CA THR C 104 -13.73 23.21 31.10
C THR C 104 -14.74 24.32 31.02
N GLY C 105 -14.37 25.40 30.28
CA GLY C 105 -15.30 26.49 30.09
C GLY C 105 -16.60 26.03 29.43
N ALA C 106 -16.50 25.12 28.46
CA ALA C 106 -17.73 24.60 27.82
C ALA C 106 -18.60 23.83 28.82
N LEU C 107 -17.94 23.07 29.71
CA LEU C 107 -18.69 22.33 30.73
C LEU C 107 -19.40 23.25 31.70
N ARG C 108 -18.72 24.33 32.11
CA ARG C 108 -19.34 25.27 33.06
CA ARG C 108 -19.32 25.27 33.06
C ARG C 108 -20.47 26.03 32.42
N VAL C 109 -20.25 26.50 31.19
CA VAL C 109 -21.35 27.13 30.46
C VAL C 109 -22.53 26.16 30.34
N ALA C 110 -22.29 24.91 29.94
CA ALA C 110 -23.39 23.95 29.91
C ALA C 110 -24.08 23.85 31.28
N ALA C 111 -23.28 23.80 32.34
CA ALA C 111 -23.87 23.63 33.68
C ALA C 111 -24.71 24.84 34.11
N ASP C 112 -24.18 26.05 33.88
CA ASP C 112 -24.91 27.27 34.24
C ASP C 112 -26.20 27.38 33.44
N PHE C 113 -26.07 27.10 32.14
CA PHE C 113 -27.22 27.09 31.23
C PHE C 113 -28.32 26.15 31.78
N LEU C 114 -27.93 24.92 32.11
CA LEU C 114 -28.87 23.91 32.62
C LEU C 114 -29.47 24.29 33.97
N ALA C 115 -28.63 24.78 34.88
CA ALA C 115 -29.10 25.15 36.22
C ALA C 115 -30.14 26.28 36.18
N LYS C 116 -29.98 27.24 35.28
CA LYS C 116 -30.80 28.44 35.26
CA LYS C 116 -30.80 28.45 35.27
C LYS C 116 -32.04 28.32 34.41
N ASN C 117 -32.02 27.41 33.43
CA ASN C 117 -33.07 27.36 32.41
C ASN C 117 -33.84 26.07 32.23
N THR C 118 -33.52 25.06 33.06
CA THR C 118 -34.17 23.75 32.97
C THR C 118 -34.44 23.24 34.40
N SER C 119 -35.09 22.10 34.48
CA SER C 119 -35.37 21.47 35.75
C SER C 119 -34.22 20.53 36.15
N VAL C 120 -33.11 20.55 35.40
CA VAL C 120 -32.02 19.66 35.78
C VAL C 120 -31.46 19.92 37.18
N LYS C 121 -31.38 18.85 37.98
CA LYS C 121 -30.77 18.99 39.29
C LYS C 121 -29.53 18.12 39.48
N ARG C 122 -29.37 17.12 38.62
CA ARG C 122 -28.37 16.08 38.83
CA ARG C 122 -28.39 16.07 38.83
C ARG C 122 -27.62 15.68 37.55
N VAL C 123 -26.30 15.51 37.66
CA VAL C 123 -25.47 15.02 36.55
C VAL C 123 -24.81 13.70 36.96
N TRP C 124 -24.95 12.67 36.14
CA TRP C 124 -24.31 11.38 36.38
C TRP C 124 -22.96 11.32 35.69
N VAL C 125 -21.93 11.00 36.47
CA VAL C 125 -20.54 10.96 35.99
CA VAL C 125 -20.57 10.91 35.92
C VAL C 125 -19.99 9.55 36.27
N SER C 126 -19.16 9.02 35.37
CA SER C 126 -18.57 7.72 35.63
C SER C 126 -17.67 7.74 36.87
N ASN C 127 -17.65 6.62 37.57
CA ASN C 127 -16.59 6.39 38.54
C ASN C 127 -15.62 5.37 37.96
N PRO C 128 -14.37 5.81 37.66
CA PRO C 128 -13.75 7.13 37.85
C PRO C 128 -13.98 8.10 36.70
N SER C 129 -13.63 9.37 36.92
CA SER C 129 -13.67 10.37 35.83
C SER C 129 -12.57 11.40 36.08
N TRP C 130 -12.56 12.44 35.28
CA TRP C 130 -11.74 13.61 35.53
C TRP C 130 -12.25 14.25 36.81
N PRO C 131 -11.34 14.52 37.77
CA PRO C 131 -11.80 14.95 39.09
C PRO C 131 -12.48 16.33 39.07
N ASN C 132 -12.25 17.15 38.06
CA ASN C 132 -12.83 18.48 38.05
C ASN C 132 -14.30 18.47 37.61
N HIS C 133 -14.79 17.33 37.10
CA HIS C 133 -16.19 17.27 36.67
C HIS C 133 -17.08 17.56 37.86
N LYS C 134 -16.80 16.97 39.02
CA LYS C 134 -17.66 17.21 40.17
CA LYS C 134 -17.68 17.21 40.15
C LYS C 134 -17.63 18.69 40.55
N SER C 135 -16.44 19.28 40.53
CA SER C 135 -16.30 20.67 40.92
C SER C 135 -17.08 21.60 40.02
N VAL C 136 -16.96 21.35 38.71
CA VAL C 136 -17.67 22.22 37.74
C VAL C 136 -19.20 22.19 37.94
N PHE C 137 -19.77 21.00 37.96
CA PHE C 137 -21.24 20.89 38.08
C PHE C 137 -21.71 21.37 39.44
N ASN C 138 -21.00 21.00 40.52
CA ASN C 138 -21.36 21.50 41.85
C ASN C 138 -21.31 23.02 41.91
N SER C 139 -20.37 23.67 41.20
CA SER C 139 -20.26 25.14 41.23
CA SER C 139 -20.30 25.12 41.32
C SER C 139 -21.54 25.80 40.72
N ALA C 140 -22.25 25.08 39.85
CA ALA C 140 -23.46 25.62 39.24
C ALA C 140 -24.68 25.21 40.04
N GLY C 141 -24.44 24.54 41.17
CA GLY C 141 -25.54 24.14 42.03
C GLY C 141 -26.13 22.79 41.67
N LEU C 142 -25.43 22.02 40.83
CA LEU C 142 -25.93 20.71 40.40
C LEU C 142 -25.29 19.56 41.20
N GLU C 143 -26.11 18.59 41.60
CA GLU C 143 -25.61 17.42 42.30
CA GLU C 143 -25.60 17.42 42.31
C GLU C 143 -24.92 16.47 41.33
N VAL C 144 -23.86 15.83 41.78
CA VAL C 144 -23.21 14.86 40.96
C VAL C 144 -23.38 13.47 41.55
N ARG C 145 -23.88 12.55 40.73
CA ARG C 145 -24.00 11.15 41.13
CA ARG C 145 -23.97 11.16 41.15
C ARG C 145 -23.08 10.30 40.26
N GLU C 146 -22.60 9.18 40.80
CA GLU C 146 -21.63 8.40 40.06
C GLU C 146 -22.25 7.15 39.51
N TYR C 147 -21.84 6.78 38.29
CA TYR C 147 -22.24 5.46 37.81
C TYR C 147 -21.03 4.53 37.62
N ALA C 148 -21.25 3.24 37.81
CA ALA C 148 -20.17 2.25 37.68
C ALA C 148 -19.61 2.18 36.25
N TYR C 149 -18.33 1.87 36.12
CA TYR C 149 -17.72 1.93 34.80
C TYR C 149 -16.62 0.88 34.59
N TYR C 150 -15.73 0.76 35.56
CA TYR C 150 -14.47 0.04 35.41
C TYR C 150 -14.49 -1.36 36.02
N ASP C 151 -14.21 -2.38 35.21
CA ASP C 151 -13.97 -3.74 35.72
C ASP C 151 -12.47 -3.90 36.01
N ALA C 152 -12.11 -3.78 37.27
CA ALA C 152 -10.72 -3.75 37.72
C ALA C 152 -10.04 -5.12 37.59
N GLU C 153 -10.83 -6.17 37.33
CA GLU C 153 -10.27 -7.50 37.18
CA GLU C 153 -10.30 -7.54 37.16
C GLU C 153 -9.88 -7.77 35.73
N ASN C 154 -10.74 -7.40 34.80
CA ASN C 154 -10.47 -7.65 33.40
C ASN C 154 -9.90 -6.42 32.69
N HIS C 155 -9.77 -5.32 33.45
N HIS C 155 -9.77 -5.32 33.46
CA HIS C 155 -9.27 -4.04 32.91
CA HIS C 155 -9.26 -4.04 32.96
C HIS C 155 -10.11 -3.56 31.75
C HIS C 155 -10.10 -3.54 31.78
N THR C 156 -11.43 -3.74 31.90
CA THR C 156 -12.39 -3.49 30.84
CA THR C 156 -12.39 -3.49 30.84
C THR C 156 -13.59 -2.67 31.33
N LEU C 157 -14.44 -2.30 30.37
CA LEU C 157 -15.71 -1.63 30.71
CA LEU C 157 -15.72 -1.65 30.69
C LEU C 157 -16.68 -2.64 31.34
N ASP C 158 -17.05 -2.37 32.59
CA ASP C 158 -18.05 -3.20 33.30
C ASP C 158 -19.43 -2.77 32.83
N PHE C 159 -19.83 -3.26 31.66
CA PHE C 159 -21.03 -2.73 30.99
C PHE C 159 -22.30 -3.04 31.77
N ASP C 160 -22.34 -4.24 32.36
CA ASP C 160 -23.49 -4.60 33.19
C ASP C 160 -23.63 -3.69 34.38
N ALA C 161 -22.53 -3.42 35.08
CA ALA C 161 -22.56 -2.54 36.24
C ALA C 161 -22.95 -1.12 35.87
N LEU C 162 -22.43 -0.67 34.72
CA LEU C 162 -22.78 0.65 34.21
C LEU C 162 -24.30 0.78 34.06
N ILE C 163 -24.87 -0.11 33.27
CA ILE C 163 -26.30 -0.08 33.02
C ILE C 163 -27.12 -0.18 34.31
N ASN C 164 -26.63 -0.98 35.25
CA ASN C 164 -27.33 -1.16 36.52
CA ASN C 164 -27.34 -1.15 36.52
C ASN C 164 -27.28 0.11 37.35
N SER C 165 -26.11 0.74 37.40
CA SER C 165 -25.96 2.03 38.08
CA SER C 165 -26.04 1.97 38.16
C SER C 165 -26.93 3.03 37.52
N LEU C 166 -26.99 3.08 36.19
CA LEU C 166 -27.72 4.19 35.55
C LEU C 166 -29.22 4.00 35.61
N ASN C 167 -29.68 2.83 36.04
CA ASN C 167 -31.12 2.69 36.20
C ASN C 167 -31.65 3.48 37.41
N GLU C 168 -30.77 3.98 38.27
CA GLU C 168 -31.16 4.88 39.35
CA GLU C 168 -31.21 4.86 39.34
C GLU C 168 -31.37 6.31 38.85
N ALA C 169 -30.90 6.59 37.62
CA ALA C 169 -31.08 7.93 37.03
C ALA C 169 -32.55 8.17 36.66
N GLN C 170 -33.11 9.31 37.08
CA GLN C 170 -34.48 9.66 36.75
C GLN C 170 -34.59 10.34 35.38
N ALA C 171 -35.78 10.31 34.78
CA ALA C 171 -35.98 11.09 33.56
C ALA C 171 -35.70 12.56 33.86
N GLY C 172 -34.98 13.20 32.94
CA GLY C 172 -34.60 14.59 33.13
C GLY C 172 -33.26 14.78 33.83
N ASP C 173 -32.60 13.69 34.23
CA ASP C 173 -31.21 13.82 34.75
C ASP C 173 -30.27 13.94 33.56
N VAL C 174 -29.12 14.55 33.78
CA VAL C 174 -28.06 14.59 32.76
C VAL C 174 -27.13 13.39 32.97
N VAL C 175 -26.73 12.71 31.88
CA VAL C 175 -25.70 11.69 31.97
C VAL C 175 -24.52 12.14 31.13
N LEU C 176 -23.37 12.24 31.77
N LEU C 176 -23.35 12.16 31.78
CA LEU C 176 -22.17 12.66 31.06
CA LEU C 176 -22.10 12.58 31.15
C LEU C 176 -21.40 11.45 30.54
C LEU C 176 -21.38 11.40 30.53
N PHE C 177 -21.01 11.54 29.27
CA PHE C 177 -20.25 10.52 28.57
C PHE C 177 -18.95 11.14 28.06
N HIS C 178 -17.82 10.45 28.25
CA HIS C 178 -16.58 10.84 27.54
C HIS C 178 -16.68 10.36 26.11
N GLY C 179 -16.50 11.23 25.12
CA GLY C 179 -16.69 10.83 23.74
C GLY C 179 -15.74 9.74 23.25
N CYS C 180 -14.48 9.85 23.65
CA CYS C 180 -13.46 8.83 23.34
C CYS C 180 -12.35 9.05 24.31
N CYS C 181 -11.40 8.11 24.41
CA CYS C 181 -10.30 8.26 25.35
C CYS C 181 -10.75 8.64 26.76
N HIS C 182 -11.58 7.79 27.34
CA HIS C 182 -12.04 7.99 28.71
C HIS C 182 -10.89 8.36 29.67
N ASN C 183 -11.07 9.40 30.46
CA ASN C 183 -10.07 9.83 31.44
C ASN C 183 -10.66 9.44 32.83
N PRO C 184 -9.98 8.54 33.59
CA PRO C 184 -8.58 8.09 33.51
C PRO C 184 -8.29 6.76 32.83
N THR C 185 -9.31 6.06 32.41
CA THR C 185 -9.08 4.64 32.07
C THR C 185 -8.62 4.26 30.67
N GLY C 186 -8.87 5.12 29.69
CA GLY C 186 -8.61 4.78 28.30
C GLY C 186 -9.56 3.72 27.74
N ILE C 187 -10.57 3.37 28.52
CA ILE C 187 -11.56 2.39 28.12
C ILE C 187 -12.84 3.05 27.58
N ASP C 188 -13.13 2.83 26.30
CA ASP C 188 -14.32 3.41 25.66
C ASP C 188 -15.33 2.34 25.29
N PRO C 189 -16.63 2.71 25.30
CA PRO C 189 -17.64 1.83 24.69
C PRO C 189 -17.31 1.44 23.26
N THR C 190 -17.66 0.20 22.88
CA THR C 190 -17.60 -0.14 21.47
C THR C 190 -18.72 0.60 20.78
N LEU C 191 -18.70 0.65 19.43
CA LEU C 191 -19.83 1.26 18.71
C LEU C 191 -21.16 0.58 19.08
N GLU C 192 -21.17 -0.75 19.18
CA GLU C 192 -22.42 -1.42 19.55
C GLU C 192 -22.87 -1.06 20.98
N GLN C 193 -21.92 -0.88 21.88
CA GLN C 193 -22.24 -0.45 23.25
C GLN C 193 -22.73 1.01 23.26
N TRP C 194 -22.12 1.86 22.45
CA TRP C 194 -22.65 3.23 22.27
C TRP C 194 -24.09 3.20 21.78
N GLN C 195 -24.38 2.34 20.82
CA GLN C 195 -25.74 2.26 20.24
C GLN C 195 -26.75 1.77 21.29
N THR C 196 -26.34 0.79 22.10
CA THR C 196 -27.17 0.32 23.23
C THR C 196 -27.45 1.43 24.26
N LEU C 197 -26.41 2.16 24.61
CA LEU C 197 -26.57 3.32 25.52
C LEU C 197 -27.46 4.41 24.92
N ALA C 198 -27.34 4.67 23.60
CA ALA C 198 -28.15 5.71 22.96
C ALA C 198 -29.63 5.34 23.07
N GLN C 199 -29.93 4.06 22.84
CA GLN C 199 -31.31 3.57 22.94
CA GLN C 199 -31.31 3.58 22.93
C GLN C 199 -31.85 3.65 24.37
N LEU C 200 -31.05 3.23 25.34
CA LEU C 200 -31.45 3.29 26.72
C LEU C 200 -31.69 4.73 27.14
N SER C 201 -30.82 5.63 26.69
CA SER C 201 -30.93 7.04 27.05
C SER C 201 -32.22 7.65 26.55
N VAL C 202 -32.63 7.25 25.35
CA VAL C 202 -33.90 7.73 24.78
C VAL C 202 -35.07 7.22 25.63
N GLU C 203 -35.03 5.92 25.94
CA GLU C 203 -36.13 5.30 26.70
C GLU C 203 -36.27 5.84 28.12
N LYS C 204 -35.15 6.18 28.75
CA LYS C 204 -35.13 6.59 30.16
C LYS C 204 -35.23 8.10 30.35
N GLY C 205 -35.16 8.86 29.26
CA GLY C 205 -35.29 10.30 29.35
C GLY C 205 -34.08 11.05 29.90
N TRP C 206 -32.88 10.54 29.62
CA TRP C 206 -31.68 11.25 30.02
C TRP C 206 -31.31 12.37 29.05
N LEU C 207 -30.74 13.45 29.57
CA LEU C 207 -30.13 14.39 28.63
C LEU C 207 -28.64 14.02 28.53
N PRO C 208 -28.18 13.59 27.33
CA PRO C 208 -26.76 13.29 27.19
C PRO C 208 -25.89 14.55 27.13
N LEU C 209 -24.79 14.51 27.88
CA LEU C 209 -23.79 15.55 27.78
CA LEU C 209 -23.77 15.55 27.84
C LEU C 209 -22.49 14.86 27.46
N PHE C 210 -21.98 15.12 26.26
CA PHE C 210 -20.68 14.56 25.83
C PHE C 210 -19.54 15.48 26.18
N ASP C 211 -18.54 14.94 26.86
CA ASP C 211 -17.30 15.62 27.11
C ASP C 211 -16.31 15.02 26.08
N PHE C 212 -15.94 15.85 25.11
CA PHE C 212 -15.16 15.37 23.97
CA PHE C 212 -15.16 15.40 23.98
C PHE C 212 -13.83 16.15 23.93
N ALA C 213 -12.89 15.73 24.79
CA ALA C 213 -11.62 16.44 24.92
C ALA C 213 -10.45 15.84 24.13
N TYR C 214 -10.64 14.68 23.52
CA TYR C 214 -9.49 13.98 22.92
C TYR C 214 -9.85 13.47 21.50
N GLN C 215 -10.71 14.19 20.78
CA GLN C 215 -11.06 13.72 19.42
C GLN C 215 -9.80 13.54 18.56
N GLY C 216 -9.57 12.31 18.06
CA GLY C 216 -8.41 12.05 17.23
C GLY C 216 -7.31 11.29 17.93
N PHE C 217 -7.44 11.09 19.23
N PHE C 217 -7.43 11.12 19.24
CA PHE C 217 -6.37 10.42 19.99
CA PHE C 217 -6.38 10.46 20.00
C PHE C 217 -6.63 8.92 20.21
C PHE C 217 -6.61 8.94 20.13
N ALA C 218 -7.83 8.46 19.86
CA ALA C 218 -8.14 6.98 19.98
C ALA C 218 -7.82 6.25 18.67
N ARG C 219 -8.66 6.46 17.67
CA ARG C 219 -8.46 5.84 16.36
C ARG C 219 -8.34 6.86 15.21
N GLY C 220 -9.08 7.95 15.28
CA GLY C 220 -8.97 8.96 14.22
C GLY C 220 -10.10 9.95 14.41
N LEU C 221 -10.10 11.06 13.66
CA LEU C 221 -11.11 12.10 13.93
C LEU C 221 -12.50 11.54 13.73
N GLU C 222 -12.75 10.91 12.57
CA GLU C 222 -14.14 10.45 12.31
C GLU C 222 -14.55 9.26 13.21
N GLU C 223 -13.65 8.32 13.40
CA GLU C 223 -13.93 7.13 14.22
CA GLU C 223 -13.95 7.14 14.21
C GLU C 223 -14.21 7.55 15.65
N ASP C 224 -13.47 8.55 16.13
CA ASP C 224 -13.61 8.90 17.53
C ASP C 224 -14.96 9.54 17.79
N ALA C 225 -15.61 10.03 16.75
CA ALA C 225 -16.93 10.65 16.93
C ALA C 225 -18.11 9.69 16.68
N GLU C 226 -17.87 8.43 16.37
CA GLU C 226 -18.95 7.46 16.10
CA GLU C 226 -19.00 7.58 16.03
C GLU C 226 -19.97 7.39 17.23
N GLY C 227 -19.46 7.37 18.47
CA GLY C 227 -20.32 7.26 19.63
C GLY C 227 -21.25 8.44 19.77
N LEU C 228 -20.68 9.65 19.74
CA LEU C 228 -21.48 10.86 19.73
C LEU C 228 -22.52 10.85 18.59
N ARG C 229 -22.08 10.46 17.40
CA ARG C 229 -22.99 10.48 16.24
C ARG C 229 -24.09 9.41 16.36
N ALA C 230 -23.77 8.27 16.98
CA ALA C 230 -24.85 7.32 17.34
C ALA C 230 -25.87 7.93 18.29
N PHE C 231 -25.41 8.66 19.30
CA PHE C 231 -26.36 9.39 20.17
C PHE C 231 -27.14 10.47 19.39
N ALA C 232 -26.43 11.22 18.54
CA ALA C 232 -27.06 12.35 17.82
C ALA C 232 -28.17 11.87 16.90
N ALA C 233 -28.01 10.68 16.35
CA ALA C 233 -29.01 10.12 15.44
C ALA C 233 -30.29 9.75 16.17
N MET C 234 -30.20 9.54 17.49
N MET C 234 -30.22 9.57 17.48
CA MET C 234 -31.31 9.01 18.29
CA MET C 234 -31.37 9.06 18.22
C MET C 234 -32.01 10.07 19.14
C MET C 234 -32.04 10.11 19.10
N HIS C 235 -31.33 11.20 19.38
CA HIS C 235 -31.86 12.19 20.32
C HIS C 235 -32.29 13.49 19.69
N LYS C 236 -33.39 14.04 20.20
CA LYS C 236 -33.75 15.40 19.85
C LYS C 236 -32.77 16.41 20.45
N GLU C 237 -32.33 16.12 21.66
CA GLU C 237 -31.54 17.09 22.45
C GLU C 237 -30.25 16.48 22.97
N LEU C 238 -29.19 17.27 22.94
CA LEU C 238 -27.96 16.90 23.64
C LEU C 238 -27.03 18.11 23.73
N ILE C 239 -25.97 17.97 24.52
CA ILE C 239 -24.97 19.02 24.61
C ILE C 239 -23.61 18.36 24.44
N VAL C 240 -22.75 19.02 23.71
CA VAL C 240 -21.35 18.59 23.61
C VAL C 240 -20.41 19.68 24.15
N ALA C 241 -19.50 19.28 25.04
CA ALA C 241 -18.48 20.19 25.51
C ALA C 241 -17.18 19.63 24.91
N SER C 242 -16.66 20.28 23.88
CA SER C 242 -15.44 19.78 23.25
C SER C 242 -14.22 20.67 23.51
N SER C 243 -13.02 20.10 23.36
CA SER C 243 -11.82 20.83 23.68
C SER C 243 -10.80 20.61 22.58
N TYR C 244 -10.08 21.69 22.25
CA TYR C 244 -8.98 21.62 21.29
C TYR C 244 -7.63 21.75 22.00
N SER C 245 -7.64 21.60 23.31
CA SER C 245 -6.41 21.73 24.07
CA SER C 245 -6.41 21.73 24.09
C SER C 245 -5.37 20.69 23.71
N LYS C 246 -5.77 19.42 23.67
CA LYS C 246 -4.80 18.37 23.37
C LYS C 246 -4.60 18.21 21.85
N ASN C 247 -5.69 18.16 21.08
CA ASN C 247 -5.50 17.80 19.65
C ASN C 247 -4.95 18.92 18.76
N PHE C 248 -4.88 20.14 19.28
CA PHE C 248 -4.12 21.23 18.61
C PHE C 248 -2.91 21.67 19.46
N GLY C 249 -2.69 21.01 20.62
CA GLY C 249 -1.60 21.43 21.49
C GLY C 249 -1.75 22.88 21.90
N LEU C 250 -3.00 23.32 22.09
CA LEU C 250 -3.29 24.71 22.42
C LEU C 250 -3.77 24.92 23.89
N TYR C 251 -3.37 24.00 24.77
CA TYR C 251 -3.73 24.03 26.19
C TYR C 251 -3.97 25.42 26.78
N ASN C 252 -2.92 26.23 26.79
CA ASN C 252 -3.02 27.48 27.55
C ASN C 252 -3.77 28.63 26.82
N GLU C 253 -4.23 28.41 25.58
CA GLU C 253 -4.97 29.46 24.88
C GLU C 253 -6.47 29.33 25.13
N ARG C 254 -6.87 28.22 25.78
CA ARG C 254 -8.25 28.02 26.26
C ARG C 254 -9.25 27.97 25.08
N VAL C 255 -9.19 26.85 24.35
CA VAL C 255 -9.96 26.71 23.13
C VAL C 255 -10.89 25.51 23.19
N GLY C 256 -12.18 25.80 23.35
CA GLY C 256 -13.15 24.74 23.36
C GLY C 256 -14.48 25.20 22.76
N ALA C 257 -15.49 24.35 22.93
CA ALA C 257 -16.79 24.71 22.39
C ALA C 257 -17.89 24.05 23.18
N CYS C 258 -18.99 24.80 23.36
CA CYS C 258 -20.20 24.19 23.91
C CYS C 258 -21.23 24.16 22.77
N THR C 259 -21.65 22.95 22.37
CA THR C 259 -22.59 22.81 21.23
C THR C 259 -23.91 22.32 21.83
N LEU C 260 -24.96 23.07 21.54
CA LEU C 260 -26.30 22.81 22.00
C LEU C 260 -27.13 22.27 20.83
N VAL C 261 -27.80 21.15 21.06
CA VAL C 261 -28.62 20.52 20.02
C VAL C 261 -30.06 20.42 20.50
N ALA C 262 -31.01 20.85 19.68
CA ALA C 262 -32.42 20.69 20.04
C ALA C 262 -33.21 20.15 18.84
N ALA C 263 -34.52 19.96 19.03
CA ALA C 263 -35.32 19.21 18.06
C ALA C 263 -35.37 19.93 16.70
N ASP C 264 -35.36 21.24 16.74
CA ASP C 264 -35.44 22.01 15.50
C ASP C 264 -34.76 23.37 15.68
N SER C 265 -34.65 24.13 14.58
CA SER C 265 -33.96 25.42 14.60
CA SER C 265 -33.94 25.41 14.60
CA SER C 265 -33.96 25.43 14.58
C SER C 265 -34.60 26.45 15.51
N GLU C 266 -35.94 26.51 15.53
CA GLU C 266 -36.58 27.47 16.43
C GLU C 266 -36.23 27.19 17.89
N THR C 267 -36.29 25.93 18.27
CA THR C 267 -36.05 25.56 19.67
C THR C 267 -34.58 25.79 20.04
N VAL C 268 -33.66 25.36 19.16
CA VAL C 268 -32.23 25.51 19.54
C VAL C 268 -31.86 27.00 19.60
N ASP C 269 -32.38 27.84 18.70
CA ASP C 269 -32.03 29.27 18.73
C ASP C 269 -32.55 29.92 20.00
N ARG C 270 -33.78 29.56 20.40
CA ARG C 270 -34.36 30.12 21.59
C ARG C 270 -33.57 29.70 22.83
N ALA C 271 -33.25 28.42 22.92
CA ALA C 271 -32.46 27.92 24.04
C ALA C 271 -31.04 28.52 24.00
N PHE C 272 -30.44 28.61 22.81
CA PHE C 272 -29.07 29.13 22.72
C PHE C 272 -29.02 30.58 23.19
N SER C 273 -30.14 31.32 23.08
CA SER C 273 -30.13 32.73 23.53
CA SER C 273 -30.12 32.73 23.53
C SER C 273 -29.86 32.81 25.03
N GLN C 274 -30.36 31.84 25.78
CA GLN C 274 -30.07 31.75 27.20
C GLN C 274 -28.66 31.17 27.49
N MET C 275 -28.16 30.29 26.61
CA MET C 275 -26.74 29.85 26.76
C MET C 275 -25.83 31.09 26.58
N LYS C 276 -26.13 31.93 25.57
CA LYS C 276 -25.38 33.16 25.39
CA LYS C 276 -25.40 33.17 25.37
C LYS C 276 -25.50 34.07 26.59
N ALA C 277 -26.70 34.15 27.19
CA ALA C 277 -26.84 34.95 28.39
C ALA C 277 -25.93 34.44 29.53
N ALA C 278 -25.81 33.13 29.65
CA ALA C 278 -24.96 32.51 30.71
C ALA C 278 -23.48 32.83 30.50
N ILE C 279 -23.10 32.95 29.21
CA ILE C 279 -21.71 33.29 28.85
C ILE C 279 -21.45 34.75 29.18
N ARG C 280 -22.41 35.61 28.83
CA ARG C 280 -22.32 37.07 29.04
C ARG C 280 -22.05 37.40 30.52
N ALA C 281 -22.75 36.70 31.40
CA ALA C 281 -22.61 36.88 32.82
C ALA C 281 -21.40 36.20 33.43
N ASN C 282 -20.56 35.56 32.61
CA ASN C 282 -19.38 34.82 33.13
C ASN C 282 -18.11 35.56 32.67
N TYR C 283 -17.78 35.44 31.39
CA TYR C 283 -16.53 36.08 30.88
C TYR C 283 -16.84 36.99 29.67
N SER C 284 -18.14 37.21 29.41
CA SER C 284 -18.64 38.14 28.41
C SER C 284 -18.51 37.65 26.96
N ASN C 285 -17.30 37.28 26.51
CA ASN C 285 -17.11 36.80 25.16
C ASN C 285 -15.74 36.13 25.18
N PRO C 286 -15.47 35.21 24.24
CA PRO C 286 -14.34 34.29 24.45
C PRO C 286 -13.01 34.79 23.82
N PRO C 287 -11.89 34.21 24.25
CA PRO C 287 -10.56 34.67 23.77
C PRO C 287 -10.28 34.27 22.33
N ALA C 288 -9.92 35.26 21.51
CA ALA C 288 -9.81 35.07 20.06
C ALA C 288 -8.63 34.18 19.61
N HIS C 289 -7.46 34.37 20.24
CA HIS C 289 -6.21 33.92 19.57
C HIS C 289 -6.26 32.40 19.32
N GLY C 290 -6.52 31.61 20.35
CA GLY C 290 -6.50 30.16 20.14
C GLY C 290 -7.57 29.65 19.18
N ALA C 291 -8.79 30.14 19.33
CA ALA C 291 -9.86 29.69 18.43
C ALA C 291 -9.60 30.16 16.99
N SER C 292 -9.08 31.36 16.86
CA SER C 292 -8.77 31.85 15.53
CA SER C 292 -8.67 31.88 15.56
C SER C 292 -7.69 30.94 14.87
N VAL C 293 -6.68 30.51 15.62
CA VAL C 293 -5.75 29.61 14.95
CA VAL C 293 -5.72 29.54 15.07
C VAL C 293 -6.48 28.30 14.60
N VAL C 294 -7.38 27.78 15.46
CA VAL C 294 -8.14 26.56 15.08
C VAL C 294 -9.00 26.81 13.79
N ALA C 295 -9.73 27.91 13.76
CA ALA C 295 -10.53 28.19 12.54
C ALA C 295 -9.69 28.36 11.29
N THR C 296 -8.61 29.10 11.46
CA THR C 296 -7.65 29.33 10.36
C THR C 296 -7.14 27.98 9.77
N ILE C 297 -6.72 27.05 10.64
CA ILE C 297 -6.26 25.73 10.21
C ILE C 297 -7.39 24.88 9.61
N LEU C 298 -8.54 24.81 10.28
CA LEU C 298 -9.56 23.87 9.84
C LEU C 298 -10.15 24.28 8.52
N SER C 299 -10.11 25.57 8.24
CA SER C 299 -10.78 26.07 7.04
C SER C 299 -9.84 26.25 5.87
N ASN C 300 -8.58 25.84 6.05
CA ASN C 300 -7.58 25.97 4.99
C ASN C 300 -7.04 24.58 4.60
N ASP C 301 -7.16 24.19 3.33
CA ASP C 301 -6.79 22.81 2.97
C ASP C 301 -5.35 22.48 3.34
N ALA C 302 -4.42 23.38 3.03
CA ALA C 302 -2.98 23.15 3.29
C ALA C 302 -2.72 22.99 4.84
N LEU C 303 -3.14 24.00 5.61
CA LEU C 303 -2.92 23.93 7.05
C LEU C 303 -3.62 22.72 7.66
N ARG C 304 -4.87 22.43 7.25
N ARG C 304 -4.86 22.43 7.23
CA ARG C 304 -5.62 21.30 7.84
CA ARG C 304 -9.55 21.65 5.03
CA ARG C 304 -5.61 21.33 7.84
C ARG C 304 -4.87 19.99 7.61
C ARG C 304 -4.92 19.99 7.59
N ALA C 305 -4.27 19.84 6.43
CA ALA C 305 -3.54 18.61 6.12
C ALA C 305 -2.32 18.45 7.00
N ILE C 306 -1.59 19.55 7.21
CA ILE C 306 -0.40 19.52 8.08
C ILE C 306 -0.83 19.16 9.51
N TRP C 307 -1.89 19.83 9.98
CA TRP C 307 -2.41 19.57 11.33
C TRP C 307 -2.90 18.14 11.48
N GLU C 308 -3.72 17.65 10.55
CA GLU C 308 -4.20 16.28 10.69
C GLU C 308 -3.04 15.30 10.80
N GLN C 309 -2.00 15.52 10.01
CA GLN C 309 -0.86 14.61 10.15
C GLN C 309 -0.13 14.77 11.50
N GLU C 310 0.00 16.00 12.02
CA GLU C 310 0.60 16.13 13.36
CA GLU C 310 0.59 16.16 13.34
C GLU C 310 -0.23 15.43 14.40
N LEU C 311 -1.55 15.45 14.23
CA LEU C 311 -2.41 14.79 15.24
C LEU C 311 -2.24 13.27 15.11
N THR C 312 -2.21 12.81 13.88
CA THR C 312 -1.91 11.39 13.64
C THR C 312 -0.56 10.94 14.23
N ASP C 313 0.46 11.79 14.07
CA ASP C 313 1.78 11.50 14.66
C ASP C 313 1.64 11.37 16.19
N MET C 314 0.81 12.23 16.81
CA MET C 314 0.65 12.09 18.26
C MET C 314 -0.05 10.77 18.59
N ARG C 315 -1.16 10.50 17.92
CA ARG C 315 -1.94 9.28 18.19
CA ARG C 315 -1.92 9.28 18.21
CA ARG C 315 -1.96 9.26 18.12
C ARG C 315 -1.04 8.05 18.01
N GLN C 316 -0.27 8.04 16.95
CA GLN C 316 0.60 6.90 16.68
C GLN C 316 1.75 6.79 17.69
N ARG C 317 2.32 7.91 18.14
CA ARG C 317 3.40 7.81 19.12
C ARG C 317 2.86 7.24 20.44
N ILE C 318 1.63 7.61 20.80
CA ILE C 318 1.01 7.07 22.02
C ILE C 318 0.84 5.55 21.88
N GLN C 319 0.34 5.12 20.73
CA GLN C 319 0.16 3.69 20.48
C GLN C 319 1.49 2.90 20.53
N ARG C 320 2.55 3.47 19.96
CA ARG C 320 3.90 2.85 20.02
C ARG C 320 4.36 2.75 21.49
N MET C 321 4.08 3.78 22.29
CA MET C 321 4.49 3.71 23.71
C MET C 321 3.67 2.66 24.48
N ARG C 322 2.39 2.51 24.14
CA ARG C 322 1.58 1.48 24.79
C ARG C 322 2.22 0.10 24.56
N GLN C 323 2.54 -0.16 23.29
CA GLN C 323 3.15 -1.42 22.88
C GLN C 323 4.49 -1.61 23.54
N LEU C 324 5.32 -0.56 23.53
CA LEU C 324 6.66 -0.62 24.10
CA LEU C 324 6.66 -0.65 24.09
C LEU C 324 6.64 -0.82 25.61
N PHE C 325 5.66 -0.20 26.27
CA PHE C 325 5.48 -0.36 27.71
C PHE C 325 5.14 -1.83 28.04
N VAL C 326 4.17 -2.41 27.35
CA VAL C 326 3.79 -3.83 27.59
C VAL C 326 4.98 -4.79 27.31
N ASN C 327 5.63 -4.60 26.17
CA ASN C 327 6.81 -5.41 25.83
C ASN C 327 7.92 -5.29 26.86
N THR C 328 8.20 -4.08 27.32
CA THR C 328 9.31 -3.87 28.22
C THR C 328 9.01 -4.37 29.65
N LEU C 329 7.77 -4.25 30.08
CA LEU C 329 7.40 -4.82 31.36
C LEU C 329 7.62 -6.34 31.35
N GLN C 330 7.24 -6.99 30.26
CA GLN C 330 7.40 -8.44 30.21
C GLN C 330 8.88 -8.82 30.08
N GLU C 331 9.67 -8.00 29.36
N GLU C 331 9.66 -8.01 29.35
CA GLU C 331 11.12 -8.17 29.25
CA GLU C 331 11.10 -8.21 29.27
C GLU C 331 11.88 -7.85 30.52
C GLU C 331 11.75 -8.06 30.63
N LYS C 332 11.27 -7.12 31.44
CA LYS C 332 11.95 -6.83 32.71
C LYS C 332 11.42 -7.73 33.85
N GLY C 333 10.59 -8.71 33.51
CA GLY C 333 10.14 -9.72 34.47
C GLY C 333 8.93 -9.33 35.32
N ALA C 334 7.94 -8.68 34.73
CA ALA C 334 6.70 -8.37 35.46
C ALA C 334 5.90 -9.63 35.68
N ASN C 335 5.98 -10.55 34.72
CA ASN C 335 5.35 -11.86 34.85
C ASN C 335 3.86 -11.74 35.18
N ARG C 336 3.19 -10.80 34.52
CA ARG C 336 1.82 -10.45 34.82
C ARG C 336 1.23 -9.84 33.55
N ASP C 337 -0.03 -10.10 33.23
CA ASP C 337 -0.60 -9.64 31.97
C ASP C 337 -0.84 -8.11 31.97
N PHE C 338 -0.12 -7.38 31.13
CA PHE C 338 -0.39 -5.96 30.92
C PHE C 338 -0.94 -5.67 29.53
N SER C 339 -1.37 -6.71 28.81
CA SER C 339 -1.79 -6.56 27.41
CA SER C 339 -1.77 -6.54 27.41
C SER C 339 -3.01 -5.66 27.25
N PHE C 340 -3.77 -5.47 28.33
CA PHE C 340 -4.92 -4.56 28.33
C PHE C 340 -4.49 -3.15 27.96
N ILE C 341 -3.24 -2.82 28.21
CA ILE C 341 -2.72 -1.49 27.86
C ILE C 341 -2.78 -1.22 26.34
N ILE C 342 -2.58 -2.24 25.51
CA ILE C 342 -2.57 -2.08 24.05
CA ILE C 342 -2.55 -2.03 24.07
C ILE C 342 -3.94 -1.66 23.54
N LYS C 343 -4.96 -2.13 24.23
CA LYS C 343 -6.32 -1.93 23.77
CA LYS C 343 -6.34 -1.96 23.80
C LYS C 343 -6.94 -0.63 24.27
N GLN C 344 -6.30 0.00 25.25
CA GLN C 344 -6.88 1.22 25.78
C GLN C 344 -6.52 2.42 24.89
N ASN C 345 -7.31 3.48 25.01
CA ASN C 345 -7.27 4.58 24.06
C ASN C 345 -6.86 5.92 24.68
N GLY C 346 -5.90 6.59 24.06
CA GLY C 346 -5.59 7.95 24.49
C GLY C 346 -4.33 7.98 25.32
N MET C 347 -4.15 9.07 26.05
CA MET C 347 -2.94 9.32 26.82
CA MET C 347 -2.91 9.26 26.78
C MET C 347 -2.84 8.48 28.08
N PHE C 348 -4.01 8.15 28.63
CA PHE C 348 -4.11 7.59 30.00
C PHE C 348 -4.56 6.13 30.11
N SER C 349 -4.01 5.45 31.13
CA SER C 349 -4.46 4.10 31.51
C SER C 349 -4.28 3.97 33.01
N PHE C 350 -5.19 3.26 33.69
CA PHE C 350 -4.86 2.75 35.02
C PHE C 350 -3.80 1.66 34.88
N SER C 351 -2.67 1.82 35.56
CA SER C 351 -1.63 0.81 35.54
C SER C 351 -2.04 -0.46 36.29
N GLY C 352 -2.99 -0.33 37.21
CA GLY C 352 -3.29 -1.43 38.12
C GLY C 352 -2.52 -1.38 39.44
N LEU C 353 -1.64 -0.40 39.59
CA LEU C 353 -0.87 -0.16 40.83
C LEU C 353 -1.73 0.47 41.93
N THR C 354 -1.50 0.09 43.18
CA THR C 354 -2.27 0.65 44.28
C THR C 354 -1.74 2.02 44.65
N LYS C 355 -2.49 2.74 45.48
CA LYS C 355 -2.03 4.06 45.95
C LYS C 355 -0.70 3.93 46.70
N GLU C 356 -0.49 2.81 47.41
CA GLU C 356 0.81 2.62 48.12
C GLU C 356 1.94 2.26 47.16
N GLN C 357 1.65 1.43 46.16
CA GLN C 357 2.66 1.17 45.13
C GLN C 357 3.06 2.46 44.43
N VAL C 358 2.08 3.33 44.19
CA VAL C 358 2.39 4.60 43.52
C VAL C 358 3.27 5.46 44.41
N LEU C 359 2.96 5.52 45.71
CA LEU C 359 3.80 6.26 46.66
C LEU C 359 5.22 5.69 46.75
N ARG C 360 5.34 4.37 46.77
CA ARG C 360 6.64 3.72 46.74
CA ARG C 360 6.66 3.75 46.77
C ARG C 360 7.43 4.06 45.47
N LEU C 361 6.72 4.06 44.34
CA LEU C 361 7.34 4.46 43.04
C LEU C 361 7.98 5.82 43.13
N ARG C 362 7.26 6.78 43.68
CA ARG C 362 7.70 8.17 43.82
CA ARG C 362 7.73 8.15 43.80
C ARG C 362 8.88 8.25 44.79
N GLU C 363 8.71 7.66 45.97
CA GLU C 363 9.71 7.81 47.01
C GLU C 363 11.03 7.06 46.73
N GLU C 364 10.95 5.81 46.25
CA GLU C 364 12.17 5.01 46.08
CA GLU C 364 12.19 5.06 46.09
C GLU C 364 12.77 5.15 44.70
N PHE C 365 11.93 5.46 43.70
CA PHE C 365 12.41 5.41 42.33
C PHE C 365 12.26 6.71 41.57
N GLY C 366 11.61 7.70 42.15
CA GLY C 366 11.45 8.98 41.47
C GLY C 366 10.56 8.92 40.23
N VAL C 367 9.73 7.89 40.18
CA VAL C 367 8.72 7.75 39.12
C VAL C 367 7.38 8.22 39.65
N TYR C 368 6.80 9.21 38.97
CA TYR C 368 5.60 9.89 39.46
C TYR C 368 4.36 9.50 38.67
N ALA C 369 3.37 8.94 39.36
CA ALA C 369 2.04 8.73 38.77
C ALA C 369 1.00 9.32 39.71
N VAL C 370 -0.27 9.35 39.31
CA VAL C 370 -1.36 9.82 40.13
CA VAL C 370 -1.26 9.87 40.25
C VAL C 370 -1.69 8.72 41.15
N ALA C 371 -2.19 9.07 42.35
CA ALA C 371 -2.52 8.05 43.40
C ALA C 371 -3.45 6.93 42.94
N SER C 372 -4.29 7.22 41.94
CA SER C 372 -5.17 6.20 41.37
C SER C 372 -4.44 5.12 40.56
N GLY C 373 -3.15 5.31 40.27
CA GLY C 373 -2.45 4.43 39.38
C GLY C 373 -2.51 4.87 37.93
N ARG C 374 -3.18 6.00 37.64
CA ARG C 374 -3.19 6.47 36.25
C ARG C 374 -1.81 6.91 35.82
N VAL C 375 -1.41 6.49 34.62
CA VAL C 375 -0.17 6.91 34.02
C VAL C 375 -0.49 7.56 32.67
N ASN C 376 0.29 8.59 32.38
CA ASN C 376 0.27 9.19 31.03
C ASN C 376 1.31 8.51 30.13
N VAL C 377 0.86 7.68 29.22
CA VAL C 377 1.71 6.98 28.30
CA VAL C 377 1.82 6.98 28.37
C VAL C 377 2.55 7.94 27.43
N ALA C 378 2.05 9.17 27.23
CA ALA C 378 2.89 10.14 26.47
C ALA C 378 4.07 10.73 27.28
N GLY C 379 4.16 10.46 28.58
CA GLY C 379 5.34 10.79 29.34
C GLY C 379 6.42 9.73 29.17
N MET C 380 6.07 8.67 28.45
CA MET C 380 7.02 7.60 28.17
C MET C 380 7.74 7.85 26.86
N THR C 381 9.02 7.49 26.84
CA THR C 381 9.83 7.58 25.64
C THR C 381 10.65 6.31 25.49
N PRO C 382 11.17 6.06 24.29
CA PRO C 382 12.06 4.89 24.15
C PRO C 382 13.23 4.97 25.12
N ASP C 383 13.72 6.17 25.44
CA ASP C 383 14.87 6.28 26.33
C ASP C 383 14.53 6.07 27.80
N ASN C 384 13.35 6.50 28.26
CA ASN C 384 13.06 6.35 29.70
C ASN C 384 12.26 5.09 30.04
N MET C 385 11.91 4.31 29.02
CA MET C 385 11.05 3.16 29.23
C MET C 385 11.68 2.07 30.10
N ALA C 386 12.94 1.73 29.85
CA ALA C 386 13.58 0.67 30.65
C ALA C 386 13.68 1.03 32.13
N PRO C 387 14.21 2.21 32.47
CA PRO C 387 14.21 2.50 33.91
C PRO C 387 12.82 2.56 34.55
N LEU C 388 11.87 3.13 33.82
CA LEU C 388 10.50 3.24 34.32
CA LEU C 388 10.47 3.24 34.24
C LEU C 388 9.91 1.85 34.59
N CYS C 389 10.17 0.91 33.68
CA CYS C 389 9.63 -0.42 33.85
C CYS C 389 10.36 -1.18 34.93
N GLU C 390 11.68 -0.97 35.04
CA GLU C 390 12.41 -1.63 36.15
C GLU C 390 11.85 -1.19 37.50
N ALA C 391 11.53 0.10 37.63
CA ALA C 391 10.94 0.59 38.87
C ALA C 391 9.59 -0.04 39.15
N ILE C 392 8.74 -0.12 38.13
CA ILE C 392 7.41 -0.71 38.30
C ILE C 392 7.53 -2.19 38.73
N VAL C 393 8.36 -2.93 38.03
CA VAL C 393 8.56 -4.35 38.36
C VAL C 393 9.01 -4.49 39.81
N ALA C 394 9.81 -3.54 40.28
CA ALA C 394 10.31 -3.62 41.64
C ALA C 394 9.22 -3.43 42.71
N VAL C 395 8.13 -2.71 42.39
CA VAL C 395 7.10 -2.50 43.42
C VAL C 395 5.92 -3.44 43.26
N LEU C 396 5.96 -4.29 42.25
CA LEU C 396 4.90 -5.27 42.08
C LEU C 396 4.89 -6.29 43.24
N MET D 1 -45.32 -54.44 -1.28
CA MET D 1 -44.66 -53.60 -0.26
CA MET D 1 -44.78 -53.60 -0.20
CA MET D 1 -44.81 -53.60 -0.21
C MET D 1 -44.71 -52.13 -0.59
N PHE D 2 -44.60 -51.84 -1.90
CA PHE D 2 -44.40 -50.45 -2.33
C PHE D 2 -45.63 -49.81 -2.94
N GLU D 3 -46.68 -50.61 -3.13
CA GLU D 3 -47.82 -50.14 -3.92
C GLU D 3 -48.51 -48.89 -3.31
N ASN D 4 -48.47 -48.69 -1.99
CA ASN D 4 -49.16 -47.55 -1.40
C ASN D 4 -48.28 -46.41 -0.88
N ILE D 5 -47.00 -46.42 -1.27
CA ILE D 5 -46.12 -45.37 -0.81
C ILE D 5 -46.54 -44.01 -1.36
N THR D 6 -46.55 -43.00 -0.51
CA THR D 6 -46.83 -41.65 -0.95
CA THR D 6 -46.85 -41.65 -0.96
C THR D 6 -45.61 -40.99 -1.54
N ALA D 7 -45.79 -40.28 -2.66
CA ALA D 7 -44.69 -39.61 -3.32
C ALA D 7 -44.10 -38.57 -2.38
N ALA D 8 -42.79 -38.39 -2.44
CA ALA D 8 -42.16 -37.34 -1.64
C ALA D 8 -42.67 -35.99 -2.09
N PRO D 9 -42.75 -35.04 -1.17
CA PRO D 9 -43.22 -33.71 -1.55
C PRO D 9 -42.35 -33.12 -2.65
N ALA D 10 -42.96 -32.20 -3.38
CA ALA D 10 -42.52 -31.71 -4.69
C ALA D 10 -41.04 -31.35 -4.89
N ASP D 11 -40.35 -30.76 -3.91
CA ASP D 11 -38.96 -30.30 -4.13
C ASP D 11 -38.88 -29.06 -5.05
N PRO D 12 -39.02 -27.86 -4.46
CA PRO D 12 -39.15 -26.68 -5.33
C PRO D 12 -37.80 -26.32 -6.00
N ILE D 13 -36.71 -26.84 -5.45
CA ILE D 13 -35.37 -26.52 -5.94
C ILE D 13 -35.06 -27.13 -7.30
N LEU D 14 -35.41 -28.40 -7.50
CA LEU D 14 -34.95 -29.11 -8.71
C LEU D 14 -35.64 -28.90 -10.10
N GLY D 15 -36.93 -28.56 -10.18
CA GLY D 15 -37.67 -27.69 -9.29
C GLY D 15 -37.77 -26.40 -10.08
N LEU D 16 -37.19 -25.35 -9.50
CA LEU D 16 -36.82 -24.18 -10.27
C LEU D 16 -35.95 -24.56 -11.47
N ALA D 17 -34.98 -25.43 -11.21
CA ALA D 17 -33.96 -25.81 -12.20
C ALA D 17 -34.52 -26.31 -13.54
N ASP D 18 -35.47 -27.23 -13.46
CA ASP D 18 -36.08 -27.79 -14.66
C ASP D 18 -36.83 -26.73 -15.47
N LEU D 19 -37.54 -25.85 -14.76
CA LEU D 19 -38.31 -24.80 -15.41
C LEU D 19 -37.36 -23.86 -16.11
N PHE D 20 -36.23 -23.59 -15.45
CA PHE D 20 -35.24 -22.68 -16.00
C PHE D 20 -34.64 -23.26 -17.28
N ARG D 21 -34.30 -24.55 -17.22
CA ARG D 21 -33.75 -25.21 -18.40
C ARG D 21 -34.76 -25.17 -19.53
N ALA D 22 -36.01 -25.54 -19.24
CA ALA D 22 -37.02 -25.57 -20.29
C ALA D 22 -37.32 -24.18 -20.85
N ASP D 23 -37.06 -23.13 -20.07
CA ASP D 23 -37.41 -21.78 -20.52
C ASP D 23 -36.65 -21.42 -21.82
N GLU D 24 -37.40 -21.00 -22.83
CA GLU D 24 -36.82 -20.81 -24.17
C GLU D 24 -36.45 -19.36 -24.46
N ARG D 25 -36.75 -18.46 -23.52
CA ARG D 25 -36.44 -17.04 -23.72
C ARG D 25 -35.01 -16.64 -23.44
N PRO D 26 -34.47 -15.79 -24.32
CA PRO D 26 -33.41 -14.85 -23.93
C PRO D 26 -34.08 -13.69 -23.18
N GLY D 27 -33.36 -13.08 -22.25
CA GLY D 27 -32.14 -13.62 -21.72
C GLY D 27 -32.58 -13.99 -20.32
N LYS D 28 -32.95 -15.24 -20.17
CA LYS D 28 -33.35 -15.78 -18.88
C LYS D 28 -32.15 -15.77 -17.95
N ILE D 29 -32.38 -15.70 -16.64
CA ILE D 29 -31.32 -15.60 -15.63
C ILE D 29 -31.67 -16.43 -14.41
N ASN D 30 -30.73 -17.27 -13.97
CA ASN D 30 -30.99 -18.10 -12.82
C ASN D 30 -30.30 -17.64 -11.52
N LEU D 31 -31.08 -17.01 -10.61
CA LEU D 31 -30.55 -16.57 -9.32
C LEU D 31 -30.93 -17.56 -8.25
N GLY D 32 -31.49 -18.67 -8.67
CA GLY D 32 -31.93 -19.63 -7.66
C GLY D 32 -30.83 -20.61 -7.39
N ILE D 33 -29.79 -20.56 -8.23
CA ILE D 33 -28.70 -21.50 -8.09
C ILE D 33 -28.07 -21.52 -6.66
N GLY D 34 -27.57 -22.68 -6.24
CA GLY D 34 -26.99 -22.74 -4.91
C GLY D 34 -25.45 -22.81 -4.97
N VAL D 35 -24.85 -22.57 -6.14
CA VAL D 35 -23.37 -22.61 -6.25
C VAL D 35 -22.77 -21.27 -6.72
N TYR D 36 -21.44 -21.14 -6.58
CA TYR D 36 -20.73 -20.00 -7.09
C TYR D 36 -20.62 -20.08 -8.63
N LYS D 37 -20.74 -18.93 -9.27
CA LYS D 37 -20.41 -18.78 -10.69
C LYS D 37 -19.45 -17.63 -10.88
N ASP D 38 -18.54 -17.76 -11.84
CA ASP D 38 -17.60 -16.67 -12.09
C ASP D 38 -18.27 -15.68 -13.04
N GLU D 39 -17.47 -14.75 -13.53
N GLU D 39 -17.53 -14.70 -13.53
CA GLU D 39 -17.92 -13.62 -14.34
CA GLU D 39 -18.10 -13.64 -14.36
C GLU D 39 -18.41 -14.05 -15.74
C GLU D 39 -18.62 -14.16 -15.71
N THR D 40 -18.05 -15.27 -16.17
CA THR D 40 -18.52 -15.87 -17.41
C THR D 40 -19.73 -16.78 -17.24
N GLY D 41 -20.23 -16.92 -16.00
CA GLY D 41 -21.40 -17.72 -15.72
C GLY D 41 -21.08 -19.19 -15.54
N LYS D 42 -19.82 -19.50 -15.25
CA LYS D 42 -19.40 -20.89 -15.12
CA LYS D 42 -19.38 -20.88 -15.12
C LYS D 42 -19.02 -21.21 -13.68
N THR D 43 -19.03 -22.48 -13.35
CA THR D 43 -18.60 -22.95 -11.99
C THR D 43 -17.38 -23.84 -12.29
N PRO D 44 -16.22 -23.24 -12.61
N PRO D 44 -16.20 -23.22 -12.47
CA PRO D 44 -15.13 -24.12 -13.05
CA PRO D 44 -15.07 -24.04 -12.92
C PRO D 44 -14.43 -24.81 -11.88
C PRO D 44 -14.50 -24.90 -11.81
N VAL D 45 -13.68 -25.88 -12.18
CA VAL D 45 -12.84 -26.54 -11.21
C VAL D 45 -11.75 -25.52 -10.87
N LEU D 46 -11.48 -25.30 -9.58
CA LEU D 46 -10.40 -24.38 -9.17
CA LEU D 46 -10.40 -24.39 -9.18
C LEU D 46 -9.06 -24.87 -9.72
N THR D 47 -8.18 -23.94 -10.06
CA THR D 47 -6.87 -24.35 -10.58
C THR D 47 -6.08 -25.10 -9.52
N SER D 48 -6.17 -24.66 -8.27
CA SER D 48 -5.47 -25.38 -7.19
C SER D 48 -5.93 -26.85 -7.11
N VAL D 49 -7.23 -27.04 -7.31
CA VAL D 49 -7.81 -28.38 -7.31
C VAL D 49 -7.34 -29.19 -8.51
N LYS D 50 -7.34 -28.62 -9.73
CA LYS D 50 -6.82 -29.35 -10.86
C LYS D 50 -5.36 -29.78 -10.58
N LYS D 51 -4.57 -28.86 -10.02
CA LYS D 51 -3.15 -29.18 -9.77
C LYS D 51 -3.02 -30.34 -8.76
N ALA D 52 -3.87 -30.30 -7.74
CA ALA D 52 -3.86 -31.34 -6.71
C ALA D 52 -4.30 -32.65 -7.36
N GLU D 53 -5.34 -32.62 -8.22
CA GLU D 53 -5.81 -33.85 -8.86
C GLU D 53 -4.73 -34.46 -9.73
N GLN D 54 -3.97 -33.62 -10.45
CA GLN D 54 -2.86 -34.14 -11.24
CA GLN D 54 -2.83 -34.10 -11.22
C GLN D 54 -1.82 -34.83 -10.35
N TYR D 55 -1.48 -34.22 -9.20
CA TYR D 55 -0.55 -34.79 -8.27
C TYR D 55 -1.09 -36.14 -7.76
N LEU D 56 -2.39 -36.20 -7.43
CA LEU D 56 -2.94 -37.48 -6.97
C LEU D 56 -2.91 -38.55 -8.08
N LEU D 57 -3.18 -38.16 -9.34
CA LEU D 57 -3.15 -39.11 -10.44
C LEU D 57 -1.72 -39.70 -10.54
N GLU D 58 -0.74 -38.85 -10.31
CA GLU D 58 0.66 -39.25 -10.48
C GLU D 58 1.20 -40.08 -9.36
N ASN D 59 0.64 -39.92 -8.16
CA ASN D 59 1.27 -40.45 -6.97
CA ASN D 59 1.26 -40.44 -6.97
C ASN D 59 0.46 -41.48 -6.22
N GLU D 60 -0.85 -41.51 -6.41
CA GLU D 60 -1.62 -42.56 -5.75
C GLU D 60 -1.25 -43.94 -6.26
N THR D 61 -0.99 -44.89 -5.34
CA THR D 61 -0.71 -46.25 -5.71
C THR D 61 -1.70 -47.29 -5.16
N THR D 62 -2.75 -46.82 -4.49
CA THR D 62 -3.79 -47.74 -4.04
C THR D 62 -5.06 -46.94 -3.83
N LYS D 63 -6.21 -47.61 -3.89
CA LYS D 63 -7.45 -47.00 -3.41
C LYS D 63 -7.92 -47.67 -2.11
N ASN D 64 -7.01 -48.32 -1.39
CA ASN D 64 -7.39 -48.97 -0.12
CA ASN D 64 -7.41 -49.00 -0.13
C ASN D 64 -8.19 -48.06 0.80
N TYR D 65 -9.20 -48.63 1.49
CA TYR D 65 -10.06 -47.84 2.38
C TYR D 65 -9.32 -46.88 3.31
N LEU D 66 -9.88 -45.69 3.47
CA LEU D 66 -9.52 -44.84 4.57
C LEU D 66 -10.07 -45.41 5.90
N GLY D 67 -9.52 -44.94 7.01
CA GLY D 67 -10.11 -45.21 8.32
C GLY D 67 -11.52 -44.58 8.31
N ILE D 68 -12.29 -44.95 9.32
CA ILE D 68 -13.66 -44.49 9.45
C ILE D 68 -13.69 -42.96 9.47
N ASP D 69 -12.71 -42.35 10.13
CA ASP D 69 -12.70 -40.89 10.23
C ASP D 69 -11.90 -40.18 9.12
N GLY D 70 -11.45 -40.96 8.15
CA GLY D 70 -10.83 -40.39 6.93
C GLY D 70 -9.35 -40.09 7.07
N ILE D 71 -8.88 -39.15 6.26
CA ILE D 71 -7.45 -38.85 6.14
C ILE D 71 -6.98 -38.01 7.32
N PRO D 72 -5.98 -38.50 8.07
CA PRO D 72 -5.49 -37.74 9.24
C PRO D 72 -5.10 -36.31 8.94
N GLU D 73 -4.35 -36.07 7.85
CA GLU D 73 -3.96 -34.69 7.52
C GLU D 73 -5.18 -33.78 7.29
N PHE D 74 -6.22 -34.33 6.65
CA PHE D 74 -7.47 -33.58 6.41
C PHE D 74 -8.07 -33.12 7.76
N GLY D 75 -8.07 -34.04 8.74
CA GLY D 75 -8.57 -33.74 10.07
C GLY D 75 -7.76 -32.62 10.72
N ARG D 76 -6.43 -32.72 10.67
CA ARG D 76 -5.58 -31.69 11.28
C ARG D 76 -5.73 -30.32 10.64
N CYS D 77 -5.73 -30.30 9.30
CA CYS D 77 -5.91 -29.06 8.56
C CYS D 77 -7.27 -28.47 8.85
N THR D 78 -8.26 -29.33 8.96
CA THR D 78 -9.61 -28.86 9.29
C THR D 78 -9.63 -28.18 10.68
N GLN D 79 -9.05 -28.82 11.70
CA GLN D 79 -9.10 -28.20 13.00
C GLN D 79 -8.35 -26.88 13.05
N GLU D 80 -7.26 -26.73 12.30
N GLU D 80 -7.26 -26.76 12.30
CA GLU D 80 -6.53 -25.46 12.27
CA GLU D 80 -6.50 -25.52 12.23
C GLU D 80 -7.38 -24.37 11.62
C GLU D 80 -7.35 -24.40 11.60
N LEU D 81 -8.09 -24.72 10.56
CA LEU D 81 -9.02 -23.75 9.94
C LEU D 81 -10.12 -23.29 10.91
N LEU D 82 -10.67 -24.26 11.64
CA LEU D 82 -11.79 -23.95 12.52
C LEU D 82 -11.34 -23.14 13.75
N PHE D 83 -10.26 -23.59 14.39
CA PHE D 83 -9.95 -23.11 15.73
C PHE D 83 -8.75 -22.19 15.79
N GLY D 84 -7.93 -22.22 14.74
CA GLY D 84 -6.70 -21.44 14.64
C GLY D 84 -5.48 -22.23 15.08
N LYS D 85 -4.37 -22.08 14.35
CA LYS D 85 -3.14 -22.72 14.76
C LYS D 85 -2.80 -22.31 16.20
N GLY D 86 -2.40 -23.27 17.01
CA GLY D 86 -2.05 -22.98 18.39
C GLY D 86 -3.21 -22.82 19.35
N SER D 87 -4.43 -23.05 18.87
N SER D 87 -4.42 -23.07 18.89
CA SER D 87 -5.62 -23.06 19.74
CA SER D 87 -5.58 -23.00 19.76
C SER D 87 -5.46 -24.05 20.88
C SER D 87 -5.47 -24.03 20.88
N ALA D 88 -6.00 -23.68 22.06
CA ALA D 88 -5.96 -24.59 23.21
C ALA D 88 -6.73 -25.89 22.96
N LEU D 89 -7.80 -25.81 22.18
CA LEU D 89 -8.58 -26.98 21.85
C LEU D 89 -7.70 -27.99 21.13
N ILE D 90 -6.80 -27.49 20.29
CA ILE D 90 -5.92 -28.38 19.56
C ILE D 90 -4.79 -28.86 20.49
N ASN D 91 -4.14 -27.91 21.17
CA ASN D 91 -3.04 -28.28 22.07
C ASN D 91 -3.49 -29.31 23.11
N ASP D 92 -4.70 -29.14 23.66
CA ASP D 92 -5.20 -30.00 24.74
C ASP D 92 -5.90 -31.26 24.19
N LYS D 93 -5.84 -31.43 22.87
CA LYS D 93 -6.40 -32.61 22.19
C LYS D 93 -7.86 -32.82 22.55
N ARG D 94 -8.61 -31.73 22.57
CA ARG D 94 -10.01 -31.81 22.98
C ARG D 94 -10.96 -32.03 21.77
N ALA D 95 -10.42 -32.05 20.57
CA ALA D 95 -11.25 -32.12 19.34
C ALA D 95 -10.87 -33.33 18.50
N ARG D 96 -11.89 -34.01 17.99
CA ARG D 96 -11.69 -35.13 17.06
C ARG D 96 -12.52 -34.82 15.81
N THR D 97 -11.93 -35.07 14.64
CA THR D 97 -12.60 -34.73 13.38
C THR D 97 -12.81 -36.00 12.52
N ALA D 98 -14.05 -36.19 12.05
CA ALA D 98 -14.30 -37.22 11.06
C ALA D 98 -14.52 -36.54 9.69
N GLN D 99 -13.76 -36.95 8.68
CA GLN D 99 -14.00 -36.58 7.27
C GLN D 99 -15.36 -37.14 6.85
N THR D 100 -16.25 -36.35 6.25
CA THR D 100 -17.60 -36.84 5.91
C THR D 100 -17.95 -36.51 4.46
N PRO D 101 -18.98 -37.15 3.89
CA PRO D 101 -19.46 -36.79 2.53
C PRO D 101 -20.27 -35.52 2.59
N GLY D 102 -19.50 -34.43 2.54
CA GLY D 102 -20.02 -33.08 2.54
C GLY D 102 -20.49 -32.55 3.90
N GLY D 103 -20.84 -31.27 3.94
CA GLY D 103 -21.43 -30.74 5.16
C GLY D 103 -22.72 -31.45 5.56
N THR D 104 -23.54 -31.85 4.58
CA THR D 104 -24.80 -32.54 4.90
C THR D 104 -24.47 -33.83 5.64
N GLY D 105 -23.48 -34.56 5.10
CA GLY D 105 -23.06 -35.80 5.71
C GLY D 105 -22.58 -35.54 7.15
N ALA D 106 -21.90 -34.42 7.38
CA ALA D 106 -21.43 -34.12 8.74
C ALA D 106 -22.61 -33.84 9.68
N LEU D 107 -23.64 -33.18 9.15
CA LEU D 107 -24.85 -32.89 9.96
C LEU D 107 -25.56 -34.15 10.32
N ARG D 108 -25.65 -35.08 9.36
CA ARG D 108 -26.35 -36.34 9.62
C ARG D 108 -25.57 -37.20 10.62
N VAL D 109 -24.25 -37.30 10.43
CA VAL D 109 -23.44 -38.00 11.43
C VAL D 109 -23.62 -37.36 12.83
N ALA D 110 -23.56 -36.04 12.91
CA ALA D 110 -23.79 -35.38 14.21
C ALA D 110 -25.16 -35.75 14.79
N ALA D 111 -26.18 -35.76 13.94
CA ALA D 111 -27.53 -36.08 14.40
C ALA D 111 -27.67 -37.54 14.89
N ASP D 112 -27.13 -38.48 14.11
CA ASP D 112 -27.19 -39.89 14.50
C ASP D 112 -26.42 -40.15 15.80
N PHE D 113 -25.23 -39.55 15.86
CA PHE D 113 -24.40 -39.59 17.08
C PHE D 113 -25.19 -39.11 18.32
N LEU D 114 -25.78 -37.93 18.20
CA LEU D 114 -26.57 -37.35 19.30
C LEU D 114 -27.83 -38.15 19.65
N ALA D 115 -28.57 -38.61 18.62
CA ALA D 115 -29.78 -39.35 18.90
C ALA D 115 -29.49 -40.68 19.67
N LYS D 116 -28.39 -41.36 19.32
CA LYS D 116 -28.10 -42.68 19.84
CA LYS D 116 -28.09 -42.69 19.84
C LYS D 116 -27.33 -42.67 21.17
N ASN D 117 -26.59 -41.60 21.42
CA ASN D 117 -25.65 -41.60 22.55
C ASN D 117 -25.84 -40.53 23.61
N THR D 118 -26.89 -39.70 23.46
CA THR D 118 -27.15 -38.62 24.38
C THR D 118 -28.65 -38.52 24.61
N SER D 119 -29.02 -37.63 25.51
CA SER D 119 -30.42 -37.40 25.80
C SER D 119 -30.99 -36.32 24.88
N VAL D 120 -30.23 -35.86 23.88
CA VAL D 120 -30.79 -34.83 22.99
C VAL D 120 -32.07 -35.28 22.29
N LYS D 121 -33.11 -34.45 22.35
CA LYS D 121 -34.33 -34.78 21.63
C LYS D 121 -34.70 -33.71 20.60
N ARG D 122 -34.10 -32.53 20.72
CA ARG D 122 -34.52 -31.33 20.00
CA ARG D 122 -34.50 -31.32 20.03
C ARG D 122 -33.35 -30.48 19.49
N VAL D 123 -33.47 -29.99 18.25
CA VAL D 123 -32.49 -29.07 17.67
C VAL D 123 -33.19 -27.75 17.30
N TRP D 124 -32.64 -26.63 17.77
CA TRP D 124 -33.17 -25.31 17.44
C TRP D 124 -32.46 -24.76 16.22
N VAL D 125 -33.26 -24.36 15.23
CA VAL D 125 -32.74 -23.85 13.94
CA VAL D 125 -32.68 -23.79 14.02
C VAL D 125 -33.34 -22.45 13.70
N SER D 126 -32.58 -21.54 13.09
CA SER D 126 -33.16 -20.24 12.78
C SER D 126 -34.33 -20.35 11.80
N ASN D 127 -35.28 -19.44 11.95
CA ASN D 127 -36.26 -19.20 10.91
C ASN D 127 -35.92 -17.88 10.23
N PRO D 128 -35.47 -17.92 8.95
CA PRO D 128 -35.32 -19.06 8.03
C PRO D 128 -33.99 -19.77 8.12
N SER D 129 -33.88 -20.93 7.48
CA SER D 129 -32.57 -21.62 7.39
C SER D 129 -32.51 -22.36 6.05
N TRP D 130 -31.44 -23.11 5.85
CA TRP D 130 -31.40 -24.06 4.79
C TRP D 130 -32.51 -25.10 5.00
N PRO D 131 -33.32 -25.36 3.97
CA PRO D 131 -34.50 -26.20 4.20
C PRO D 131 -34.14 -27.65 4.52
N ASN D 132 -32.93 -28.13 4.18
CA ASN D 132 -32.62 -29.52 4.47
C ASN D 132 -32.26 -29.75 5.94
N HIS D 133 -32.07 -28.68 6.74
CA HIS D 133 -31.73 -28.88 8.15
C HIS D 133 -32.83 -29.67 8.83
N LYS D 134 -34.10 -29.33 8.58
CA LYS D 134 -35.18 -30.04 9.26
CA LYS D 134 -35.15 -30.05 9.30
C LYS D 134 -35.17 -31.52 8.87
N SER D 135 -34.96 -31.77 7.58
CA SER D 135 -35.01 -33.12 7.04
C SER D 135 -33.91 -33.98 7.66
N VAL D 136 -32.72 -33.40 7.73
CA VAL D 136 -31.57 -34.16 8.30
C VAL D 136 -31.84 -34.56 9.77
N PHE D 137 -32.19 -33.57 10.59
CA PHE D 137 -32.40 -33.87 12.01
C PHE D 137 -33.60 -34.75 12.24
N ASN D 138 -34.72 -34.48 11.56
CA ASN D 138 -35.88 -35.37 11.68
C ASN D 138 -35.53 -36.80 11.28
N SER D 139 -34.66 -36.99 10.28
CA SER D 139 -34.29 -38.34 9.83
CA SER D 139 -34.41 -38.36 9.86
C SER D 139 -33.68 -39.15 10.96
N ALA D 140 -33.03 -38.44 11.88
CA ALA D 140 -32.38 -39.11 13.02
C ALA D 140 -33.29 -39.23 14.21
N GLY D 141 -34.52 -38.80 14.04
CA GLY D 141 -35.50 -38.89 15.12
C GLY D 141 -35.50 -37.68 16.04
N LEU D 142 -34.85 -36.59 15.63
CA LEU D 142 -34.80 -35.40 16.44
C LEU D 142 -35.82 -34.35 15.99
N GLU D 143 -36.52 -33.75 16.96
CA GLU D 143 -37.44 -32.66 16.70
CA GLU D 143 -37.44 -32.67 16.67
C GLU D 143 -36.67 -31.40 16.36
N VAL D 144 -37.23 -30.60 15.46
CA VAL D 144 -36.63 -29.32 15.13
C VAL D 144 -37.58 -28.22 15.59
N ARG D 145 -37.06 -27.26 16.34
CA ARG D 145 -37.82 -26.08 16.74
CA ARG D 145 -37.86 -26.10 16.68
C ARG D 145 -37.17 -24.86 16.12
N GLU D 146 -37.96 -23.84 15.83
CA GLU D 146 -37.38 -22.68 15.10
C GLU D 146 -37.20 -21.54 16.07
N TYR D 147 -36.11 -20.78 15.91
CA TYR D 147 -35.96 -19.55 16.67
C TYR D 147 -35.97 -18.33 15.73
N ALA D 148 -36.46 -17.19 16.22
CA ALA D 148 -36.56 -15.96 15.40
C ALA D 148 -35.19 -15.44 14.99
N TYR D 149 -35.10 -14.80 13.85
CA TYR D 149 -33.78 -14.39 13.37
C TYR D 149 -33.79 -13.09 12.56
N TYR D 150 -34.74 -12.99 11.64
CA TYR D 150 -34.72 -11.98 10.57
C TYR D 150 -35.67 -10.80 10.87
N ASP D 151 -35.13 -9.59 10.88
CA ASP D 151 -35.96 -8.37 10.92
C ASP D 151 -36.26 -7.93 9.47
N ALA D 152 -37.45 -8.24 8.99
CA ALA D 152 -37.84 -7.98 7.60
C ALA D 152 -38.00 -6.49 7.27
N GLU D 153 -38.02 -5.63 8.31
CA GLU D 153 -38.17 -4.20 8.11
CA GLU D 153 -38.15 -4.17 8.13
C GLU D 153 -36.81 -3.50 7.96
N ASN D 154 -35.86 -3.89 8.79
CA ASN D 154 -34.56 -3.27 8.69
C ASN D 154 -33.58 -4.14 7.91
N HIS D 155 -34.05 -5.31 7.46
N HIS D 155 -34.06 -5.30 7.44
CA HIS D 155 -33.22 -6.28 6.74
CA HIS D 155 -33.23 -6.30 6.75
C HIS D 155 -31.99 -6.68 7.54
C HIS D 155 -31.97 -6.60 7.56
N THR D 156 -32.18 -6.86 8.85
CA THR D 156 -31.08 -7.10 9.78
CA THR D 156 -31.10 -7.07 9.82
C THR D 156 -31.38 -8.25 10.73
N LEU D 157 -30.42 -8.58 11.57
CA LEU D 157 -30.64 -9.59 12.62
CA LEU D 157 -30.62 -9.58 12.63
C LEU D 157 -31.52 -9.03 13.74
N ASP D 158 -32.68 -9.66 13.94
CA ASP D 158 -33.60 -9.31 15.02
C ASP D 158 -33.11 -9.96 16.32
N PHE D 159 -32.10 -9.35 16.94
CA PHE D 159 -31.38 -10.00 18.03
C PHE D 159 -32.26 -10.21 19.24
N ASP D 160 -33.11 -9.23 19.52
CA ASP D 160 -34.05 -9.36 20.64
C ASP D 160 -35.01 -10.52 20.42
N ALA D 161 -35.57 -10.64 19.20
CA ALA D 161 -36.48 -11.74 18.92
C ALA D 161 -35.78 -13.09 19.04
N LEU D 162 -34.51 -13.12 18.58
CA LEU D 162 -33.68 -14.32 18.69
C LEU D 162 -33.56 -14.77 20.13
N ILE D 163 -33.02 -13.91 20.98
CA ILE D 163 -32.81 -14.25 22.38
C ILE D 163 -34.12 -14.67 23.06
N ASN D 164 -35.21 -13.99 22.70
CA ASN D 164 -36.52 -14.29 23.27
CA ASN D 164 -36.52 -14.30 23.27
C ASN D 164 -37.02 -15.66 22.81
N SER D 165 -36.84 -15.98 21.54
CA SER D 165 -37.20 -17.29 21.00
CA SER D 165 -37.28 -17.28 21.08
C SER D 165 -36.47 -18.38 21.77
N LEU D 166 -35.18 -18.13 21.98
CA LEU D 166 -34.29 -19.18 22.53
C LEU D 166 -34.44 -19.37 24.02
N ASN D 167 -35.19 -18.49 24.67
CA ASN D 167 -35.47 -18.76 26.08
C ASN D 167 -36.42 -19.94 26.26
N GLU D 168 -37.09 -20.37 25.21
CA GLU D 168 -37.90 -21.57 25.26
CA GLU D 168 -37.90 -21.56 25.33
C GLU D 168 -37.07 -22.84 25.20
N ALA D 169 -35.79 -22.71 24.80
CA ALA D 169 -34.90 -23.87 24.72
C ALA D 169 -34.55 -24.40 26.12
N GLN D 170 -34.67 -25.72 26.32
CA GLN D 170 -34.33 -26.33 27.62
C GLN D 170 -32.82 -26.67 27.69
N ALA D 171 -32.27 -26.78 28.90
CA ALA D 171 -30.89 -27.26 29.02
C ALA D 171 -30.84 -28.64 28.39
N GLY D 172 -29.79 -28.89 27.62
CA GLY D 172 -29.61 -30.15 26.92
C GLY D 172 -30.19 -30.16 25.51
N ASP D 173 -30.82 -29.05 25.08
CA ASP D 173 -31.25 -28.92 23.67
C ASP D 173 -30.01 -28.54 22.86
N VAL D 174 -30.02 -28.87 21.56
CA VAL D 174 -28.99 -28.42 20.62
C VAL D 174 -29.47 -27.11 19.99
N VAL D 175 -28.56 -26.13 19.86
CA VAL D 175 -28.89 -24.93 19.10
C VAL D 175 -27.92 -24.85 17.93
N LEU D 176 -28.47 -24.83 16.72
N LEU D 176 -28.50 -24.77 16.73
CA LEU D 176 -27.63 -24.78 15.51
CA LEU D 176 -27.77 -24.66 15.46
C LEU D 176 -27.40 -23.31 15.11
C LEU D 176 -27.40 -23.22 15.15
N PHE D 177 -26.14 -22.98 14.86
CA PHE D 177 -25.71 -21.66 14.44
C PHE D 177 -25.00 -21.81 13.07
N HIS D 178 -25.33 -20.93 12.12
CA HIS D 178 -24.52 -20.82 10.89
C HIS D 178 -23.25 -20.06 11.22
N GLY D 179 -22.08 -20.62 10.94
CA GLY D 179 -20.86 -19.94 11.33
C GLY D 179 -20.61 -18.55 10.75
N CYS D 180 -20.91 -18.43 9.46
CA CYS D 180 -20.84 -17.17 8.72
C CYS D 180 -21.70 -17.33 7.50
N CYS D 181 -22.01 -16.23 6.80
CA CYS D 181 -22.83 -16.32 5.58
C CYS D 181 -24.11 -17.13 5.81
N HIS D 182 -24.89 -16.68 6.78
CA HIS D 182 -26.18 -17.29 7.06
C HIS D 182 -26.96 -17.55 5.76
N ASN D 183 -27.50 -18.75 5.61
CA ASN D 183 -28.30 -19.11 4.45
C ASN D 183 -29.74 -19.20 4.98
N PRO D 184 -30.68 -18.38 4.47
CA PRO D 184 -30.66 -17.61 3.21
C PRO D 184 -30.36 -16.12 3.28
N THR D 185 -30.17 -15.60 4.47
CA THR D 185 -30.19 -14.14 4.63
C THR D 185 -28.91 -13.34 4.41
N GLY D 186 -27.76 -13.99 4.54
CA GLY D 186 -26.48 -13.28 4.50
C GLY D 186 -26.23 -12.41 5.70
N ILE D 187 -27.10 -12.51 6.69
CA ILE D 187 -26.99 -11.76 7.91
C ILE D 187 -26.35 -12.55 9.03
N ASP D 188 -25.18 -12.13 9.49
CA ASP D 188 -24.46 -12.83 10.58
C ASP D 188 -24.39 -11.99 11.88
N PRO D 189 -24.36 -12.67 13.05
CA PRO D 189 -24.03 -11.93 14.28
C PRO D 189 -22.73 -11.19 14.17
N THR D 190 -22.67 -10.02 14.81
CA THR D 190 -21.38 -9.36 14.98
C THR D 190 -20.56 -10.16 15.99
N LEU D 191 -19.26 -9.90 16.08
CA LEU D 191 -18.45 -10.58 17.11
C LEU D 191 -19.06 -10.34 18.50
N GLU D 192 -19.49 -9.12 18.80
CA GLU D 192 -20.05 -8.87 20.12
C GLU D 192 -21.36 -9.65 20.37
N GLN D 193 -22.17 -9.78 19.33
CA GLN D 193 -23.37 -10.58 19.42
C GLN D 193 -23.04 -12.08 19.56
N TRP D 194 -22.05 -12.56 18.81
CA TRP D 194 -21.56 -13.93 19.03
C TRP D 194 -21.14 -14.15 20.48
N GLN D 195 -20.42 -13.18 21.04
CA GLN D 195 -19.93 -13.30 22.43
C GLN D 195 -21.07 -13.35 23.44
N THR D 196 -22.12 -12.54 23.18
CA THR D 196 -23.34 -12.56 23.98
C THR D 196 -24.06 -13.91 23.92
N LEU D 197 -24.17 -14.44 22.70
CA LEU D 197 -24.77 -15.78 22.50
C LEU D 197 -23.93 -16.88 23.17
N ALA D 198 -22.61 -16.79 23.12
CA ALA D 198 -21.75 -17.80 23.72
C ALA D 198 -21.98 -17.84 25.25
N GLN D 199 -22.09 -16.66 25.85
CA GLN D 199 -22.35 -16.53 27.29
CA GLN D 199 -22.36 -16.55 27.29
C GLN D 199 -23.73 -17.08 27.65
N LEU D 200 -24.74 -16.73 26.86
CA LEU D 200 -26.08 -17.22 27.08
C LEU D 200 -26.15 -18.74 26.95
N SER D 201 -25.46 -19.26 25.93
CA SER D 201 -25.46 -20.71 25.68
C SER D 201 -24.86 -21.49 26.86
N VAL D 202 -23.80 -20.96 27.46
CA VAL D 202 -23.20 -21.59 28.65
C VAL D 202 -24.18 -21.59 29.82
N GLU D 203 -24.80 -20.45 30.07
CA GLU D 203 -25.74 -20.31 31.19
C GLU D 203 -26.98 -21.17 31.07
N LYS D 204 -27.45 -21.36 29.84
CA LYS D 204 -28.70 -22.06 29.58
C LYS D 204 -28.53 -23.57 29.32
N GLY D 205 -27.29 -24.03 29.20
CA GLY D 205 -27.03 -25.44 28.98
C GLY D 205 -27.34 -25.94 27.57
N TRP D 206 -27.17 -25.08 26.57
CA TRP D 206 -27.35 -25.53 25.18
C TRP D 206 -26.09 -26.24 24.68
N LEU D 207 -26.27 -27.24 23.82
CA LEU D 207 -25.13 -27.77 23.09
C LEU D 207 -25.06 -27.04 21.73
N PRO D 208 -24.00 -26.26 21.49
CA PRO D 208 -23.92 -25.58 20.20
C PRO D 208 -23.49 -26.52 19.07
N LEU D 209 -24.20 -26.38 17.96
CA LEU D 209 -23.86 -27.08 16.74
CA LEU D 209 -23.87 -27.09 16.74
C LEU D 209 -23.64 -26.02 15.68
N PHE D 210 -22.41 -25.85 15.26
CA PHE D 210 -22.08 -24.91 14.17
C PHE D 210 -22.15 -25.58 12.81
N ASP D 211 -22.91 -24.97 11.91
CA ASP D 211 -22.93 -25.38 10.53
C ASP D 211 -22.05 -24.34 9.79
N PHE D 212 -20.90 -24.82 9.30
CA PHE D 212 -19.90 -23.91 8.75
CA PHE D 212 -19.90 -23.95 8.73
C PHE D 212 -19.64 -24.30 7.29
N ALA D 213 -20.54 -23.89 6.38
CA ALA D 213 -20.41 -24.26 4.97
C ALA D 213 -19.75 -23.21 4.09
N TYR D 214 -19.46 -22.02 4.61
CA TYR D 214 -19.00 -20.92 3.71
C TYR D 214 -17.80 -20.19 4.29
N GLN D 215 -16.94 -20.91 5.01
CA GLN D 215 -15.77 -20.26 5.60
C GLN D 215 -14.94 -19.59 4.49
N GLY D 216 -14.75 -18.28 4.62
CA GLY D 216 -13.98 -17.55 3.62
C GLY D 216 -14.81 -16.70 2.69
N PHE D 217 -16.13 -16.84 2.73
N PHE D 217 -16.13 -16.87 2.72
CA PHE D 217 -16.96 -16.11 1.76
CA PHE D 217 -17.01 -16.17 1.77
C PHE D 217 -17.55 -14.82 2.34
C PHE D 217 -17.51 -14.82 2.34
N ALA D 218 -17.38 -14.61 3.65
CA ALA D 218 -17.88 -13.36 4.29
C ALA D 218 -16.76 -12.30 4.28
N ARG D 219 -15.77 -12.46 5.17
CA ARG D 219 -14.66 -11.50 5.24
C ARG D 219 -13.29 -12.13 4.99
N GLY D 220 -13.11 -13.36 5.44
CA GLY D 220 -11.83 -14.03 5.21
C GLY D 220 -11.81 -15.30 6.05
N LEU D 221 -10.80 -16.15 5.87
CA LEU D 221 -10.85 -17.42 6.59
C LEU D 221 -10.83 -17.20 8.11
N GLU D 222 -9.88 -16.41 8.63
CA GLU D 222 -9.80 -16.28 10.10
C GLU D 222 -10.97 -15.49 10.68
N GLU D 223 -11.34 -14.40 10.01
CA GLU D 223 -12.45 -13.56 10.47
CA GLU D 223 -12.45 -13.55 10.45
C GLU D 223 -13.76 -14.34 10.49
N ASP D 224 -13.98 -15.18 9.49
CA ASP D 224 -15.25 -15.90 9.40
C ASP D 224 -15.39 -16.94 10.53
N ALA D 225 -14.28 -17.33 11.14
CA ALA D 225 -14.32 -18.29 12.27
C ALA D 225 -14.35 -17.61 13.66
N GLU D 226 -14.34 -16.29 13.72
CA GLU D 226 -14.37 -15.59 15.02
CA GLU D 226 -14.29 -15.66 15.05
C GLU D 226 -15.51 -16.03 15.91
N GLY D 227 -16.68 -16.16 15.30
CA GLY D 227 -17.88 -16.51 16.09
C GLY D 227 -17.75 -17.89 16.73
N LEU D 228 -17.38 -18.86 15.89
CA LEU D 228 -17.10 -20.20 16.38
C LEU D 228 -16.06 -20.21 17.47
N ARG D 229 -14.98 -19.46 17.26
CA ARG D 229 -13.90 -19.43 18.24
C ARG D 229 -14.32 -18.73 19.56
N ALA D 230 -15.20 -17.74 19.47
CA ALA D 230 -15.82 -17.17 20.70
C ALA D 230 -16.61 -18.23 21.47
N PHE D 231 -17.39 -19.03 20.75
CA PHE D 231 -18.07 -20.15 21.41
C PHE D 231 -17.07 -21.18 21.95
N ALA D 232 -16.03 -21.50 21.17
CA ALA D 232 -15.09 -22.55 21.59
C ALA D 232 -14.35 -22.19 22.87
N ALA D 233 -14.11 -20.89 23.08
CA ALA D 233 -13.39 -20.44 24.24
C ALA D 233 -14.21 -20.56 25.50
N MET D 234 -15.54 -20.63 25.35
N MET D 234 -15.53 -20.65 25.38
CA MET D 234 -16.49 -20.58 26.48
CA MET D 234 -16.38 -20.66 26.57
C MET D 234 -17.10 -21.95 26.82
C MET D 234 -16.89 -22.05 26.91
N HIS D 235 -17.02 -22.89 25.89
CA HIS D 235 -17.71 -24.18 26.05
C HIS D 235 -16.79 -25.36 26.25
N LYS D 236 -17.18 -26.28 27.14
CA LYS D 236 -16.50 -27.57 27.20
C LYS D 236 -16.81 -28.42 25.95
N GLU D 237 -18.05 -28.33 25.48
CA GLU D 237 -18.53 -29.24 24.43
C GLU D 237 -19.14 -28.48 23.28
N LEU D 238 -18.87 -28.93 22.06
CA LEU D 238 -19.61 -28.46 20.88
C LEU D 238 -19.37 -29.38 19.68
N ILE D 239 -20.15 -29.17 18.62
CA ILE D 239 -19.96 -29.90 17.40
C ILE D 239 -19.91 -28.89 16.26
N VAL D 240 -18.99 -29.12 15.34
CA VAL D 240 -18.95 -28.34 14.08
C VAL D 240 -19.16 -29.23 12.86
N ALA D 241 -20.11 -28.87 12.01
CA ALA D 241 -20.28 -29.59 10.75
C ALA D 241 -19.81 -28.60 9.69
N SER D 242 -18.64 -28.84 9.09
CA SER D 242 -18.11 -27.92 8.08
C SER D 242 -18.09 -28.53 6.70
N SER D 243 -18.04 -27.66 5.67
CA SER D 243 -18.13 -28.14 4.31
C SER D 243 -17.09 -27.42 3.49
N TYR D 244 -16.48 -28.17 2.60
CA TYR D 244 -15.54 -27.61 1.61
C TYR D 244 -16.16 -27.53 0.20
N SER D 245 -17.49 -27.71 0.11
CA SER D 245 -18.15 -27.71 -1.17
CA SER D 245 -18.19 -27.69 -1.15
C SER D 245 -17.99 -26.38 -1.89
N LYS D 246 -18.25 -25.29 -1.20
CA LYS D 246 -18.22 -23.97 -1.85
C LYS D 246 -16.79 -23.41 -1.89
N ASN D 247 -16.11 -23.45 -0.75
CA ASN D 247 -14.79 -22.74 -0.73
C ASN D 247 -13.64 -23.47 -1.43
N PHE D 248 -13.82 -24.74 -1.83
CA PHE D 248 -12.88 -25.38 -2.76
C PHE D 248 -13.53 -25.68 -4.13
N GLY D 249 -14.79 -25.28 -4.29
CA GLY D 249 -15.51 -25.60 -5.52
C GLY D 249 -15.55 -27.10 -5.75
N LEU D 250 -15.68 -27.87 -4.64
CA LEU D 250 -15.69 -29.33 -4.71
C LEU D 250 -17.05 -30.00 -4.44
N TYR D 251 -18.12 -29.25 -4.70
CA TYR D 251 -19.50 -29.66 -4.50
C TYR D 251 -19.72 -31.17 -4.65
N ASN D 252 -19.47 -31.66 -5.87
CA ASN D 252 -19.91 -33.05 -6.13
C ASN D 252 -18.95 -34.15 -5.60
N GLU D 253 -17.82 -33.77 -4.99
CA GLU D 253 -16.91 -34.78 -4.47
C GLU D 253 -17.24 -35.10 -3.00
N ARG D 254 -18.14 -34.31 -2.41
CA ARG D 254 -18.72 -34.59 -1.06
C ARG D 254 -17.61 -34.52 0.03
N VAL D 255 -17.18 -33.29 0.34
CA VAL D 255 -16.04 -33.07 1.23
C VAL D 255 -16.45 -32.19 2.38
N GLY D 256 -16.57 -32.79 3.56
CA GLY D 256 -16.93 -32.02 4.73
C GLY D 256 -16.28 -32.65 5.94
N ALA D 257 -16.66 -32.17 7.11
CA ALA D 257 -16.09 -32.70 8.33
C ALA D 257 -17.04 -32.54 9.49
N CYS D 258 -17.05 -33.54 10.36
CA CYS D 258 -17.78 -33.44 11.62
C CYS D 258 -16.73 -33.40 12.73
N THR D 259 -16.67 -32.27 13.46
CA THR D 259 -15.67 -32.08 14.52
C THR D 259 -16.39 -32.06 15.87
N LEU D 260 -15.96 -32.98 16.71
CA LEU D 260 -16.51 -33.20 18.04
C LEU D 260 -15.54 -32.61 19.05
N VAL D 261 -16.07 -31.79 19.96
CA VAL D 261 -15.25 -31.16 21.00
C VAL D 261 -15.80 -31.53 22.35
N ALA D 262 -14.94 -31.98 23.26
CA ALA D 262 -15.36 -32.26 24.65
C ALA D 262 -14.38 -31.67 25.66
N ALA D 263 -14.64 -31.87 26.96
CA ALA D 263 -13.90 -31.14 27.99
C ALA D 263 -12.42 -31.52 27.99
N ASP D 264 -12.15 -32.76 27.65
CA ASP D 264 -10.77 -33.23 27.68
C ASP D 264 -10.57 -34.39 26.69
N SER D 265 -9.32 -34.83 26.54
CA SER D 265 -8.96 -35.86 25.59
CA SER D 265 -9.00 -35.85 25.55
CA SER D 265 -8.96 -35.87 25.58
C SER D 265 -9.64 -37.19 25.85
N GLU D 266 -9.70 -37.59 27.13
CA GLU D 266 -10.33 -38.88 27.43
C GLU D 266 -11.80 -38.87 27.02
N THR D 267 -12.49 -37.79 27.35
CA THR D 267 -13.92 -37.70 27.08
C THR D 267 -14.17 -37.59 25.58
N VAL D 268 -13.39 -36.76 24.90
CA VAL D 268 -13.68 -36.64 23.43
C VAL D 268 -13.33 -37.95 22.71
N ASP D 269 -12.26 -38.65 23.09
CA ASP D 269 -11.93 -39.89 22.40
C ASP D 269 -13.03 -40.94 22.62
N ARG D 270 -13.54 -41.04 23.85
CA ARG D 270 -14.56 -41.99 24.17
C ARG D 270 -15.84 -41.68 23.39
N ALA D 271 -16.21 -40.41 23.39
CA ALA D 271 -17.38 -40.02 22.66
C ALA D 271 -17.17 -40.21 21.14
N PHE D 272 -15.97 -39.88 20.64
CA PHE D 272 -15.73 -39.99 19.20
C PHE D 272 -15.81 -41.46 18.78
N SER D 273 -15.56 -42.41 19.70
CA SER D 273 -15.65 -43.83 19.33
CA SER D 273 -15.65 -43.82 19.33
C SER D 273 -17.06 -44.17 18.87
N GLN D 274 -18.05 -43.55 19.50
CA GLN D 274 -19.45 -43.75 19.12
C GLN D 274 -19.84 -42.94 17.86
N MET D 275 -19.20 -41.79 17.66
CA MET D 275 -19.39 -41.06 16.36
C MET D 275 -18.87 -41.95 15.21
N LYS D 276 -17.71 -42.59 15.40
CA LYS D 276 -17.22 -43.50 14.36
CA LYS D 276 -17.19 -43.55 14.42
C LYS D 276 -18.17 -44.68 14.17
N ALA D 277 -18.74 -45.21 15.26
CA ALA D 277 -19.69 -46.28 15.10
C ALA D 277 -20.89 -45.81 14.25
N ALA D 278 -21.30 -44.56 14.44
CA ALA D 278 -22.46 -44.00 13.69
C ALA D 278 -22.11 -43.89 12.21
N ILE D 279 -20.84 -43.60 11.93
CA ILE D 279 -20.38 -43.51 10.53
C ILE D 279 -20.31 -44.91 9.90
N ARG D 280 -19.78 -45.86 10.67
CA ARG D 280 -19.59 -47.25 10.20
C ARG D 280 -20.95 -47.81 9.70
N ALA D 281 -21.99 -47.53 10.46
CA ALA D 281 -23.33 -48.02 10.17
C ALA D 281 -24.06 -47.22 9.11
N ASN D 282 -23.39 -46.21 8.53
CA ASN D 282 -24.03 -45.37 7.51
C ASN D 282 -23.36 -45.63 6.12
N TYR D 283 -22.14 -45.15 5.95
CA TYR D 283 -21.45 -45.30 4.66
C TYR D 283 -20.08 -45.94 4.83
N SER D 284 -19.80 -46.40 6.05
CA SER D 284 -18.62 -47.17 6.45
C SER D 284 -17.35 -46.36 6.59
N ASN D 285 -16.98 -45.61 5.52
CA ASN D 285 -15.79 -44.78 5.57
C ASN D 285 -15.90 -43.83 4.37
N PRO D 286 -15.20 -42.70 4.41
CA PRO D 286 -15.59 -41.61 3.51
C PRO D 286 -14.82 -41.56 2.18
N PRO D 287 -15.37 -40.83 1.19
CA PRO D 287 -14.74 -40.83 -0.16
C PRO D 287 -13.43 -40.05 -0.19
N ALA D 288 -12.38 -40.70 -0.69
CA ALA D 288 -11.04 -40.12 -0.61
C ALA D 288 -10.79 -38.88 -1.51
N HIS D 289 -11.30 -38.94 -2.75
CA HIS D 289 -10.72 -38.05 -3.80
C HIS D 289 -10.84 -36.57 -3.36
N GLY D 290 -12.05 -36.10 -3.03
CA GLY D 290 -12.20 -34.69 -2.70
C GLY D 290 -11.43 -34.26 -1.45
N ALA D 291 -11.52 -35.08 -0.40
CA ALA D 291 -10.81 -34.74 0.80
C ALA D 291 -9.28 -34.82 0.58
N SER D 292 -8.83 -35.78 -0.19
CA SER D 292 -7.39 -35.85 -0.44
CA SER D 292 -7.41 -35.86 -0.55
C SER D 292 -6.94 -34.56 -1.19
N VAL D 293 -7.78 -34.04 -2.09
CA VAL D 293 -7.44 -32.77 -2.78
C VAL D 293 -7.31 -31.67 -1.73
N VAL D 294 -8.33 -31.59 -0.82
CA VAL D 294 -8.27 -30.55 0.23
C VAL D 294 -6.99 -30.72 1.11
N ALA D 295 -6.73 -31.93 1.56
CA ALA D 295 -5.52 -32.14 2.39
C ALA D 295 -4.23 -31.82 1.63
N THR D 296 -4.17 -32.25 0.38
CA THR D 296 -3.00 -31.96 -0.48
C THR D 296 -2.76 -30.42 -0.58
N ILE D 297 -3.83 -29.66 -0.80
CA ILE D 297 -3.74 -28.19 -0.91
C ILE D 297 -3.40 -27.52 0.42
N LEU D 298 -4.12 -27.88 1.48
CA LEU D 298 -3.94 -27.15 2.72
C LEU D 298 -2.58 -27.41 3.34
N SER D 299 -1.98 -28.54 3.02
CA SER D 299 -0.73 -28.92 3.66
C SER D 299 0.49 -28.56 2.83
N ASN D 300 0.27 -27.88 1.72
CA ASN D 300 1.37 -27.52 0.80
C ASN D 300 1.41 -26.00 0.64
N ASP D 301 2.53 -25.37 0.95
CA ASP D 301 2.55 -23.90 1.00
C ASP D 301 2.15 -23.31 -0.35
N ALA D 302 2.70 -23.87 -1.43
CA ALA D 302 2.45 -23.35 -2.80
C ALA D 302 0.94 -23.48 -3.19
N LEU D 303 0.43 -24.71 -3.10
CA LEU D 303 -0.97 -24.91 -3.43
C LEU D 303 -1.90 -24.10 -2.54
N ARG D 304 -1.63 -24.06 -1.23
N ARG D 304 -1.61 -24.04 -1.24
CA ARG D 304 -2.50 -23.33 -0.29
CA ARG D 304 -2.00 -21.50 5.36
CA ARG D 304 -2.49 -23.34 -0.30
C ARG D 304 -2.58 -21.86 -0.69
C ARG D 304 -2.56 -21.86 -0.65
N ALA D 305 -1.45 -21.30 -1.12
CA ALA D 305 -1.42 -19.89 -1.52
C ALA D 305 -2.27 -19.66 -2.77
N ILE D 306 -2.19 -20.56 -3.76
CA ILE D 306 -3.00 -20.42 -4.96
C ILE D 306 -4.50 -20.52 -4.60
N TRP D 307 -4.81 -21.52 -3.76
CA TRP D 307 -6.22 -21.72 -3.32
C TRP D 307 -6.75 -20.52 -2.53
N GLU D 308 -5.99 -20.04 -1.55
CA GLU D 308 -6.46 -18.90 -0.77
C GLU D 308 -6.76 -17.71 -1.67
N GLN D 309 -5.93 -17.49 -2.67
CA GLN D 309 -6.22 -16.38 -3.59
C GLN D 309 -7.45 -16.65 -4.45
N GLU D 310 -7.66 -17.91 -4.87
CA GLU D 310 -8.89 -18.19 -5.65
CA GLU D 310 -8.87 -18.26 -5.61
C GLU D 310 -10.11 -17.99 -4.78
N LEU D 311 -9.99 -18.31 -3.49
CA LEU D 311 -11.13 -18.12 -2.59
C LEU D 311 -11.38 -16.63 -2.37
N THR D 312 -10.31 -15.89 -2.20
CA THR D 312 -10.42 -14.43 -2.15
C THR D 312 -11.06 -13.81 -3.42
N ASP D 313 -10.66 -14.30 -4.59
CA ASP D 313 -11.27 -13.85 -5.87
C ASP D 313 -12.80 -14.11 -5.83
N MET D 314 -13.22 -15.27 -5.30
CA MET D 314 -14.66 -15.53 -5.24
C MET D 314 -15.34 -14.54 -4.27
N ARG D 315 -14.77 -14.48 -3.09
CA ARG D 315 -15.36 -13.50 -2.05
CA ARG D 315 -15.24 -13.51 -2.12
C ARG D 315 -15.48 -11.98 -2.57
N GLN D 316 -14.41 -11.65 -3.29
CA GLN D 316 -14.39 -10.29 -3.84
C GLN D 316 -15.36 -10.11 -5.01
N ARG D 317 -15.52 -11.13 -5.88
CA ARG D 317 -16.46 -10.99 -6.97
C ARG D 317 -17.90 -10.90 -6.46
N ILE D 318 -18.22 -11.66 -5.41
CA ILE D 318 -19.55 -11.59 -4.79
C ILE D 318 -19.80 -10.17 -4.26
N GLN D 319 -18.81 -9.62 -3.58
CA GLN D 319 -18.92 -8.26 -3.05
C GLN D 319 -19.09 -7.21 -4.15
N ARG D 320 -18.38 -7.36 -5.26
CA ARG D 320 -18.55 -6.46 -6.41
C ARG D 320 -19.96 -6.57 -6.96
N MET D 321 -20.49 -7.80 -7.00
CA MET D 321 -21.86 -7.95 -7.50
C MET D 321 -22.91 -7.34 -6.54
N ARG D 322 -22.67 -7.43 -5.22
CA ARG D 322 -23.58 -6.81 -4.26
C ARG D 322 -23.66 -5.29 -4.54
N GLN D 323 -22.50 -4.68 -4.67
CA GLN D 323 -22.38 -3.23 -4.95
C GLN D 323 -23.03 -2.90 -6.27
N LEU D 324 -22.74 -3.69 -7.32
CA LEU D 324 -23.24 -3.37 -8.65
C LEU D 324 -24.76 -3.57 -8.70
N PHE D 325 -25.27 -4.54 -7.94
CA PHE D 325 -26.70 -4.79 -7.88
C PHE D 325 -27.42 -3.57 -7.27
N VAL D 326 -26.94 -3.10 -6.13
CA VAL D 326 -27.55 -1.92 -5.45
C VAL D 326 -27.47 -0.66 -6.35
N ASN D 327 -26.29 -0.41 -6.91
CA ASN D 327 -26.12 0.74 -7.83
C ASN D 327 -27.04 0.67 -9.03
N THR D 328 -27.16 -0.52 -9.62
CA THR D 328 -27.92 -0.64 -10.86
C THR D 328 -29.44 -0.57 -10.60
N LEU D 329 -29.87 -1.09 -9.46
CA LEU D 329 -31.29 -0.95 -9.10
C LEU D 329 -31.64 0.55 -8.95
N GLN D 330 -30.74 1.32 -8.34
CA GLN D 330 -30.98 2.75 -8.15
C GLN D 330 -31.00 3.47 -9.49
N GLU D 331 -30.10 3.05 -10.39
N GLU D 331 -30.05 3.09 -10.36
CA GLU D 331 -30.01 3.56 -11.77
CA GLU D 331 -30.01 3.59 -11.74
C GLU D 331 -31.15 3.12 -12.70
C GLU D 331 -31.31 3.28 -12.49
N LYS D 332 -31.86 2.08 -12.31
CA LYS D 332 -33.00 1.66 -13.13
C LYS D 332 -34.33 2.11 -12.53
N GLY D 333 -34.27 2.93 -11.49
CA GLY D 333 -35.44 3.56 -10.90
C GLY D 333 -36.20 2.70 -9.88
N ALA D 334 -35.49 1.99 -9.01
CA ALA D 334 -36.15 1.21 -7.95
C ALA D 334 -36.67 2.10 -6.84
N ASN D 335 -35.87 3.11 -6.50
CA ASN D 335 -36.33 4.11 -5.54
C ASN D 335 -36.71 3.52 -4.17
N ARG D 336 -35.88 2.63 -3.60
CA ARG D 336 -36.29 1.89 -2.38
C ARG D 336 -35.21 1.52 -1.34
N ASP D 337 -33.98 1.96 -1.49
CA ASP D 337 -32.93 1.55 -0.55
C ASP D 337 -32.76 0.02 -0.51
N PHE D 338 -31.77 -0.42 -1.24
CA PHE D 338 -31.33 -1.80 -1.22
C PHE D 338 -29.95 -1.86 -0.60
N SER D 339 -29.53 -0.79 0.08
CA SER D 339 -28.19 -0.70 0.65
CA SER D 339 -28.19 -0.71 0.64
C SER D 339 -27.87 -1.85 1.62
N PHE D 340 -28.89 -2.46 2.20
CA PHE D 340 -28.70 -3.61 3.09
C PHE D 340 -27.97 -4.74 2.38
N ILE D 341 -28.07 -4.78 1.05
CA ILE D 341 -27.41 -5.82 0.26
C ILE D 341 -25.88 -5.76 0.43
N ILE D 342 -25.33 -4.55 0.58
CA ILE D 342 -23.87 -4.36 0.65
CA ILE D 342 -23.88 -4.39 0.63
C ILE D 342 -23.32 -4.96 1.93
N LYS D 343 -24.13 -4.93 2.98
CA LYS D 343 -23.67 -5.34 4.30
CA LYS D 343 -23.70 -5.33 4.31
C LYS D 343 -23.84 -6.85 4.53
N GLN D 344 -24.64 -7.51 3.70
CA GLN D 344 -24.86 -8.92 3.92
C GLN D 344 -23.70 -9.75 3.37
N ASN D 345 -23.58 -10.98 3.87
CA ASN D 345 -22.38 -11.81 3.68
C ASN D 345 -22.64 -13.11 2.90
N GLY D 346 -21.86 -13.36 1.86
CA GLY D 346 -21.93 -14.65 1.19
C GLY D 346 -22.69 -14.56 -0.10
N MET D 347 -23.14 -15.72 -0.60
CA MET D 347 -23.76 -15.74 -1.92
C MET D 347 -25.19 -15.26 -1.91
N PHE D 348 -25.81 -15.39 -0.75
CA PHE D 348 -27.28 -15.20 -0.67
C PHE D 348 -27.76 -13.99 0.09
N SER D 349 -28.88 -13.42 -0.39
CA SER D 349 -29.61 -12.38 0.33
C SER D 349 -31.08 -12.56 0.03
N PHE D 350 -31.94 -12.27 1.01
CA PHE D 350 -33.34 -11.99 0.70
C PHE D 350 -33.41 -10.64 -0.05
N SER D 351 -33.99 -10.66 -1.24
CA SER D 351 -34.20 -9.46 -2.03
C SER D 351 -35.27 -8.58 -1.40
N GLY D 352 -36.15 -9.18 -0.60
CA GLY D 352 -37.32 -8.45 -0.10
C GLY D 352 -38.57 -8.58 -0.97
N LEU D 353 -38.44 -9.28 -2.08
CA LEU D 353 -39.55 -9.59 -2.99
C LEU D 353 -40.50 -10.64 -2.40
N THR D 354 -41.79 -10.50 -2.67
CA THR D 354 -42.74 -11.47 -2.14
C THR D 354 -42.75 -12.71 -3.01
N LYS D 355 -43.39 -13.76 -2.54
CA LYS D 355 -43.53 -15.00 -3.32
C LYS D 355 -44.25 -14.70 -4.63
N GLU D 356 -45.21 -13.78 -4.65
CA GLU D 356 -45.87 -13.46 -5.92
C GLU D 356 -45.00 -12.63 -6.88
N GLN D 357 -44.23 -11.69 -6.34
CA GLN D 357 -43.28 -10.96 -7.18
C GLN D 357 -42.29 -11.92 -7.80
N VAL D 358 -41.87 -12.92 -7.03
CA VAL D 358 -40.89 -13.89 -7.53
C VAL D 358 -41.55 -14.70 -8.66
N LEU D 359 -42.79 -15.13 -8.46
CA LEU D 359 -43.51 -15.85 -9.52
C LEU D 359 -43.65 -14.94 -10.77
N ARG D 360 -43.96 -13.67 -10.59
CA ARG D 360 -44.08 -12.74 -11.70
CA ARG D 360 -44.09 -12.77 -11.71
C ARG D 360 -42.73 -12.58 -12.42
N LEU D 361 -41.65 -12.53 -11.64
N LEU D 361 -41.65 -12.49 -11.64
CA LEU D 361 -40.29 -12.42 -12.24
CA LEU D 361 -40.30 -12.41 -12.21
C LEU D 361 -39.95 -13.57 -13.14
C LEU D 361 -40.03 -13.55 -13.16
N ARG D 362 -40.32 -14.77 -12.71
CA ARG D 362 -40.09 -15.97 -13.50
CA ARG D 362 -40.10 -15.97 -13.49
C ARG D 362 -40.98 -15.97 -14.74
N GLU D 363 -42.27 -15.70 -14.56
CA GLU D 363 -43.22 -15.85 -15.66
C GLU D 363 -43.11 -14.78 -16.74
N GLU D 364 -42.97 -13.52 -16.36
CA GLU D 364 -42.98 -12.41 -17.32
CA GLU D 364 -42.97 -12.48 -17.37
C GLU D 364 -41.57 -12.06 -17.80
N PHE D 365 -40.58 -12.36 -16.96
CA PHE D 365 -39.24 -11.89 -17.29
C PHE D 365 -38.17 -12.96 -17.37
N GLY D 366 -38.50 -14.20 -17.03
CA GLY D 366 -37.53 -15.27 -17.11
C GLY D 366 -36.36 -15.10 -16.14
N VAL D 367 -36.62 -14.35 -15.06
CA VAL D 367 -35.65 -14.21 -13.97
C VAL D 367 -36.09 -15.11 -12.83
N TYR D 368 -35.23 -16.03 -12.44
CA TYR D 368 -35.55 -17.08 -11.48
C TYR D 368 -34.92 -16.86 -10.09
N ALA D 369 -35.76 -16.73 -9.06
CA ALA D 369 -35.26 -16.78 -7.67
C ALA D 369 -36.06 -17.81 -6.91
N VAL D 370 -35.70 -18.09 -5.67
CA VAL D 370 -36.45 -18.96 -4.79
CA VAL D 370 -36.55 -19.02 -4.92
C VAL D 370 -37.71 -18.24 -4.31
N ALA D 371 -38.81 -18.94 -4.01
CA ALA D 371 -40.07 -18.30 -3.55
C ALA D 371 -39.93 -17.37 -2.34
N SER D 372 -38.94 -17.60 -1.49
CA SER D 372 -38.66 -16.75 -0.34
C SER D 372 -38.11 -15.37 -0.72
N GLY D 373 -37.74 -15.20 -1.99
CA GLY D 373 -37.08 -13.99 -2.42
C GLY D 373 -35.57 -14.10 -2.31
N ARG D 374 -35.06 -15.26 -1.88
CA ARG D 374 -33.59 -15.38 -1.86
C ARG D 374 -33.01 -15.34 -3.27
N VAL D 375 -31.95 -14.56 -3.44
CA VAL D 375 -31.20 -14.52 -4.69
C VAL D 375 -29.74 -14.88 -4.42
N ASN D 376 -29.16 -15.56 -5.40
CA ASN D 376 -27.71 -15.83 -5.39
C ASN D 376 -26.98 -14.75 -6.15
N VAL D 377 -26.33 -13.85 -5.42
CA VAL D 377 -25.58 -12.78 -6.02
CA VAL D 377 -25.66 -12.78 -6.13
C VAL D 377 -24.48 -13.29 -6.98
N ALA D 378 -23.99 -14.51 -6.76
CA ALA D 378 -23.00 -15.03 -7.76
C ALA D 378 -23.61 -15.47 -9.09
N GLY D 379 -24.93 -15.47 -9.21
CA GLY D 379 -25.57 -15.66 -10.49
C GLY D 379 -25.60 -14.36 -11.27
N MET D 380 -25.15 -13.28 -10.62
CA MET D 380 -25.12 -11.96 -11.26
C MET D 380 -23.77 -11.70 -11.90
N THR D 381 -23.79 -11.04 -13.05
CA THR D 381 -22.57 -10.65 -13.75
C THR D 381 -22.73 -9.22 -14.27
N PRO D 382 -21.61 -8.57 -14.60
CA PRO D 382 -21.75 -7.24 -15.21
C PRO D 382 -22.67 -7.27 -16.43
N ASP D 383 -22.66 -8.36 -17.19
CA ASP D 383 -23.46 -8.43 -18.42
C ASP D 383 -24.95 -8.67 -18.16
N ASN D 384 -25.31 -9.46 -17.14
CA ASN D 384 -26.75 -9.67 -16.96
C ASN D 384 -27.39 -8.75 -15.94
N MET D 385 -26.59 -7.86 -15.34
CA MET D 385 -27.10 -7.02 -14.26
C MET D 385 -28.21 -6.05 -14.72
N ALA D 386 -28.03 -5.42 -15.88
CA ALA D 386 -29.03 -4.45 -16.33
C ALA D 386 -30.40 -5.11 -16.60
N PRO D 387 -30.46 -6.20 -17.39
CA PRO D 387 -31.79 -6.79 -17.56
C PRO D 387 -32.39 -7.33 -16.26
N LEU D 388 -31.55 -7.92 -15.42
CA LEU D 388 -31.99 -8.43 -14.13
CA LEU D 388 -31.94 -8.41 -14.12
C LEU D 388 -32.66 -7.30 -13.35
N CYS D 389 -31.99 -6.17 -13.25
CA CYS D 389 -32.48 -5.09 -12.46
C CYS D 389 -33.69 -4.43 -13.10
N GLU D 390 -33.72 -4.35 -14.43
CA GLU D 390 -34.92 -3.81 -15.10
C GLU D 390 -36.16 -4.64 -14.77
N ALA D 391 -35.99 -5.96 -14.79
CA ALA D 391 -37.10 -6.86 -14.46
C ALA D 391 -37.56 -6.69 -13.01
N ILE D 392 -36.62 -6.64 -12.07
CA ILE D 392 -36.98 -6.44 -10.68
C ILE D 392 -37.74 -5.12 -10.49
N VAL D 393 -37.22 -4.04 -11.03
CA VAL D 393 -37.92 -2.75 -10.91
C VAL D 393 -39.34 -2.81 -11.45
N ALA D 394 -39.54 -3.60 -12.50
CA ALA D 394 -40.85 -3.72 -13.12
C ALA D 394 -41.89 -4.41 -12.23
N VAL D 395 -41.43 -5.27 -11.31
CA VAL D 395 -42.38 -5.94 -10.44
C VAL D 395 -42.49 -5.33 -9.05
N LEU D 396 -41.73 -4.27 -8.75
CA LEU D 396 -41.84 -3.62 -7.43
C LEU D 396 -43.21 -2.95 -7.24
N1 PMP E . 13.80 -7.04 -26.13
C2 PMP E . 12.75 -7.54 -26.87
C2A PMP E . 12.98 -8.65 -27.83
C3 PMP E . 11.46 -7.08 -26.66
O3 PMP E . 10.47 -7.68 -27.37
C4 PMP E . 11.25 -6.06 -25.74
C4A PMP E . 9.83 -5.58 -25.43
N4A PMP E . 9.43 -6.34 -24.24
C5 PMP E . 12.35 -5.54 -25.04
C6 PMP E . 13.60 -6.10 -25.21
C5A PMP E . 12.22 -4.38 -24.09
O4P PMP E . 11.75 -4.84 -22.82
P PMP E . 11.59 -3.76 -21.67
O1P PMP E . 11.64 -4.53 -20.35
O2P PMP E . 10.25 -3.08 -21.82
O3P PMP E . 12.71 -2.73 -21.69
N1 PMP F . 24.08 15.96 -9.31
C2 PMP F . 24.51 16.38 -8.08
C2A PMP F . 25.23 17.70 -7.99
C3 PMP F . 24.38 15.56 -6.96
O3 PMP F . 24.92 16.00 -5.80
C4 PMP F . 23.72 14.35 -7.09
C4A PMP F . 23.51 13.45 -5.86
N4A PMP F . 22.16 13.65 -5.37
C5 PMP F . 23.25 13.98 -8.36
C6 PMP F . 23.36 14.84 -9.45
C5A PMP F . 22.58 12.66 -8.61
O4P PMP F . 21.26 12.60 -8.06
P PMP F . 20.41 11.24 -8.34
O1P PMP F . 18.95 11.68 -8.34
O2P PMP F . 20.63 10.34 -7.16
O3P PMP F . 20.80 10.62 -9.64
N1 PMP G . -12.75 16.98 30.17
C2 PMP G . -11.86 15.92 30.30
C2A PMP G . -12.40 14.52 30.34
C3 PMP G . -10.49 16.16 30.36
O3 PMP G . -9.64 15.13 30.46
C4 PMP G . -10.03 17.46 30.32
C4A PMP G . -8.52 17.73 30.34
N4A PMP G . -8.13 17.86 28.92
C5 PMP G . -10.95 18.51 30.25
C6 PMP G . -12.33 18.26 30.14
C5A PMP G . -10.48 19.94 30.30
O4P PMP G . -9.98 20.34 29.00
P PMP G . -9.53 21.87 28.90
O1P PMP G . -10.41 22.77 29.72
O2P PMP G . -9.63 22.24 27.42
O3P PMP G . -8.09 21.98 29.30
N1 PMP H . -25.34 -26.25 5.48
C2 PMP H . -25.78 -25.08 4.89
C2A PMP H . -26.18 -23.87 5.71
C3 PMP H . -25.69 -24.97 3.51
O3 PMP H . -25.99 -23.78 2.92
C4 PMP H . -25.30 -26.07 2.75
C4A PMP H . -25.21 -25.90 1.24
N4A PMP H . -23.80 -25.77 0.94
C5 PMP H . -24.99 -27.27 3.40
C6 PMP H . -25.06 -27.36 4.79
C5A PMP H . -24.62 -28.52 2.64
O4P PMP H . -23.28 -28.47 2.09
P PMP H . -22.81 -29.78 1.33
O1P PMP H . -23.45 -31.05 1.87
O2P PMP H . -21.29 -29.79 1.53
O3P PMP H . -23.21 -29.61 -0.12
#